data_6L8G
# 
_entry.id   6L8G 
# 
_audit_conform.dict_name       mmcif_pdbx.dic 
_audit_conform.dict_version    5.387 
_audit_conform.dict_location   http://mmcif.pdb.org/dictionaries/ascii/mmcif_pdbx.dic 
# 
loop_
_database_2.database_id 
_database_2.database_code 
_database_2.pdbx_database_accession 
_database_2.pdbx_DOI 
PDB   6L8G         pdb_00006l8g 10.2210/pdb6l8g/pdb 
WWPDB D_1300013590 ?            ?                   
# 
loop_
_pdbx_audit_revision_history.ordinal 
_pdbx_audit_revision_history.data_content_type 
_pdbx_audit_revision_history.major_revision 
_pdbx_audit_revision_history.minor_revision 
_pdbx_audit_revision_history.revision_date 
1 'Structure model' 1 0 2020-11-11 
2 'Structure model' 1 1 2024-03-27 
# 
_pdbx_audit_revision_details.ordinal             1 
_pdbx_audit_revision_details.revision_ordinal    1 
_pdbx_audit_revision_details.data_content_type   'Structure model' 
_pdbx_audit_revision_details.provider            repository 
_pdbx_audit_revision_details.type                'Initial release' 
_pdbx_audit_revision_details.description         ? 
_pdbx_audit_revision_details.details             ? 
# 
loop_
_pdbx_audit_revision_group.ordinal 
_pdbx_audit_revision_group.revision_ordinal 
_pdbx_audit_revision_group.data_content_type 
_pdbx_audit_revision_group.group 
1 2 'Structure model' 'Data collection'     
2 2 'Structure model' 'Database references' 
# 
loop_
_pdbx_audit_revision_category.ordinal 
_pdbx_audit_revision_category.revision_ordinal 
_pdbx_audit_revision_category.data_content_type 
_pdbx_audit_revision_category.category 
1 2 'Structure model' chem_comp_atom 
2 2 'Structure model' chem_comp_bond 
3 2 'Structure model' database_2     
# 
loop_
_pdbx_audit_revision_item.ordinal 
_pdbx_audit_revision_item.revision_ordinal 
_pdbx_audit_revision_item.data_content_type 
_pdbx_audit_revision_item.item 
1 2 'Structure model' '_database_2.pdbx_DOI'                
2 2 'Structure model' '_database_2.pdbx_database_accession' 
# 
_pdbx_database_status.status_code                     REL 
_pdbx_database_status.status_code_sf                  REL 
_pdbx_database_status.status_code_mr                  ? 
_pdbx_database_status.entry_id                        6L8G 
_pdbx_database_status.recvd_initial_deposition_date   2019-11-06 
_pdbx_database_status.SG_entry                        N 
_pdbx_database_status.deposit_site                    PDBJ 
_pdbx_database_status.process_site                    PDBJ 
_pdbx_database_status.status_code_cs                  ? 
_pdbx_database_status.methods_development_category    ? 
_pdbx_database_status.pdb_format_compatible           Y 
_pdbx_database_status.status_code_nmr_data            ? 
# 
loop_
_audit_author.name 
_audit_author.pdbx_ordinal 
_audit_author.identifier_ORCID 
'Yue, J.' 1 0000-0002-0815-0092 
'Xue, L.' 2 0000-0003-1900-0839 
# 
_citation.abstract                  ? 
_citation.abstract_id_CAS           ? 
_citation.book_id_ISBN              ? 
_citation.book_publisher            ? 
_citation.book_publisher_city       ? 
_citation.book_title                ? 
_citation.coordinate_linkage        ? 
_citation.country                   ? 
_citation.database_id_Medline       ? 
_citation.details                   ? 
_citation.id                        primary 
_citation.journal_abbrev            'To Be Published' 
_citation.journal_id_ASTM           ? 
_citation.journal_id_CSD            0353 
_citation.journal_id_ISSN           ? 
_citation.journal_full              ? 
_citation.journal_issue             ? 
_citation.journal_volume            ? 
_citation.language                  ? 
_citation.page_first                ? 
_citation.page_last                 ? 
_citation.title                     
'Structural insight into the mechanism of conditional cooperativity in the YoeB-YefM toxin-antitoxin system' 
_citation.year                      ? 
_citation.database_id_CSD           ? 
_citation.pdbx_database_id_DOI      ? 
_citation.pdbx_database_id_PubMed   ? 
_citation.unpublished_flag          ? 
# 
loop_
_citation_author.citation_id 
_citation_author.name 
_citation_author.ordinal 
_citation_author.identifier_ORCID 
primary 'Xue, L.' 1 0000-0003-1900-0839 
primary 'Yue, J.' 2 0000-0002-0815-0092 
# 
loop_
_entity.id 
_entity.type 
_entity.src_method 
_entity.pdbx_description 
_entity.formula_weight 
_entity.pdbx_number_of_molecules 
_entity.pdbx_ec 
_entity.pdbx_mutation 
_entity.pdbx_fragment 
_entity.details 
1 polymer man Antitoxin 4306.786  1   ? ? C-terminus ? 
2 polymer man YoeB      10457.985 1   ? ? ?          ? 
3 water   nat water     18.015    177 ? ? ?          ? 
# 
loop_
_entity_poly.entity_id 
_entity_poly.type 
_entity_poly.nstd_linkage 
_entity_poly.nstd_monomer 
_entity_poly.pdbx_seq_one_letter_code 
_entity_poly.pdbx_seq_one_letter_code_can 
_entity_poly.pdbx_strand_id 
_entity_poly.pdbx_target_identifier 
1 'polypeptide(L)' no no NSMMETLYLQQNPNNAEHLAQSIADLERGKTITKDIDV                                                      
NSMMETLYLQQNPNNAEHLAQSIADLERGKTITKDIDV                                                      A ? 
2 'polypeptide(L)' no no 
;MARLNITFSPQAFEDYKYFQQNDKKMVKKINELLKSIDRNGALEGIGKPEKLKSNLTGYYSRRINHEHRLVYTVDDNHIK
IASCKYHY
;
;MARLNITFSPQAFEDYKYFQQNDKKMVKKINELLKSIDRNGALEGIGKPEKLKSNLTGYYSRRINHEHRLVYTVDDNHIK
IASCKYHY
;
B ? 
# 
_pdbx_entity_nonpoly.entity_id   3 
_pdbx_entity_nonpoly.name        water 
_pdbx_entity_nonpoly.comp_id     HOH 
# 
loop_
_entity_poly_seq.entity_id 
_entity_poly_seq.num 
_entity_poly_seq.mon_id 
_entity_poly_seq.hetero 
1 1  ASN n 
1 2  SER n 
1 3  MET n 
1 4  MET n 
1 5  GLU n 
1 6  THR n 
1 7  LEU n 
1 8  TYR n 
1 9  LEU n 
1 10 GLN n 
1 11 GLN n 
1 12 ASN n 
1 13 PRO n 
1 14 ASN n 
1 15 ASN n 
1 16 ALA n 
1 17 GLU n 
1 18 HIS n 
1 19 LEU n 
1 20 ALA n 
1 21 GLN n 
1 22 SER n 
1 23 ILE n 
1 24 ALA n 
1 25 ASP n 
1 26 LEU n 
1 27 GLU n 
1 28 ARG n 
1 29 GLY n 
1 30 LYS n 
1 31 THR n 
1 32 ILE n 
1 33 THR n 
1 34 LYS n 
1 35 ASP n 
1 36 ILE n 
1 37 ASP n 
1 38 VAL n 
2 1  MET n 
2 2  ALA n 
2 3  ARG n 
2 4  LEU n 
2 5  ASN n 
2 6  ILE n 
2 7  THR n 
2 8  PHE n 
2 9  SER n 
2 10 PRO n 
2 11 GLN n 
2 12 ALA n 
2 13 PHE n 
2 14 GLU n 
2 15 ASP n 
2 16 TYR n 
2 17 LYS n 
2 18 TYR n 
2 19 PHE n 
2 20 GLN n 
2 21 GLN n 
2 22 ASN n 
2 23 ASP n 
2 24 LYS n 
2 25 LYS n 
2 26 MET n 
2 27 VAL n 
2 28 LYS n 
2 29 LYS n 
2 30 ILE n 
2 31 ASN n 
2 32 GLU n 
2 33 LEU n 
2 34 LEU n 
2 35 LYS n 
2 36 SER n 
2 37 ILE n 
2 38 ASP n 
2 39 ARG n 
2 40 ASN n 
2 41 GLY n 
2 42 ALA n 
2 43 LEU n 
2 44 GLU n 
2 45 GLY n 
2 46 ILE n 
2 47 GLY n 
2 48 LYS n 
2 49 PRO n 
2 50 GLU n 
2 51 LYS n 
2 52 LEU n 
2 53 LYS n 
2 54 SER n 
2 55 ASN n 
2 56 LEU n 
2 57 THR n 
2 58 GLY n 
2 59 TYR n 
2 60 TYR n 
2 61 SER n 
2 62 ARG n 
2 63 ARG n 
2 64 ILE n 
2 65 ASN n 
2 66 HIS n 
2 67 GLU n 
2 68 HIS n 
2 69 ARG n 
2 70 LEU n 
2 71 VAL n 
2 72 TYR n 
2 73 THR n 
2 74 VAL n 
2 75 ASP n 
2 76 ASP n 
2 77 ASN n 
2 78 HIS n 
2 79 ILE n 
2 80 LYS n 
2 81 ILE n 
2 82 ALA n 
2 83 SER n 
2 84 CYS n 
2 85 LYS n 
2 86 TYR n 
2 87 HIS n 
2 88 TYR n 
# 
loop_
_entity_src_gen.entity_id 
_entity_src_gen.pdbx_src_id 
_entity_src_gen.pdbx_alt_source_flag 
_entity_src_gen.pdbx_seq_type 
_entity_src_gen.pdbx_beg_seq_num 
_entity_src_gen.pdbx_end_seq_num 
_entity_src_gen.gene_src_common_name 
_entity_src_gen.gene_src_genus 
_entity_src_gen.pdbx_gene_src_gene 
_entity_src_gen.gene_src_species 
_entity_src_gen.gene_src_strain 
_entity_src_gen.gene_src_tissue 
_entity_src_gen.gene_src_tissue_fraction 
_entity_src_gen.gene_src_details 
_entity_src_gen.pdbx_gene_src_fragment 
_entity_src_gen.pdbx_gene_src_scientific_name 
_entity_src_gen.pdbx_gene_src_ncbi_taxonomy_id 
_entity_src_gen.pdbx_gene_src_variant 
_entity_src_gen.pdbx_gene_src_cell_line 
_entity_src_gen.pdbx_gene_src_atcc 
_entity_src_gen.pdbx_gene_src_organ 
_entity_src_gen.pdbx_gene_src_organelle 
_entity_src_gen.pdbx_gene_src_cell 
_entity_src_gen.pdbx_gene_src_cellular_location 
_entity_src_gen.host_org_common_name 
_entity_src_gen.pdbx_host_org_scientific_name 
_entity_src_gen.pdbx_host_org_ncbi_taxonomy_id 
_entity_src_gen.host_org_genus 
_entity_src_gen.pdbx_host_org_gene 
_entity_src_gen.pdbx_host_org_organ 
_entity_src_gen.host_org_species 
_entity_src_gen.pdbx_host_org_tissue 
_entity_src_gen.pdbx_host_org_tissue_fraction 
_entity_src_gen.pdbx_host_org_strain 
_entity_src_gen.pdbx_host_org_variant 
_entity_src_gen.pdbx_host_org_cell_line 
_entity_src_gen.pdbx_host_org_atcc 
_entity_src_gen.pdbx_host_org_culture_collection 
_entity_src_gen.pdbx_host_org_cell 
_entity_src_gen.pdbx_host_org_organelle 
_entity_src_gen.pdbx_host_org_cellular_location 
_entity_src_gen.pdbx_host_org_vector_type 
_entity_src_gen.pdbx_host_org_vector 
_entity_src_gen.host_org_details 
_entity_src_gen.expression_system_id 
_entity_src_gen.plasmid_name 
_entity_src_gen.plasmid_details 
_entity_src_gen.pdbx_description 
1 1 sample 'Biological sequence' 1 38 ? ? SAOUHSC_02692 ? 'NCTC 8325' ? ? ? ? 'Staphylococcus aureus (strain NCTC 8325)' 93061 ? ? 
? ? ? ? ? ? 'Escherichia coli BL21(DE3)' 469008 ? ? ? ? ? ? 'BL21(DE3)' ? ? ? ? ? ? ? ? ? ? ? ? ? ? 
2 1 sample 'Biological sequence' 1 88 ? ? SAOUHSC_02691 ? 'NCTC 8325' ? ? ? ? 'Staphylococcus aureus (strain NCTC 8325)' 93061 ? ? 
? ? ? ? ? ? 'Escherichia coli BL21(DE3)' 469008 ? ? ? ? ? ? 'BL21(DE3)' ? ? ? ? ? ? ? ? ? ? ? ? ? ? 
# 
loop_
_chem_comp.id 
_chem_comp.type 
_chem_comp.mon_nstd_flag 
_chem_comp.name 
_chem_comp.pdbx_synonyms 
_chem_comp.formula 
_chem_comp.formula_weight 
ALA 'L-peptide linking' y ALANINE         ? 'C3 H7 N O2'     89.093  
ARG 'L-peptide linking' y ARGININE        ? 'C6 H15 N4 O2 1' 175.209 
ASN 'L-peptide linking' y ASPARAGINE      ? 'C4 H8 N2 O3'    132.118 
ASP 'L-peptide linking' y 'ASPARTIC ACID' ? 'C4 H7 N O4'     133.103 
CYS 'L-peptide linking' y CYSTEINE        ? 'C3 H7 N O2 S'   121.158 
GLN 'L-peptide linking' y GLUTAMINE       ? 'C5 H10 N2 O3'   146.144 
GLU 'L-peptide linking' y 'GLUTAMIC ACID' ? 'C5 H9 N O4'     147.129 
GLY 'peptide linking'   y GLYCINE         ? 'C2 H5 N O2'     75.067  
HIS 'L-peptide linking' y HISTIDINE       ? 'C6 H10 N3 O2 1' 156.162 
HOH non-polymer         . WATER           ? 'H2 O'           18.015  
ILE 'L-peptide linking' y ISOLEUCINE      ? 'C6 H13 N O2'    131.173 
LEU 'L-peptide linking' y LEUCINE         ? 'C6 H13 N O2'    131.173 
LYS 'L-peptide linking' y LYSINE          ? 'C6 H15 N2 O2 1' 147.195 
MET 'L-peptide linking' y METHIONINE      ? 'C5 H11 N O2 S'  149.211 
PHE 'L-peptide linking' y PHENYLALANINE   ? 'C9 H11 N O2'    165.189 
PRO 'L-peptide linking' y PROLINE         ? 'C5 H9 N O2'     115.130 
SER 'L-peptide linking' y SERINE          ? 'C3 H7 N O3'     105.093 
THR 'L-peptide linking' y THREONINE       ? 'C4 H9 N O3'     119.119 
TYR 'L-peptide linking' y TYROSINE        ? 'C9 H11 N O3'    181.189 
VAL 'L-peptide linking' y VALINE          ? 'C5 H11 N O2'    117.146 
# 
loop_
_pdbx_poly_seq_scheme.asym_id 
_pdbx_poly_seq_scheme.entity_id 
_pdbx_poly_seq_scheme.seq_id 
_pdbx_poly_seq_scheme.mon_id 
_pdbx_poly_seq_scheme.ndb_seq_num 
_pdbx_poly_seq_scheme.pdb_seq_num 
_pdbx_poly_seq_scheme.auth_seq_num 
_pdbx_poly_seq_scheme.pdb_mon_id 
_pdbx_poly_seq_scheme.auth_mon_id 
_pdbx_poly_seq_scheme.pdb_strand_id 
_pdbx_poly_seq_scheme.pdb_ins_code 
_pdbx_poly_seq_scheme.hetero 
A 1 1  ASN 1  46 46 ASN ASN A . n 
A 1 2  SER 2  47 47 SER SER A . n 
A 1 3  MET 3  48 48 MET MET A . n 
A 1 4  MET 4  49 49 MET MET A . n 
A 1 5  GLU 5  50 50 GLU GLU A . n 
A 1 6  THR 6  51 51 THR THR A . n 
A 1 7  LEU 7  52 52 LEU LEU A . n 
A 1 8  TYR 8  53 53 TYR TYR A . n 
A 1 9  LEU 9  54 54 LEU LEU A . n 
A 1 10 GLN 10 55 55 GLN GLN A . n 
A 1 11 GLN 11 56 56 GLN GLN A . n 
A 1 12 ASN 12 57 57 ASN ASN A . n 
A 1 13 PRO 13 58 58 PRO PRO A . n 
A 1 14 ASN 14 59 59 ASN ASN A . n 
A 1 15 ASN 15 60 60 ASN ASN A . n 
A 1 16 ALA 16 61 61 ALA ALA A . n 
A 1 17 GLU 17 62 62 GLU GLU A . n 
A 1 18 HIS 18 63 63 HIS HIS A . n 
A 1 19 LEU 19 64 64 LEU LEU A . n 
A 1 20 ALA 20 65 65 ALA ALA A . n 
A 1 21 GLN 21 66 66 GLN GLN A . n 
A 1 22 SER 22 67 67 SER SER A . n 
A 1 23 ILE 23 68 68 ILE ILE A . n 
A 1 24 ALA 24 69 69 ALA ALA A . n 
A 1 25 ASP 25 70 70 ASP ASP A . n 
A 1 26 LEU 26 71 71 LEU LEU A . n 
A 1 27 GLU 27 72 72 GLU GLU A . n 
A 1 28 ARG 28 73 73 ARG ARG A . n 
A 1 29 GLY 29 74 74 GLY GLY A . n 
A 1 30 LYS 30 75 75 LYS LYS A . n 
A 1 31 THR 31 76 76 THR THR A . n 
A 1 32 ILE 32 77 77 ILE ILE A . n 
A 1 33 THR 33 78 78 THR THR A . n 
A 1 34 LYS 34 79 79 LYS LYS A . n 
A 1 35 ASP 35 80 80 ASP ASP A . n 
A 1 36 ILE 36 81 81 ILE ILE A . n 
A 1 37 ASP 37 82 82 ASP ASP A . n 
A 1 38 VAL 38 83 83 VAL VAL A . n 
B 2 1  MET 1  1  ?  ?   ?   B . n 
B 2 2  ALA 2  2  2  ALA ALA B . n 
B 2 3  ARG 3  3  3  ARG ARG B . n 
B 2 4  LEU 4  4  4  LEU LEU B . n 
B 2 5  ASN 5  5  5  ASN ASN B . n 
B 2 6  ILE 6  6  6  ILE ILE B . n 
B 2 7  THR 7  7  7  THR THR B . n 
B 2 8  PHE 8  8  8  PHE PHE B . n 
B 2 9  SER 9  9  9  SER SER B . n 
B 2 10 PRO 10 10 10 PRO PRO B . n 
B 2 11 GLN 11 11 11 GLN GLN B . n 
B 2 12 ALA 12 12 12 ALA ALA B . n 
B 2 13 PHE 13 13 13 PHE PHE B . n 
B 2 14 GLU 14 14 14 GLU GLU B . n 
B 2 15 ASP 15 15 15 ASP ASP B . n 
B 2 16 TYR 16 16 16 TYR TYR B . n 
B 2 17 LYS 17 17 17 LYS LYS B . n 
B 2 18 TYR 18 18 18 TYR TYR B . n 
B 2 19 PHE 19 19 19 PHE PHE B . n 
B 2 20 GLN 20 20 20 GLN GLN B . n 
B 2 21 GLN 21 21 21 GLN GLN B . n 
B 2 22 ASN 22 22 22 ASN ASN B . n 
B 2 23 ASP 23 23 23 ASP ASP B . n 
B 2 24 LYS 24 24 24 LYS LYS B . n 
B 2 25 LYS 25 25 25 LYS LYS B . n 
B 2 26 MET 26 26 26 MET MET B . n 
B 2 27 VAL 27 27 27 VAL VAL B . n 
B 2 28 LYS 28 28 28 LYS LYS B . n 
B 2 29 LYS 29 29 29 LYS LYS B . n 
B 2 30 ILE 30 30 30 ILE ILE B . n 
B 2 31 ASN 31 31 31 ASN ASN B . n 
B 2 32 GLU 32 32 32 GLU GLU B . n 
B 2 33 LEU 33 33 33 LEU LEU B . n 
B 2 34 LEU 34 34 34 LEU LEU B . n 
B 2 35 LYS 35 35 35 LYS LYS B . n 
B 2 36 SER 36 36 36 SER SER B . n 
B 2 37 ILE 37 37 37 ILE ILE B . n 
B 2 38 ASP 38 38 38 ASP ASP B . n 
B 2 39 ARG 39 39 39 ARG ARG B . n 
B 2 40 ASN 40 40 40 ASN ASN B . n 
B 2 41 GLY 41 41 41 GLY GLY B . n 
B 2 42 ALA 42 42 42 ALA ALA B . n 
B 2 43 LEU 43 43 43 LEU LEU B . n 
B 2 44 GLU 44 44 44 GLU GLU B . n 
B 2 45 GLY 45 45 45 GLY GLY B . n 
B 2 46 ILE 46 46 46 ILE ILE B . n 
B 2 47 GLY 47 47 47 GLY GLY B . n 
B 2 48 LYS 48 48 48 LYS LYS B . n 
B 2 49 PRO 49 49 49 PRO PRO B . n 
B 2 50 GLU 50 50 50 GLU GLU B . n 
B 2 51 LYS 51 51 51 LYS LYS B . n 
B 2 52 LEU 52 52 52 LEU LEU B . n 
B 2 53 LYS 53 53 53 LYS LYS B . n 
B 2 54 SER 54 54 54 SER SER B . n 
B 2 55 ASN 55 55 55 ASN ASN B . n 
B 2 56 LEU 56 56 56 LEU LEU B . n 
B 2 57 THR 57 57 57 THR THR B . n 
B 2 58 GLY 58 58 58 GLY GLY B . n 
B 2 59 TYR 59 59 59 TYR TYR B . n 
B 2 60 TYR 60 60 60 TYR TYR B . n 
B 2 61 SER 61 61 61 SER SER B . n 
B 2 62 ARG 62 62 62 ARG ARG B . n 
B 2 63 ARG 63 63 63 ARG ARG B . n 
B 2 64 ILE 64 64 64 ILE ILE B . n 
B 2 65 ASN 65 65 65 ASN ASN B . n 
B 2 66 HIS 66 66 66 HIS HIS B . n 
B 2 67 GLU 67 67 67 GLU GLU B . n 
B 2 68 HIS 68 68 68 HIS HIS B . n 
B 2 69 ARG 69 69 69 ARG ARG B . n 
B 2 70 LEU 70 70 70 LEU LEU B . n 
B 2 71 VAL 71 71 71 VAL VAL B . n 
B 2 72 TYR 72 72 72 TYR TYR B . n 
B 2 73 THR 73 73 73 THR THR B . n 
B 2 74 VAL 74 74 74 VAL VAL B . n 
B 2 75 ASP 75 75 75 ASP ASP B . n 
B 2 76 ASP 76 76 76 ASP ASP B . n 
B 2 77 ASN 77 77 77 ASN ASN B . n 
B 2 78 HIS 78 78 78 HIS HIS B . n 
B 2 79 ILE 79 79 79 ILE ILE B . n 
B 2 80 LYS 80 80 80 LYS LYS B . n 
B 2 81 ILE 81 81 81 ILE ILE B . n 
B 2 82 ALA 82 82 82 ALA ALA B . n 
B 2 83 SER 83 83 83 SER SER B . n 
B 2 84 CYS 84 84 84 CYS CYS B . n 
B 2 85 LYS 85 85 85 LYS LYS B . n 
B 2 86 TYR 86 86 86 TYR TYR B . n 
B 2 87 HIS 87 87 87 HIS HIS B . n 
B 2 88 TYR 88 88 88 TYR TYR B . n 
# 
loop_
_pdbx_nonpoly_scheme.asym_id 
_pdbx_nonpoly_scheme.entity_id 
_pdbx_nonpoly_scheme.mon_id 
_pdbx_nonpoly_scheme.ndb_seq_num 
_pdbx_nonpoly_scheme.pdb_seq_num 
_pdbx_nonpoly_scheme.auth_seq_num 
_pdbx_nonpoly_scheme.pdb_mon_id 
_pdbx_nonpoly_scheme.auth_mon_id 
_pdbx_nonpoly_scheme.pdb_strand_id 
_pdbx_nonpoly_scheme.pdb_ins_code 
C 3 HOH 1   101 67  HOH HOH A . 
C 3 HOH 2   102 63  HOH HOH A . 
C 3 HOH 3   103 28  HOH HOH A . 
C 3 HOH 4   104 60  HOH HOH A . 
C 3 HOH 5   105 171 HOH HOH A . 
C 3 HOH 6   106 32  HOH HOH A . 
C 3 HOH 7   107 37  HOH HOH A . 
C 3 HOH 8   108 76  HOH HOH A . 
C 3 HOH 9   109 23  HOH HOH A . 
C 3 HOH 10  110 130 HOH HOH A . 
C 3 HOH 11  111 137 HOH HOH A . 
C 3 HOH 12  112 80  HOH HOH A . 
C 3 HOH 13  113 54  HOH HOH A . 
C 3 HOH 14  114 15  HOH HOH A . 
C 3 HOH 15  115 56  HOH HOH A . 
C 3 HOH 16  116 74  HOH HOH A . 
C 3 HOH 17  117 105 HOH HOH A . 
C 3 HOH 18  118 36  HOH HOH A . 
C 3 HOH 19  119 96  HOH HOH A . 
C 3 HOH 20  120 88  HOH HOH A . 
C 3 HOH 21  121 43  HOH HOH A . 
C 3 HOH 22  122 3   HOH HOH A . 
C 3 HOH 23  123 13  HOH HOH A . 
C 3 HOH 24  124 166 HOH HOH A . 
C 3 HOH 25  125 33  HOH HOH A . 
C 3 HOH 26  126 26  HOH HOH A . 
C 3 HOH 27  127 141 HOH HOH A . 
C 3 HOH 28  128 146 HOH HOH A . 
C 3 HOH 29  129 129 HOH HOH A . 
C 3 HOH 30  130 20  HOH HOH A . 
C 3 HOH 31  131 86  HOH HOH A . 
C 3 HOH 32  132 41  HOH HOH A . 
C 3 HOH 33  133 95  HOH HOH A . 
C 3 HOH 34  134 9   HOH HOH A . 
C 3 HOH 35  135 93  HOH HOH A . 
C 3 HOH 36  136 7   HOH HOH A . 
C 3 HOH 37  137 169 HOH HOH A . 
C 3 HOH 38  138 85  HOH HOH A . 
C 3 HOH 39  139 34  HOH HOH A . 
C 3 HOH 40  140 58  HOH HOH A . 
C 3 HOH 41  141 118 HOH HOH A . 
C 3 HOH 42  142 68  HOH HOH A . 
C 3 HOH 43  143 30  HOH HOH A . 
C 3 HOH 44  144 183 HOH HOH A . 
C 3 HOH 45  145 47  HOH HOH A . 
C 3 HOH 46  146 77  HOH HOH A . 
C 3 HOH 47  147 151 HOH HOH A . 
C 3 HOH 48  148 1   HOH HOH A . 
C 3 HOH 49  149 142 HOH HOH A . 
C 3 HOH 50  150 109 HOH HOH A . 
C 3 HOH 51  151 148 HOH HOH A . 
C 3 HOH 52  152 164 HOH HOH A . 
C 3 HOH 53  153 83  HOH HOH A . 
C 3 HOH 54  154 46  HOH HOH A . 
C 3 HOH 55  155 168 HOH HOH A . 
C 3 HOH 56  156 108 HOH HOH A . 
C 3 HOH 57  157 174 HOH HOH A . 
C 3 HOH 58  158 173 HOH HOH A . 
C 3 HOH 59  159 123 HOH HOH A . 
C 3 HOH 60  160 135 HOH HOH A . 
C 3 HOH 61  161 150 HOH HOH A . 
C 3 HOH 62  162 121 HOH HOH A . 
C 3 HOH 63  163 117 HOH HOH A . 
D 3 HOH 1   101 136 HOH HOH B . 
D 3 HOH 2   102 138 HOH HOH B . 
D 3 HOH 3   103 101 HOH HOH B . 
D 3 HOH 4   104 106 HOH HOH B . 
D 3 HOH 5   105 149 HOH HOH B . 
D 3 HOH 6   106 62  HOH HOH B . 
D 3 HOH 7   107 19  HOH HOH B . 
D 3 HOH 8   108 5   HOH HOH B . 
D 3 HOH 9   109 2   HOH HOH B . 
D 3 HOH 10  110 94  HOH HOH B . 
D 3 HOH 11  111 100 HOH HOH B . 
D 3 HOH 12  112 103 HOH HOH B . 
D 3 HOH 13  113 184 HOH HOH B . 
D 3 HOH 14  114 147 HOH HOH B . 
D 3 HOH 15  115 45  HOH HOH B . 
D 3 HOH 16  116 119 HOH HOH B . 
D 3 HOH 17  117 25  HOH HOH B . 
D 3 HOH 18  118 159 HOH HOH B . 
D 3 HOH 19  119 113 HOH HOH B . 
D 3 HOH 20  120 24  HOH HOH B . 
D 3 HOH 21  121 52  HOH HOH B . 
D 3 HOH 22  122 102 HOH HOH B . 
D 3 HOH 23  123 50  HOH HOH B . 
D 3 HOH 24  124 107 HOH HOH B . 
D 3 HOH 25  125 110 HOH HOH B . 
D 3 HOH 26  126 127 HOH HOH B . 
D 3 HOH 27  127 98  HOH HOH B . 
D 3 HOH 28  128 69  HOH HOH B . 
D 3 HOH 29  129 27  HOH HOH B . 
D 3 HOH 30  130 140 HOH HOH B . 
D 3 HOH 31  131 29  HOH HOH B . 
D 3 HOH 32  132 116 HOH HOH B . 
D 3 HOH 33  133 180 HOH HOH B . 
D 3 HOH 34  134 14  HOH HOH B . 
D 3 HOH 35  135 154 HOH HOH B . 
D 3 HOH 36  136 160 HOH HOH B . 
D 3 HOH 37  137 57  HOH HOH B . 
D 3 HOH 38  138 39  HOH HOH B . 
D 3 HOH 39  139 53  HOH HOH B . 
D 3 HOH 40  140 64  HOH HOH B . 
D 3 HOH 41  141 6   HOH HOH B . 
D 3 HOH 42  142 17  HOH HOH B . 
D 3 HOH 43  143 8   HOH HOH B . 
D 3 HOH 44  144 75  HOH HOH B . 
D 3 HOH 45  145 165 HOH HOH B . 
D 3 HOH 46  146 73  HOH HOH B . 
D 3 HOH 47  147 79  HOH HOH B . 
D 3 HOH 48  148 84  HOH HOH B . 
D 3 HOH 49  149 111 HOH HOH B . 
D 3 HOH 50  150 40  HOH HOH B . 
D 3 HOH 51  151 11  HOH HOH B . 
D 3 HOH 52  152 70  HOH HOH B . 
D 3 HOH 53  153 181 HOH HOH B . 
D 3 HOH 54  154 12  HOH HOH B . 
D 3 HOH 55  155 114 HOH HOH B . 
D 3 HOH 56  156 81  HOH HOH B . 
D 3 HOH 57  157 122 HOH HOH B . 
D 3 HOH 58  158 65  HOH HOH B . 
D 3 HOH 59  159 35  HOH HOH B . 
D 3 HOH 60  160 61  HOH HOH B . 
D 3 HOH 61  161 49  HOH HOH B . 
D 3 HOH 62  162 66  HOH HOH B . 
D 3 HOH 63  163 4   HOH HOH B . 
D 3 HOH 64  164 44  HOH HOH B . 
D 3 HOH 65  165 42  HOH HOH B . 
D 3 HOH 66  166 55  HOH HOH B . 
D 3 HOH 67  167 97  HOH HOH B . 
D 3 HOH 68  168 152 HOH HOH B . 
D 3 HOH 69  169 31  HOH HOH B . 
D 3 HOH 70  170 51  HOH HOH B . 
D 3 HOH 71  171 59  HOH HOH B . 
D 3 HOH 72  172 172 HOH HOH B . 
D 3 HOH 73  173 18  HOH HOH B . 
D 3 HOH 74  174 104 HOH HOH B . 
D 3 HOH 75  175 112 HOH HOH B . 
D 3 HOH 76  176 128 HOH HOH B . 
D 3 HOH 77  177 21  HOH HOH B . 
D 3 HOH 78  178 115 HOH HOH B . 
D 3 HOH 79  179 16  HOH HOH B . 
D 3 HOH 80  180 157 HOH HOH B . 
D 3 HOH 81  181 139 HOH HOH B . 
D 3 HOH 82  182 143 HOH HOH B . 
D 3 HOH 83  183 91  HOH HOH B . 
D 3 HOH 84  184 163 HOH HOH B . 
D 3 HOH 85  185 175 HOH HOH B . 
D 3 HOH 86  186 124 HOH HOH B . 
D 3 HOH 87  187 162 HOH HOH B . 
D 3 HOH 88  188 71  HOH HOH B . 
D 3 HOH 89  189 90  HOH HOH B . 
D 3 HOH 90  190 48  HOH HOH B . 
D 3 HOH 91  191 155 HOH HOH B . 
D 3 HOH 92  192 38  HOH HOH B . 
D 3 HOH 93  193 182 HOH HOH B . 
D 3 HOH 94  194 177 HOH HOH B . 
D 3 HOH 95  195 167 HOH HOH B . 
D 3 HOH 96  196 125 HOH HOH B . 
D 3 HOH 97  197 120 HOH HOH B . 
D 3 HOH 98  198 82  HOH HOH B . 
D 3 HOH 99  199 161 HOH HOH B . 
D 3 HOH 100 200 145 HOH HOH B . 
D 3 HOH 101 201 92  HOH HOH B . 
D 3 HOH 102 202 185 HOH HOH B . 
D 3 HOH 103 203 78  HOH HOH B . 
D 3 HOH 104 204 134 HOH HOH B . 
D 3 HOH 105 205 170 HOH HOH B . 
D 3 HOH 106 206 72  HOH HOH B . 
D 3 HOH 107 207 131 HOH HOH B . 
D 3 HOH 108 208 89  HOH HOH B . 
D 3 HOH 109 209 87  HOH HOH B . 
D 3 HOH 110 210 133 HOH HOH B . 
D 3 HOH 111 211 158 HOH HOH B . 
D 3 HOH 112 212 126 HOH HOH B . 
D 3 HOH 113 213 176 HOH HOH B . 
D 3 HOH 114 214 99  HOH HOH B . 
# 
loop_
_pdbx_unobs_or_zero_occ_atoms.id 
_pdbx_unobs_or_zero_occ_atoms.PDB_model_num 
_pdbx_unobs_or_zero_occ_atoms.polymer_flag 
_pdbx_unobs_or_zero_occ_atoms.occupancy_flag 
_pdbx_unobs_or_zero_occ_atoms.auth_asym_id 
_pdbx_unobs_or_zero_occ_atoms.auth_comp_id 
_pdbx_unobs_or_zero_occ_atoms.auth_seq_id 
_pdbx_unobs_or_zero_occ_atoms.PDB_ins_code 
_pdbx_unobs_or_zero_occ_atoms.auth_atom_id 
_pdbx_unobs_or_zero_occ_atoms.label_alt_id 
_pdbx_unobs_or_zero_occ_atoms.label_asym_id 
_pdbx_unobs_or_zero_occ_atoms.label_comp_id 
_pdbx_unobs_or_zero_occ_atoms.label_seq_id 
_pdbx_unobs_or_zero_occ_atoms.label_atom_id 
1 1 Y 1 A ASN 46 ? N   ? A ASN 1 N   
2 1 Y 1 A ASN 46 ? CA  ? A ASN 1 CA  
3 1 Y 1 A ASN 46 ? CB  ? A ASN 1 CB  
4 1 Y 1 A ASN 46 ? CG  ? A ASN 1 CG  
5 1 Y 1 A ASN 46 ? OD1 ? A ASN 1 OD1 
6 1 Y 1 A ASN 46 ? ND2 ? A ASN 1 ND2 
# 
loop_
_software.citation_id 
_software.classification 
_software.compiler_name 
_software.compiler_version 
_software.contact_author 
_software.contact_author_email 
_software.date 
_software.description 
_software.dependencies 
_software.hardware 
_software.language 
_software.location 
_software.mods 
_software.name 
_software.os 
_software.os_version 
_software.type 
_software.version 
_software.pdbx_ordinal 
? refinement       ? ? ? ? ? ? ? ? ? ? ? PHENIX   ? ? ? 1.13_2998 1 
? 'data reduction' ? ? ? ? ? ? ? ? ? ? ? HKL-2000 ? ? ? .         2 
? 'data scaling'   ? ? ? ? ? ? ? ? ? ? ? HKL-2000 ? ? ? .         3 
? phasing          ? ? ? ? ? ? ? ? ? ? ? PHENIX   ? ? ? .         4 
# 
_cell.angle_alpha                  90.000 
_cell.angle_alpha_esd              ? 
_cell.angle_beta                   90.000 
_cell.angle_beta_esd               ? 
_cell.angle_gamma                  90.000 
_cell.angle_gamma_esd              ? 
_cell.entry_id                     6L8G 
_cell.details                      ? 
_cell.formula_units_Z              ? 
_cell.length_a                     31.206 
_cell.length_a_esd                 ? 
_cell.length_b                     58.117 
_cell.length_b_esd                 ? 
_cell.length_c                     65.597 
_cell.length_c_esd                 ? 
_cell.volume                       118966.660 
_cell.volume_esd                   ? 
_cell.Z_PDB                        4 
_cell.reciprocal_angle_alpha       ? 
_cell.reciprocal_angle_beta        ? 
_cell.reciprocal_angle_gamma       ? 
_cell.reciprocal_angle_alpha_esd   ? 
_cell.reciprocal_angle_beta_esd    ? 
_cell.reciprocal_angle_gamma_esd   ? 
_cell.reciprocal_length_a          ? 
_cell.reciprocal_length_b          ? 
_cell.reciprocal_length_c          ? 
_cell.reciprocal_length_a_esd      ? 
_cell.reciprocal_length_b_esd      ? 
_cell.reciprocal_length_c_esd      ? 
_cell.pdbx_unique_axis             ? 
# 
_symmetry.entry_id                         6L8G 
_symmetry.cell_setting                     ? 
_symmetry.Int_Tables_number                19 
_symmetry.space_group_name_Hall            'P 2ac 2ab' 
_symmetry.space_group_name_H-M             'P 21 21 21' 
_symmetry.pdbx_full_space_group_name_H-M   ? 
# 
_exptl.absorpt_coefficient_mu     ? 
_exptl.absorpt_correction_T_max   ? 
_exptl.absorpt_correction_T_min   ? 
_exptl.absorpt_correction_type    ? 
_exptl.absorpt_process_details    ? 
_exptl.entry_id                   6L8G 
_exptl.crystals_number            1 
_exptl.details                    ? 
_exptl.method                     'X-RAY DIFFRACTION' 
_exptl.method_details             ? 
# 
_exptl_crystal.colour                      ? 
_exptl_crystal.density_diffrn              ? 
_exptl_crystal.density_Matthews            2.03 
_exptl_crystal.density_method              ? 
_exptl_crystal.density_percent_sol         39.48 
_exptl_crystal.description                 ? 
_exptl_crystal.F_000                       ? 
_exptl_crystal.id                          1 
_exptl_crystal.preparation                 ? 
_exptl_crystal.size_max                    ? 
_exptl_crystal.size_mid                    ? 
_exptl_crystal.size_min                    ? 
_exptl_crystal.size_rad                    ? 
_exptl_crystal.colour_lustre               ? 
_exptl_crystal.colour_modifier             ? 
_exptl_crystal.colour_primary              ? 
_exptl_crystal.density_meas                ? 
_exptl_crystal.density_meas_esd            ? 
_exptl_crystal.density_meas_gt             ? 
_exptl_crystal.density_meas_lt             ? 
_exptl_crystal.density_meas_temp           ? 
_exptl_crystal.density_meas_temp_esd       ? 
_exptl_crystal.density_meas_temp_gt        ? 
_exptl_crystal.density_meas_temp_lt        ? 
_exptl_crystal.pdbx_crystal_image_url      ? 
_exptl_crystal.pdbx_crystal_image_format   ? 
_exptl_crystal.pdbx_mosaicity              ? 
_exptl_crystal.pdbx_mosaicity_esd          ? 
# 
_exptl_crystal_grow.apparatus       ? 
_exptl_crystal_grow.atmosphere      ? 
_exptl_crystal_grow.crystal_id      1 
_exptl_crystal_grow.details         ? 
_exptl_crystal_grow.method          'VAPOR DIFFUSION, SITTING DROP' 
_exptl_crystal_grow.method_ref      ? 
_exptl_crystal_grow.pH              ? 
_exptl_crystal_grow.pressure        ? 
_exptl_crystal_grow.pressure_esd    ? 
_exptl_crystal_grow.seeding         ? 
_exptl_crystal_grow.seeding_ref     ? 
_exptl_crystal_grow.temp            289 
_exptl_crystal_grow.temp_details    ? 
_exptl_crystal_grow.temp_esd        ? 
_exptl_crystal_grow.time            ? 
_exptl_crystal_grow.pdbx_details    
;5% v/v Tacsimate pH 7.0
0.1 M HEPES pH 7.0
10% w/v Polyethylene glycol monomethyl ether 5,000
;
_exptl_crystal_grow.pdbx_pH_range   ? 
# 
_diffrn.ambient_environment              ? 
_diffrn.ambient_temp                     100 
_diffrn.ambient_temp_details             ? 
_diffrn.ambient_temp_esd                 ? 
_diffrn.crystal_id                       1 
_diffrn.crystal_support                  ? 
_diffrn.crystal_treatment                ? 
_diffrn.details                          ? 
_diffrn.id                               1 
_diffrn.ambient_pressure                 ? 
_diffrn.ambient_pressure_esd             ? 
_diffrn.ambient_pressure_gt              ? 
_diffrn.ambient_pressure_lt              ? 
_diffrn.ambient_temp_gt                  ? 
_diffrn.ambient_temp_lt                  ? 
_diffrn.pdbx_serial_crystal_experiment   N 
# 
_diffrn_detector.details                      ? 
_diffrn_detector.detector                     PIXEL 
_diffrn_detector.diffrn_id                    1 
_diffrn_detector.type                         'DECTRIS PILATUS3 6M' 
_diffrn_detector.area_resol_mean              ? 
_diffrn_detector.dtime                        ? 
_diffrn_detector.pdbx_frames_total            ? 
_diffrn_detector.pdbx_collection_time_total   ? 
_diffrn_detector.pdbx_collection_date         2016-06-26 
_diffrn_detector.pdbx_frequency               ? 
# 
_diffrn_radiation.collimation                      ? 
_diffrn_radiation.diffrn_id                        1 
_diffrn_radiation.filter_edge                      ? 
_diffrn_radiation.inhomogeneity                    ? 
_diffrn_radiation.monochromator                    ? 
_diffrn_radiation.polarisn_norm                    ? 
_diffrn_radiation.polarisn_ratio                   ? 
_diffrn_radiation.probe                            ? 
_diffrn_radiation.type                             ? 
_diffrn_radiation.xray_symbol                      ? 
_diffrn_radiation.wavelength_id                    1 
_diffrn_radiation.pdbx_monochromatic_or_laue_m_l   M 
_diffrn_radiation.pdbx_wavelength_list             ? 
_diffrn_radiation.pdbx_wavelength                  ? 
_diffrn_radiation.pdbx_diffrn_protocol             'SINGLE WAVELENGTH' 
_diffrn_radiation.pdbx_analyzer                    ? 
_diffrn_radiation.pdbx_scattering_type             x-ray 
# 
_diffrn_radiation_wavelength.id           1 
_diffrn_radiation_wavelength.wavelength   0.97853 
_diffrn_radiation_wavelength.wt           1.0 
# 
_diffrn_source.current                     ? 
_diffrn_source.details                     ? 
_diffrn_source.diffrn_id                   1 
_diffrn_source.power                       ? 
_diffrn_source.size                        ? 
_diffrn_source.source                      SYNCHROTRON 
_diffrn_source.target                      ? 
_diffrn_source.type                        'SSRF BEAMLINE BL19U1' 
_diffrn_source.voltage                     ? 
_diffrn_source.take-off_angle              ? 
_diffrn_source.pdbx_wavelength_list        0.97853 
_diffrn_source.pdbx_wavelength             ? 
_diffrn_source.pdbx_synchrotron_beamline   BL19U1 
_diffrn_source.pdbx_synchrotron_site       SSRF 
# 
_reflns.B_iso_Wilson_estimate            6.12 
_reflns.entry_id                         6L8G 
_reflns.data_reduction_details           ? 
_reflns.data_reduction_method            ? 
_reflns.d_resolution_high                1.0 
_reflns.d_resolution_low                 50 
_reflns.details                          ? 
_reflns.limit_h_max                      ? 
_reflns.limit_h_min                      ? 
_reflns.limit_k_max                      ? 
_reflns.limit_k_min                      ? 
_reflns.limit_l_max                      ? 
_reflns.limit_l_min                      ? 
_reflns.number_all                       ? 
_reflns.number_obs                       64910 
_reflns.observed_criterion               ? 
_reflns.observed_criterion_F_max         ? 
_reflns.observed_criterion_F_min         ? 
_reflns.observed_criterion_I_max         ? 
_reflns.observed_criterion_I_min         ? 
_reflns.observed_criterion_sigma_F       ? 
_reflns.observed_criterion_sigma_I       ? 
_reflns.percent_possible_obs             99.3 
_reflns.R_free_details                   ? 
_reflns.Rmerge_F_all                     ? 
_reflns.Rmerge_F_obs                     ? 
_reflns.Friedel_coverage                 ? 
_reflns.number_gt                        ? 
_reflns.threshold_expression             ? 
_reflns.pdbx_redundancy                  11.8 
_reflns.pdbx_Rmerge_I_obs                0.038 
_reflns.pdbx_Rmerge_I_all                ? 
_reflns.pdbx_Rsym_value                  ? 
_reflns.pdbx_netI_over_av_sigmaI         ? 
_reflns.pdbx_netI_over_sigmaI            61.6 
_reflns.pdbx_res_netI_over_av_sigmaI_2   ? 
_reflns.pdbx_res_netI_over_sigmaI_2      ? 
_reflns.pdbx_chi_squared                 ? 
_reflns.pdbx_scaling_rejects             ? 
_reflns.pdbx_d_res_high_opt              ? 
_reflns.pdbx_d_res_low_opt               ? 
_reflns.pdbx_d_res_opt_method            ? 
_reflns.phase_calculation_details        ? 
_reflns.pdbx_Rrim_I_all                  0.040 
_reflns.pdbx_Rpim_I_all                  0.011 
_reflns.pdbx_d_opt                       ? 
_reflns.pdbx_number_measured_all         ? 
_reflns.pdbx_diffrn_id                   1 
_reflns.pdbx_ordinal                     1 
_reflns.pdbx_CC_half                     1.000 
_reflns.pdbx_CC_star                     ? 
_reflns.pdbx_R_split                     ? 
# 
_reflns_shell.d_res_high                  1.00 
_reflns_shell.d_res_low                   1.02 
_reflns_shell.meanI_over_sigI_all         ? 
_reflns_shell.meanI_over_sigI_obs         12.9 
_reflns_shell.number_measured_all         ? 
_reflns_shell.number_measured_obs         ? 
_reflns_shell.number_possible             ? 
_reflns_shell.number_unique_all           ? 
_reflns_shell.number_unique_obs           3023 
_reflns_shell.percent_possible_all        ? 
_reflns_shell.percent_possible_obs        ? 
_reflns_shell.Rmerge_F_all                ? 
_reflns_shell.Rmerge_F_obs                ? 
_reflns_shell.Rmerge_I_all                ? 
_reflns_shell.Rmerge_I_obs                0.175 
_reflns_shell.meanI_over_sigI_gt          ? 
_reflns_shell.meanI_over_uI_all           ? 
_reflns_shell.meanI_over_uI_gt            ? 
_reflns_shell.number_measured_gt          ? 
_reflns_shell.number_unique_gt            ? 
_reflns_shell.percent_possible_gt         ? 
_reflns_shell.Rmerge_F_gt                 ? 
_reflns_shell.Rmerge_I_gt                 ? 
_reflns_shell.pdbx_redundancy             ? 
_reflns_shell.pdbx_Rsym_value             ? 
_reflns_shell.pdbx_chi_squared            ? 
_reflns_shell.pdbx_netI_over_sigmaI_all   ? 
_reflns_shell.pdbx_netI_over_sigmaI_obs   ? 
_reflns_shell.pdbx_Rrim_I_all             0.187 
_reflns_shell.pdbx_Rpim_I_all             0.063 
_reflns_shell.pdbx_rejects                ? 
_reflns_shell.pdbx_ordinal                1 
_reflns_shell.pdbx_diffrn_id              1 
_reflns_shell.pdbx_CC_half                0.996 
_reflns_shell.pdbx_CC_star                ? 
_reflns_shell.pdbx_R_split                ? 
# 
_refine.aniso_B[1][1]                            ? 
_refine.aniso_B[1][2]                            ? 
_refine.aniso_B[1][3]                            ? 
_refine.aniso_B[2][2]                            ? 
_refine.aniso_B[2][3]                            ? 
_refine.aniso_B[3][3]                            ? 
_refine.B_iso_max                                ? 
_refine.B_iso_mean                               8.50 
_refine.B_iso_min                                ? 
_refine.correlation_coeff_Fo_to_Fc               ? 
_refine.correlation_coeff_Fo_to_Fc_free          ? 
_refine.details                                  ? 
_refine.diff_density_max                         ? 
_refine.diff_density_max_esd                     ? 
_refine.diff_density_min                         ? 
_refine.diff_density_min_esd                     ? 
_refine.diff_density_rms                         ? 
_refine.diff_density_rms_esd                     ? 
_refine.entry_id                                 6L8G 
_refine.pdbx_refine_id                           'X-RAY DIFFRACTION' 
_refine.ls_abs_structure_details                 ? 
_refine.ls_abs_structure_Flack                   ? 
_refine.ls_abs_structure_Flack_esd               ? 
_refine.ls_abs_structure_Rogers                  ? 
_refine.ls_abs_structure_Rogers_esd              ? 
_refine.ls_d_res_high                            1.00 
_refine.ls_d_res_low                             43.50 
_refine.ls_extinction_coef                       ? 
_refine.ls_extinction_coef_esd                   ? 
_refine.ls_extinction_expression                 ? 
_refine.ls_extinction_method                     ? 
_refine.ls_goodness_of_fit_all                   ? 
_refine.ls_goodness_of_fit_all_esd               ? 
_refine.ls_goodness_of_fit_obs                   ? 
_refine.ls_goodness_of_fit_obs_esd               ? 
_refine.ls_hydrogen_treatment                    ? 
_refine.ls_matrix_type                           ? 
_refine.ls_number_constraints                    ? 
_refine.ls_number_parameters                     ? 
_refine.ls_number_reflns_all                     ? 
_refine.ls_number_reflns_obs                     64824 
_refine.ls_number_reflns_R_free                  3248 
_refine.ls_number_reflns_R_work                  ? 
_refine.ls_number_restraints                     ? 
_refine.ls_percent_reflns_obs                    99.22 
_refine.ls_percent_reflns_R_free                 5.01 
_refine.ls_R_factor_all                          ? 
_refine.ls_R_factor_obs                          0.1683 
_refine.ls_R_factor_R_free                       0.1758 
_refine.ls_R_factor_R_free_error                 ? 
_refine.ls_R_factor_R_free_error_details         ? 
_refine.ls_R_factor_R_work                       0.1679 
_refine.ls_R_Fsqd_factor_obs                     ? 
_refine.ls_R_I_factor_obs                        ? 
_refine.ls_redundancy_reflns_all                 ? 
_refine.ls_redundancy_reflns_obs                 ? 
_refine.ls_restrained_S_all                      ? 
_refine.ls_restrained_S_obs                      ? 
_refine.ls_shift_over_esd_max                    ? 
_refine.ls_shift_over_esd_mean                   ? 
_refine.ls_structure_factor_coef                 ? 
_refine.ls_weighting_details                     ? 
_refine.ls_weighting_scheme                      ? 
_refine.ls_wR_factor_all                         ? 
_refine.ls_wR_factor_obs                         ? 
_refine.ls_wR_factor_R_free                      ? 
_refine.ls_wR_factor_R_work                      ? 
_refine.occupancy_max                            ? 
_refine.occupancy_min                            ? 
_refine.solvent_model_details                    ? 
_refine.solvent_model_param_bsol                 ? 
_refine.solvent_model_param_ksol                 ? 
_refine.pdbx_R_complete                          ? 
_refine.ls_R_factor_gt                           ? 
_refine.ls_goodness_of_fit_gt                    ? 
_refine.ls_goodness_of_fit_ref                   ? 
_refine.ls_shift_over_su_max                     ? 
_refine.ls_shift_over_su_max_lt                  ? 
_refine.ls_shift_over_su_mean                    ? 
_refine.ls_shift_over_su_mean_lt                 ? 
_refine.pdbx_ls_sigma_I                          ? 
_refine.pdbx_ls_sigma_F                          1.40 
_refine.pdbx_ls_sigma_Fsqd                       ? 
_refine.pdbx_data_cutoff_high_absF               ? 
_refine.pdbx_data_cutoff_high_rms_absF           ? 
_refine.pdbx_data_cutoff_low_absF                ? 
_refine.pdbx_isotropic_thermal_model             ? 
_refine.pdbx_ls_cross_valid_method               'FREE R-VALUE' 
_refine.pdbx_method_to_determine_struct          'MOLECULAR REPLACEMENT' 
_refine.pdbx_starting_model                      ? 
_refine.pdbx_stereochemistry_target_values       ? 
_refine.pdbx_R_Free_selection_details            ? 
_refine.pdbx_stereochem_target_val_spec_case     ? 
_refine.pdbx_overall_ESU_R                       ? 
_refine.pdbx_overall_ESU_R_Free                  ? 
_refine.pdbx_solvent_vdw_probe_radii             1.1100 
_refine.pdbx_solvent_ion_probe_radii             ? 
_refine.pdbx_solvent_shrinkage_radii             0.9000 
_refine.pdbx_real_space_R                        ? 
_refine.pdbx_density_correlation                 ? 
_refine.pdbx_pd_number_of_powder_patterns        ? 
_refine.pdbx_pd_number_of_points                 ? 
_refine.pdbx_pd_meas_number_of_points            ? 
_refine.pdbx_pd_proc_ls_prof_R_factor            ? 
_refine.pdbx_pd_proc_ls_prof_wR_factor           ? 
_refine.pdbx_pd_Marquardt_correlation_coeff      ? 
_refine.pdbx_pd_Fsqrd_R_factor                   ? 
_refine.pdbx_pd_ls_matrix_band_width             ? 
_refine.pdbx_overall_phase_error                 14.5732 
_refine.pdbx_overall_SU_R_free_Cruickshank_DPI   ? 
_refine.pdbx_overall_SU_R_free_Blow_DPI          ? 
_refine.pdbx_overall_SU_R_Blow_DPI               ? 
_refine.pdbx_TLS_residual_ADP_flag               ? 
_refine.pdbx_diffrn_id                           1 
_refine.overall_SU_B                             ? 
_refine.overall_SU_ML                            0.0847 
_refine.overall_SU_R_Cruickshank_DPI             ? 
_refine.overall_SU_R_free                        ? 
_refine.overall_FOM_free_R_set                   ? 
_refine.overall_FOM_work_R_set                   ? 
_refine.pdbx_average_fsc_overall                 ? 
_refine.pdbx_average_fsc_work                    ? 
_refine.pdbx_average_fsc_free                    ? 
# 
_refine_hist.pdbx_refine_id                   'X-RAY DIFFRACTION' 
_refine_hist.cycle_id                         LAST 
_refine_hist.details                          ? 
_refine_hist.d_res_high                       1.00 
_refine_hist.d_res_low                        43.50 
_refine_hist.number_atoms_solvent             177 
_refine_hist.number_atoms_total               1199 
_refine_hist.number_reflns_all                ? 
_refine_hist.number_reflns_obs                ? 
_refine_hist.number_reflns_R_free             ? 
_refine_hist.number_reflns_R_work             ? 
_refine_hist.R_factor_all                     ? 
_refine_hist.R_factor_obs                     ? 
_refine_hist.R_factor_R_free                  ? 
_refine_hist.R_factor_R_work                  ? 
_refine_hist.pdbx_number_residues_total       ? 
_refine_hist.pdbx_B_iso_mean_ligand           ? 
_refine_hist.pdbx_B_iso_mean_solvent          ? 
_refine_hist.pdbx_number_atoms_protein        1022 
_refine_hist.pdbx_number_atoms_nucleic_acid   0 
_refine_hist.pdbx_number_atoms_ligand         0 
_refine_hist.pdbx_number_atoms_lipid          ? 
_refine_hist.pdbx_number_atoms_carb           ? 
_refine_hist.pdbx_pseudo_atom_details         ? 
# 
loop_
_refine_ls_restr.pdbx_refine_id 
_refine_ls_restr.criterion 
_refine_ls_restr.dev_ideal 
_refine_ls_restr.dev_ideal_target 
_refine_ls_restr.number 
_refine_ls_restr.rejects 
_refine_ls_restr.type 
_refine_ls_restr.weight 
_refine_ls_restr.pdbx_restraint_function 
'X-RAY DIFFRACTION' ? 0.0039  ? 1039 ? f_bond_d           ? ? 
'X-RAY DIFFRACTION' ? 0.7543  ? 1395 ? f_angle_d          ? ? 
'X-RAY DIFFRACTION' ? 0.0783  ? 150  ? f_chiral_restr     ? ? 
'X-RAY DIFFRACTION' ? 0.0047  ? 181  ? f_plane_restr      ? ? 
'X-RAY DIFFRACTION' ? 13.1342 ? 402  ? f_dihedral_angle_d ? ? 
# 
loop_
_refine_ls_shell.pdbx_refine_id 
_refine_ls_shell.d_res_high 
_refine_ls_shell.d_res_low 
_refine_ls_shell.number_reflns_all 
_refine_ls_shell.number_reflns_obs 
_refine_ls_shell.number_reflns_R_free 
_refine_ls_shell.number_reflns_R_work 
_refine_ls_shell.percent_reflns_obs 
_refine_ls_shell.percent_reflns_R_free 
_refine_ls_shell.R_factor_all 
_refine_ls_shell.R_factor_obs 
_refine_ls_shell.R_factor_R_free 
_refine_ls_shell.R_factor_R_free_error 
_refine_ls_shell.R_factor_R_work 
_refine_ls_shell.redundancy_reflns_all 
_refine_ls_shell.redundancy_reflns_obs 
_refine_ls_shell.wR_factor_all 
_refine_ls_shell.wR_factor_obs 
_refine_ls_shell.wR_factor_R_free 
_refine_ls_shell.wR_factor_R_work 
_refine_ls_shell.pdbx_R_complete 
_refine_ls_shell.pdbx_total_number_of_bins_used 
_refine_ls_shell.pdbx_phase_error 
_refine_ls_shell.pdbx_fsc_work 
_refine_ls_shell.pdbx_fsc_free 
'X-RAY DIFFRACTION' 1.00 1.01  . . 125 2423 91.39 . . . 0.2266 . 0.2442 . . . . . . . . . . . 
'X-RAY DIFFRACTION' 1.01 1.03  . . 152 2617 98.79 . . . 0.1896 . 0.2040 . . . . . . . . . . . 
'X-RAY DIFFRACTION' 1.03 1.05  . . 149 2644 99.86 . . . 0.1896 . 0.1749 . . . . . . . . . . . 
'X-RAY DIFFRACTION' 1.05 1.07  . . 134 2681 99.82 . . . 0.1713 . 0.1582 . . . . . . . . . . . 
'X-RAY DIFFRACTION' 1.07 1.08  . . 121 2656 99.25 . . . 0.1521 . 0.1515 . . . . . . . . . . . 
'X-RAY DIFFRACTION' 1.08 1.11  . . 137 2647 99.25 . . . 0.1541 . 0.1421 . . . . . . . . . . . 
'X-RAY DIFFRACTION' 1.11 1.13  . . 135 2638 99.60 . . . 0.1166 . 0.1413 . . . . . . . . . . . 
'X-RAY DIFFRACTION' 1.13 1.15  . . 147 2690 99.89 . . . 0.1557 . 0.1417 . . . . . . . . . . . 
'X-RAY DIFFRACTION' 1.15 1.18  . . 140 2647 99.50 . . . 0.1333 . 0.1446 . . . . . . . . . . . 
'X-RAY DIFFRACTION' 1.18 1.21  . . 129 2686 99.61 . . . 0.1704 . 0.1492 . . . . . . . . . . . 
'X-RAY DIFFRACTION' 1.21 1.24  . . 141 2642 98.72 . . . 0.1558 . 0.1493 . . . . . . . . . . . 
'X-RAY DIFFRACTION' 1.24 1.28  . . 144 2635 99.82 . . . 0.1650 . 0.1548 . . . . . . . . . . . 
'X-RAY DIFFRACTION' 1.28 1.32  . . 130 2709 99.75 . . . 0.1581 . 0.1539 . . . . . . . . . . . 
'X-RAY DIFFRACTION' 1.32 1.37  . . 148 2675 99.65 . . . 0.1553 . 0.1579 . . . . . . . . . . . 
'X-RAY DIFFRACTION' 1.37 1.42  . . 131 2704 99.86 . . . 0.1642 . 0.1587 . . . . . . . . . . . 
'X-RAY DIFFRACTION' 1.42 1.49  . . 132 2686 99.23 . . . 0.1557 . 0.1574 . . . . . . . . . . . 
'X-RAY DIFFRACTION' 1.49 1.56  . . 126 2704 99.58 . . . 0.1540 . 0.1516 . . . . . . . . . . . 
'X-RAY DIFFRACTION' 1.56 1.66  . . 149 2691 99.89 . . . 0.1779 . 0.1552 . . . . . . . . . . . 
'X-RAY DIFFRACTION' 1.66 1.79  . . 164 2689 99.83 . . . 0.1690 . 0.1675 . . . . . . . . . . . 
'X-RAY DIFFRACTION' 1.79 1.97  . . 154 2707 99.51 . . . 0.1772 . 0.1793 . . . . . . . . . . . 
'X-RAY DIFFRACTION' 1.97 2.26  . . 142 2744 99.62 . . . 0.1869 . 0.1768 . . . . . . . . . . . 
'X-RAY DIFFRACTION' 2.26 2.84  . . 157 2766 99.93 . . . 0.2054 . 0.1979 . . . . . . . . . . . 
'X-RAY DIFFRACTION' 2.84 43.50 . . 161 2895 99.67 . . . 0.1960 . 0.1753 . . . . . . . . . . . 
# 
_struct.entry_id                     6L8G 
_struct.title                        
'High resolution structure of YoeB in complex with YefM C-terminus(46N-83V) from Staphylococcus aureus.' 
_struct.pdbx_model_details           ? 
_struct.pdbx_formula_weight          ? 
_struct.pdbx_formula_weight_method   ? 
_struct.pdbx_model_type_details      ? 
_struct.pdbx_CASP_flag               N 
# 
_struct_keywords.entry_id        6L8G 
_struct_keywords.text            'toxin-antitoxin, microbial RNase, YoeB, TOXIN, ANTITOXIN-TOXIN complex' 
_struct_keywords.pdbx_keywords   ANTITOXIN/TOXIN 
# 
loop_
_struct_asym.id 
_struct_asym.pdbx_blank_PDB_chainid_flag 
_struct_asym.pdbx_modified 
_struct_asym.entity_id 
_struct_asym.details 
A N N 1 ? 
B N N 2 ? 
C N N 3 ? 
D N N 3 ? 
# 
loop_
_struct_ref.id 
_struct_ref.db_name 
_struct_ref.db_code 
_struct_ref.pdbx_db_accession 
_struct_ref.pdbx_db_isoform 
_struct_ref.entity_id 
_struct_ref.pdbx_seq_one_letter_code 
_struct_ref.pdbx_align_begin 
1 UNP Q2G285_STAA8 Q2G285 ? 1 NSMMETLYLQQNPNNAEHLAQSIADLERGKTITKDIDV                                                      46 
2 UNP Q2G286_STAA8 Q2G286 ? 2 
;MARLNITFSPQAFEDYKYFQQNDKKMVKKINELLKSIDRNGALEGIGKPEKLKSNLTGYYSRRINHEHRLVYTVDDNHIK
IASCKYHY
;
1  
# 
loop_
_struct_ref_seq.align_id 
_struct_ref_seq.ref_id 
_struct_ref_seq.pdbx_PDB_id_code 
_struct_ref_seq.pdbx_strand_id 
_struct_ref_seq.seq_align_beg 
_struct_ref_seq.pdbx_seq_align_beg_ins_code 
_struct_ref_seq.seq_align_end 
_struct_ref_seq.pdbx_seq_align_end_ins_code 
_struct_ref_seq.pdbx_db_accession 
_struct_ref_seq.db_align_beg 
_struct_ref_seq.pdbx_db_align_beg_ins_code 
_struct_ref_seq.db_align_end 
_struct_ref_seq.pdbx_db_align_end_ins_code 
_struct_ref_seq.pdbx_auth_seq_align_beg 
_struct_ref_seq.pdbx_auth_seq_align_end 
1 1 6L8G A 1 ? 38 ? Q2G285 46 ? 83 ? 46 83 
2 2 6L8G B 1 ? 88 ? Q2G286 1  ? 88 ? 1  88 
# 
_pdbx_struct_assembly.id                   1 
_pdbx_struct_assembly.details              author_and_software_defined_assembly 
_pdbx_struct_assembly.method_details       PISA 
_pdbx_struct_assembly.oligomeric_details   dimeric 
_pdbx_struct_assembly.oligomeric_count     2 
# 
loop_
_pdbx_struct_assembly_prop.biol_id 
_pdbx_struct_assembly_prop.type 
_pdbx_struct_assembly_prop.value 
_pdbx_struct_assembly_prop.details 
1 'ABSA (A^2)' 3150 ? 
1 MORE         -17  ? 
1 'SSA (A^2)'  6720 ? 
# 
_pdbx_struct_assembly_gen.assembly_id       1 
_pdbx_struct_assembly_gen.oper_expression   1 
_pdbx_struct_assembly_gen.asym_id_list      A,B,C,D 
# 
_pdbx_struct_assembly_auth_evidence.id                     1 
_pdbx_struct_assembly_auth_evidence.assembly_id            1 
_pdbx_struct_assembly_auth_evidence.experimental_support   none 
_pdbx_struct_assembly_auth_evidence.details                ? 
# 
_pdbx_struct_oper_list.id                   1 
_pdbx_struct_oper_list.type                 'identity operation' 
_pdbx_struct_oper_list.name                 1_555 
_pdbx_struct_oper_list.symmetry_operation   x,y,z 
_pdbx_struct_oper_list.matrix[1][1]         1.0000000000 
_pdbx_struct_oper_list.matrix[1][2]         0.0000000000 
_pdbx_struct_oper_list.matrix[1][3]         0.0000000000 
_pdbx_struct_oper_list.vector[1]            0.0000000000 
_pdbx_struct_oper_list.matrix[2][1]         0.0000000000 
_pdbx_struct_oper_list.matrix[2][2]         1.0000000000 
_pdbx_struct_oper_list.matrix[2][3]         0.0000000000 
_pdbx_struct_oper_list.vector[2]            0.0000000000 
_pdbx_struct_oper_list.matrix[3][1]         0.0000000000 
_pdbx_struct_oper_list.matrix[3][2]         0.0000000000 
_pdbx_struct_oper_list.matrix[3][3]         1.0000000000 
_pdbx_struct_oper_list.vector[3]            0.0000000000 
# 
loop_
_struct_conf.conf_type_id 
_struct_conf.id 
_struct_conf.pdbx_PDB_helix_id 
_struct_conf.beg_label_comp_id 
_struct_conf.beg_label_asym_id 
_struct_conf.beg_label_seq_id 
_struct_conf.pdbx_beg_PDB_ins_code 
_struct_conf.end_label_comp_id 
_struct_conf.end_label_asym_id 
_struct_conf.end_label_seq_id 
_struct_conf.pdbx_end_PDB_ins_code 
_struct_conf.beg_auth_comp_id 
_struct_conf.beg_auth_asym_id 
_struct_conf.beg_auth_seq_id 
_struct_conf.end_auth_comp_id 
_struct_conf.end_auth_asym_id 
_struct_conf.end_auth_seq_id 
_struct_conf.pdbx_PDB_helix_class 
_struct_conf.details 
_struct_conf.pdbx_PDB_helix_length 
HELX_P HELX_P1 AA1 MET A 3  ? GLN A 11 ? MET A 48 GLN A 56 1 ? 9  
HELX_P HELX_P2 AA2 ASN A 12 ? GLY A 29 ? ASN A 57 GLY A 74 1 ? 18 
HELX_P HELX_P3 AA3 SER B 9  ? ASP B 23 ? SER B 9  ASP B 23 1 ? 15 
HELX_P HELX_P4 AA4 ASP B 23 ? GLY B 41 ? ASP B 23 GLY B 41 1 ? 19 
HELX_P HELX_P5 AA5 LYS B 53 ? THR B 57 ? LYS B 53 THR B 57 5 ? 5  
# 
_struct_conf_type.id          HELX_P 
_struct_conf_type.criteria    ? 
_struct_conf_type.reference   ? 
# 
_struct_sheet.id               AA1 
_struct_sheet.type             ? 
_struct_sheet.number_strands   6 
_struct_sheet.details          ? 
# 
loop_
_struct_sheet_order.sheet_id 
_struct_sheet_order.range_id_1 
_struct_sheet_order.range_id_2 
_struct_sheet_order.offset 
_struct_sheet_order.sense 
AA1 1 2 ? anti-parallel 
AA1 2 3 ? parallel      
AA1 3 4 ? anti-parallel 
AA1 4 5 ? anti-parallel 
AA1 5 6 ? anti-parallel 
# 
loop_
_struct_sheet_range.sheet_id 
_struct_sheet_range.id 
_struct_sheet_range.beg_label_comp_id 
_struct_sheet_range.beg_label_asym_id 
_struct_sheet_range.beg_label_seq_id 
_struct_sheet_range.pdbx_beg_PDB_ins_code 
_struct_sheet_range.end_label_comp_id 
_struct_sheet_range.end_label_asym_id 
_struct_sheet_range.end_label_seq_id 
_struct_sheet_range.pdbx_end_PDB_ins_code 
_struct_sheet_range.beg_auth_comp_id 
_struct_sheet_range.beg_auth_asym_id 
_struct_sheet_range.beg_auth_seq_id 
_struct_sheet_range.end_auth_comp_id 
_struct_sheet_range.end_auth_asym_id 
_struct_sheet_range.end_auth_seq_id 
AA1 1 ILE A 32 ? ASP A 37 ? ILE A 77 ASP A 82 
AA1 2 ARG B 3  ? PHE B 8  ? ARG B 3  PHE B 8  
AA1 3 HIS B 78 ? SER B 83 ? HIS B 78 SER B 83 
AA1 4 ARG B 69 ? ASP B 75 ? ARG B 69 ASP B 75 
AA1 5 TYR B 60 ? ARG B 63 ? TYR B 60 ARG B 63 
AA1 6 GLU B 50 ? LYS B 51 ? GLU B 50 LYS B 51 
# 
loop_
_pdbx_struct_sheet_hbond.sheet_id 
_pdbx_struct_sheet_hbond.range_id_1 
_pdbx_struct_sheet_hbond.range_id_2 
_pdbx_struct_sheet_hbond.range_1_label_atom_id 
_pdbx_struct_sheet_hbond.range_1_label_comp_id 
_pdbx_struct_sheet_hbond.range_1_label_asym_id 
_pdbx_struct_sheet_hbond.range_1_label_seq_id 
_pdbx_struct_sheet_hbond.range_1_PDB_ins_code 
_pdbx_struct_sheet_hbond.range_1_auth_atom_id 
_pdbx_struct_sheet_hbond.range_1_auth_comp_id 
_pdbx_struct_sheet_hbond.range_1_auth_asym_id 
_pdbx_struct_sheet_hbond.range_1_auth_seq_id 
_pdbx_struct_sheet_hbond.range_2_label_atom_id 
_pdbx_struct_sheet_hbond.range_2_label_comp_id 
_pdbx_struct_sheet_hbond.range_2_label_asym_id 
_pdbx_struct_sheet_hbond.range_2_label_seq_id 
_pdbx_struct_sheet_hbond.range_2_PDB_ins_code 
_pdbx_struct_sheet_hbond.range_2_auth_atom_id 
_pdbx_struct_sheet_hbond.range_2_auth_comp_id 
_pdbx_struct_sheet_hbond.range_2_auth_asym_id 
_pdbx_struct_sheet_hbond.range_2_auth_seq_id 
AA1 1 2 N ILE A 32 ? N ILE A 77 O PHE B 8  ? O PHE B 8  
AA1 2 3 N THR B 7  ? N THR B 7  O ILE B 81 ? O ILE B 81 
AA1 3 4 O LYS B 80 ? O LYS B 80 N THR B 73 ? N THR B 73 
AA1 4 5 O LEU B 70 ? O LEU B 70 N ARG B 62 ? N ARG B 62 
AA1 5 6 O SER B 61 ? O SER B 61 N GLU B 50 ? N GLU B 50 
# 
loop_
_pdbx_validate_torsion.id 
_pdbx_validate_torsion.PDB_model_num 
_pdbx_validate_torsion.auth_comp_id 
_pdbx_validate_torsion.auth_asym_id 
_pdbx_validate_torsion.auth_seq_id 
_pdbx_validate_torsion.PDB_ins_code 
_pdbx_validate_torsion.label_alt_id 
_pdbx_validate_torsion.phi 
_pdbx_validate_torsion.psi 
1 1 ASP B 23 ? ? -155.88 81.48   
2 1 LYS B 53 ? ? -118.71 -169.39 
3 1 SER B 54 ? ? 57.53   -143.90 
# 
loop_
_space_group_symop.id 
_space_group_symop.operation_xyz 
1 x,y,z           
2 x+1/2,-y+1/2,-z 
3 -x,y+1/2,-z+1/2 
4 -x+1/2,-y,z+1/2 
# 
_pdbx_distant_solvent_atoms.id                                1 
_pdbx_distant_solvent_atoms.PDB_model_num                     1 
_pdbx_distant_solvent_atoms.auth_atom_id                      O 
_pdbx_distant_solvent_atoms.label_alt_id                      ? 
_pdbx_distant_solvent_atoms.auth_asym_id                      A 
_pdbx_distant_solvent_atoms.auth_comp_id                      HOH 
_pdbx_distant_solvent_atoms.auth_seq_id                       163 
_pdbx_distant_solvent_atoms.PDB_ins_code                      ? 
_pdbx_distant_solvent_atoms.neighbor_macromolecule_distance   6.42 
_pdbx_distant_solvent_atoms.neighbor_ligand_distance          . 
# 
_pdbx_unobs_or_zero_occ_residues.id               1 
_pdbx_unobs_or_zero_occ_residues.PDB_model_num    1 
_pdbx_unobs_or_zero_occ_residues.polymer_flag     Y 
_pdbx_unobs_or_zero_occ_residues.occupancy_flag   1 
_pdbx_unobs_or_zero_occ_residues.auth_asym_id     B 
_pdbx_unobs_or_zero_occ_residues.auth_comp_id     MET 
_pdbx_unobs_or_zero_occ_residues.auth_seq_id      1 
_pdbx_unobs_or_zero_occ_residues.PDB_ins_code     ? 
_pdbx_unobs_or_zero_occ_residues.label_asym_id    B 
_pdbx_unobs_or_zero_occ_residues.label_comp_id    MET 
_pdbx_unobs_or_zero_occ_residues.label_seq_id     1 
# 
loop_
_chem_comp_atom.comp_id 
_chem_comp_atom.atom_id 
_chem_comp_atom.type_symbol 
_chem_comp_atom.pdbx_aromatic_flag 
_chem_comp_atom.pdbx_stereo_config 
_chem_comp_atom.pdbx_ordinal 
ALA N    N N N 1   
ALA CA   C N S 2   
ALA C    C N N 3   
ALA O    O N N 4   
ALA CB   C N N 5   
ALA OXT  O N N 6   
ALA H    H N N 7   
ALA H2   H N N 8   
ALA HA   H N N 9   
ALA HB1  H N N 10  
ALA HB2  H N N 11  
ALA HB3  H N N 12  
ALA HXT  H N N 13  
ARG N    N N N 14  
ARG CA   C N S 15  
ARG C    C N N 16  
ARG O    O N N 17  
ARG CB   C N N 18  
ARG CG   C N N 19  
ARG CD   C N N 20  
ARG NE   N N N 21  
ARG CZ   C N N 22  
ARG NH1  N N N 23  
ARG NH2  N N N 24  
ARG OXT  O N N 25  
ARG H    H N N 26  
ARG H2   H N N 27  
ARG HA   H N N 28  
ARG HB2  H N N 29  
ARG HB3  H N N 30  
ARG HG2  H N N 31  
ARG HG3  H N N 32  
ARG HD2  H N N 33  
ARG HD3  H N N 34  
ARG HE   H N N 35  
ARG HH11 H N N 36  
ARG HH12 H N N 37  
ARG HH21 H N N 38  
ARG HH22 H N N 39  
ARG HXT  H N N 40  
ASN N    N N N 41  
ASN CA   C N S 42  
ASN C    C N N 43  
ASN O    O N N 44  
ASN CB   C N N 45  
ASN CG   C N N 46  
ASN OD1  O N N 47  
ASN ND2  N N N 48  
ASN OXT  O N N 49  
ASN H    H N N 50  
ASN H2   H N N 51  
ASN HA   H N N 52  
ASN HB2  H N N 53  
ASN HB3  H N N 54  
ASN HD21 H N N 55  
ASN HD22 H N N 56  
ASN HXT  H N N 57  
ASP N    N N N 58  
ASP CA   C N S 59  
ASP C    C N N 60  
ASP O    O N N 61  
ASP CB   C N N 62  
ASP CG   C N N 63  
ASP OD1  O N N 64  
ASP OD2  O N N 65  
ASP OXT  O N N 66  
ASP H    H N N 67  
ASP H2   H N N 68  
ASP HA   H N N 69  
ASP HB2  H N N 70  
ASP HB3  H N N 71  
ASP HD2  H N N 72  
ASP HXT  H N N 73  
CYS N    N N N 74  
CYS CA   C N R 75  
CYS C    C N N 76  
CYS O    O N N 77  
CYS CB   C N N 78  
CYS SG   S N N 79  
CYS OXT  O N N 80  
CYS H    H N N 81  
CYS H2   H N N 82  
CYS HA   H N N 83  
CYS HB2  H N N 84  
CYS HB3  H N N 85  
CYS HG   H N N 86  
CYS HXT  H N N 87  
GLN N    N N N 88  
GLN CA   C N S 89  
GLN C    C N N 90  
GLN O    O N N 91  
GLN CB   C N N 92  
GLN CG   C N N 93  
GLN CD   C N N 94  
GLN OE1  O N N 95  
GLN NE2  N N N 96  
GLN OXT  O N N 97  
GLN H    H N N 98  
GLN H2   H N N 99  
GLN HA   H N N 100 
GLN HB2  H N N 101 
GLN HB3  H N N 102 
GLN HG2  H N N 103 
GLN HG3  H N N 104 
GLN HE21 H N N 105 
GLN HE22 H N N 106 
GLN HXT  H N N 107 
GLU N    N N N 108 
GLU CA   C N S 109 
GLU C    C N N 110 
GLU O    O N N 111 
GLU CB   C N N 112 
GLU CG   C N N 113 
GLU CD   C N N 114 
GLU OE1  O N N 115 
GLU OE2  O N N 116 
GLU OXT  O N N 117 
GLU H    H N N 118 
GLU H2   H N N 119 
GLU HA   H N N 120 
GLU HB2  H N N 121 
GLU HB3  H N N 122 
GLU HG2  H N N 123 
GLU HG3  H N N 124 
GLU HE2  H N N 125 
GLU HXT  H N N 126 
GLY N    N N N 127 
GLY CA   C N N 128 
GLY C    C N N 129 
GLY O    O N N 130 
GLY OXT  O N N 131 
GLY H    H N N 132 
GLY H2   H N N 133 
GLY HA2  H N N 134 
GLY HA3  H N N 135 
GLY HXT  H N N 136 
HIS N    N N N 137 
HIS CA   C N S 138 
HIS C    C N N 139 
HIS O    O N N 140 
HIS CB   C N N 141 
HIS CG   C Y N 142 
HIS ND1  N Y N 143 
HIS CD2  C Y N 144 
HIS CE1  C Y N 145 
HIS NE2  N Y N 146 
HIS OXT  O N N 147 
HIS H    H N N 148 
HIS H2   H N N 149 
HIS HA   H N N 150 
HIS HB2  H N N 151 
HIS HB3  H N N 152 
HIS HD1  H N N 153 
HIS HD2  H N N 154 
HIS HE1  H N N 155 
HIS HE2  H N N 156 
HIS HXT  H N N 157 
HOH O    O N N 158 
HOH H1   H N N 159 
HOH H2   H N N 160 
ILE N    N N N 161 
ILE CA   C N S 162 
ILE C    C N N 163 
ILE O    O N N 164 
ILE CB   C N S 165 
ILE CG1  C N N 166 
ILE CG2  C N N 167 
ILE CD1  C N N 168 
ILE OXT  O N N 169 
ILE H    H N N 170 
ILE H2   H N N 171 
ILE HA   H N N 172 
ILE HB   H N N 173 
ILE HG12 H N N 174 
ILE HG13 H N N 175 
ILE HG21 H N N 176 
ILE HG22 H N N 177 
ILE HG23 H N N 178 
ILE HD11 H N N 179 
ILE HD12 H N N 180 
ILE HD13 H N N 181 
ILE HXT  H N N 182 
LEU N    N N N 183 
LEU CA   C N S 184 
LEU C    C N N 185 
LEU O    O N N 186 
LEU CB   C N N 187 
LEU CG   C N N 188 
LEU CD1  C N N 189 
LEU CD2  C N N 190 
LEU OXT  O N N 191 
LEU H    H N N 192 
LEU H2   H N N 193 
LEU HA   H N N 194 
LEU HB2  H N N 195 
LEU HB3  H N N 196 
LEU HG   H N N 197 
LEU HD11 H N N 198 
LEU HD12 H N N 199 
LEU HD13 H N N 200 
LEU HD21 H N N 201 
LEU HD22 H N N 202 
LEU HD23 H N N 203 
LEU HXT  H N N 204 
LYS N    N N N 205 
LYS CA   C N S 206 
LYS C    C N N 207 
LYS O    O N N 208 
LYS CB   C N N 209 
LYS CG   C N N 210 
LYS CD   C N N 211 
LYS CE   C N N 212 
LYS NZ   N N N 213 
LYS OXT  O N N 214 
LYS H    H N N 215 
LYS H2   H N N 216 
LYS HA   H N N 217 
LYS HB2  H N N 218 
LYS HB3  H N N 219 
LYS HG2  H N N 220 
LYS HG3  H N N 221 
LYS HD2  H N N 222 
LYS HD3  H N N 223 
LYS HE2  H N N 224 
LYS HE3  H N N 225 
LYS HZ1  H N N 226 
LYS HZ2  H N N 227 
LYS HZ3  H N N 228 
LYS HXT  H N N 229 
MET N    N N N 230 
MET CA   C N S 231 
MET C    C N N 232 
MET O    O N N 233 
MET CB   C N N 234 
MET CG   C N N 235 
MET SD   S N N 236 
MET CE   C N N 237 
MET OXT  O N N 238 
MET H    H N N 239 
MET H2   H N N 240 
MET HA   H N N 241 
MET HB2  H N N 242 
MET HB3  H N N 243 
MET HG2  H N N 244 
MET HG3  H N N 245 
MET HE1  H N N 246 
MET HE2  H N N 247 
MET HE3  H N N 248 
MET HXT  H N N 249 
PHE N    N N N 250 
PHE CA   C N S 251 
PHE C    C N N 252 
PHE O    O N N 253 
PHE CB   C N N 254 
PHE CG   C Y N 255 
PHE CD1  C Y N 256 
PHE CD2  C Y N 257 
PHE CE1  C Y N 258 
PHE CE2  C Y N 259 
PHE CZ   C Y N 260 
PHE OXT  O N N 261 
PHE H    H N N 262 
PHE H2   H N N 263 
PHE HA   H N N 264 
PHE HB2  H N N 265 
PHE HB3  H N N 266 
PHE HD1  H N N 267 
PHE HD2  H N N 268 
PHE HE1  H N N 269 
PHE HE2  H N N 270 
PHE HZ   H N N 271 
PHE HXT  H N N 272 
PRO N    N N N 273 
PRO CA   C N S 274 
PRO C    C N N 275 
PRO O    O N N 276 
PRO CB   C N N 277 
PRO CG   C N N 278 
PRO CD   C N N 279 
PRO OXT  O N N 280 
PRO H    H N N 281 
PRO HA   H N N 282 
PRO HB2  H N N 283 
PRO HB3  H N N 284 
PRO HG2  H N N 285 
PRO HG3  H N N 286 
PRO HD2  H N N 287 
PRO HD3  H N N 288 
PRO HXT  H N N 289 
SER N    N N N 290 
SER CA   C N S 291 
SER C    C N N 292 
SER O    O N N 293 
SER CB   C N N 294 
SER OG   O N N 295 
SER OXT  O N N 296 
SER H    H N N 297 
SER H2   H N N 298 
SER HA   H N N 299 
SER HB2  H N N 300 
SER HB3  H N N 301 
SER HG   H N N 302 
SER HXT  H N N 303 
THR N    N N N 304 
THR CA   C N S 305 
THR C    C N N 306 
THR O    O N N 307 
THR CB   C N R 308 
THR OG1  O N N 309 
THR CG2  C N N 310 
THR OXT  O N N 311 
THR H    H N N 312 
THR H2   H N N 313 
THR HA   H N N 314 
THR HB   H N N 315 
THR HG1  H N N 316 
THR HG21 H N N 317 
THR HG22 H N N 318 
THR HG23 H N N 319 
THR HXT  H N N 320 
TYR N    N N N 321 
TYR CA   C N S 322 
TYR C    C N N 323 
TYR O    O N N 324 
TYR CB   C N N 325 
TYR CG   C Y N 326 
TYR CD1  C Y N 327 
TYR CD2  C Y N 328 
TYR CE1  C Y N 329 
TYR CE2  C Y N 330 
TYR CZ   C Y N 331 
TYR OH   O N N 332 
TYR OXT  O N N 333 
TYR H    H N N 334 
TYR H2   H N N 335 
TYR HA   H N N 336 
TYR HB2  H N N 337 
TYR HB3  H N N 338 
TYR HD1  H N N 339 
TYR HD2  H N N 340 
TYR HE1  H N N 341 
TYR HE2  H N N 342 
TYR HH   H N N 343 
TYR HXT  H N N 344 
VAL N    N N N 345 
VAL CA   C N S 346 
VAL C    C N N 347 
VAL O    O N N 348 
VAL CB   C N N 349 
VAL CG1  C N N 350 
VAL CG2  C N N 351 
VAL OXT  O N N 352 
VAL H    H N N 353 
VAL H2   H N N 354 
VAL HA   H N N 355 
VAL HB   H N N 356 
VAL HG11 H N N 357 
VAL HG12 H N N 358 
VAL HG13 H N N 359 
VAL HG21 H N N 360 
VAL HG22 H N N 361 
VAL HG23 H N N 362 
VAL HXT  H N N 363 
# 
loop_
_chem_comp_bond.comp_id 
_chem_comp_bond.atom_id_1 
_chem_comp_bond.atom_id_2 
_chem_comp_bond.value_order 
_chem_comp_bond.pdbx_aromatic_flag 
_chem_comp_bond.pdbx_stereo_config 
_chem_comp_bond.pdbx_ordinal 
ALA N   CA   sing N N 1   
ALA N   H    sing N N 2   
ALA N   H2   sing N N 3   
ALA CA  C    sing N N 4   
ALA CA  CB   sing N N 5   
ALA CA  HA   sing N N 6   
ALA C   O    doub N N 7   
ALA C   OXT  sing N N 8   
ALA CB  HB1  sing N N 9   
ALA CB  HB2  sing N N 10  
ALA CB  HB3  sing N N 11  
ALA OXT HXT  sing N N 12  
ARG N   CA   sing N N 13  
ARG N   H    sing N N 14  
ARG N   H2   sing N N 15  
ARG CA  C    sing N N 16  
ARG CA  CB   sing N N 17  
ARG CA  HA   sing N N 18  
ARG C   O    doub N N 19  
ARG C   OXT  sing N N 20  
ARG CB  CG   sing N N 21  
ARG CB  HB2  sing N N 22  
ARG CB  HB3  sing N N 23  
ARG CG  CD   sing N N 24  
ARG CG  HG2  sing N N 25  
ARG CG  HG3  sing N N 26  
ARG CD  NE   sing N N 27  
ARG CD  HD2  sing N N 28  
ARG CD  HD3  sing N N 29  
ARG NE  CZ   sing N N 30  
ARG NE  HE   sing N N 31  
ARG CZ  NH1  sing N N 32  
ARG CZ  NH2  doub N N 33  
ARG NH1 HH11 sing N N 34  
ARG NH1 HH12 sing N N 35  
ARG NH2 HH21 sing N N 36  
ARG NH2 HH22 sing N N 37  
ARG OXT HXT  sing N N 38  
ASN N   CA   sing N N 39  
ASN N   H    sing N N 40  
ASN N   H2   sing N N 41  
ASN CA  C    sing N N 42  
ASN CA  CB   sing N N 43  
ASN CA  HA   sing N N 44  
ASN C   O    doub N N 45  
ASN C   OXT  sing N N 46  
ASN CB  CG   sing N N 47  
ASN CB  HB2  sing N N 48  
ASN CB  HB3  sing N N 49  
ASN CG  OD1  doub N N 50  
ASN CG  ND2  sing N N 51  
ASN ND2 HD21 sing N N 52  
ASN ND2 HD22 sing N N 53  
ASN OXT HXT  sing N N 54  
ASP N   CA   sing N N 55  
ASP N   H    sing N N 56  
ASP N   H2   sing N N 57  
ASP CA  C    sing N N 58  
ASP CA  CB   sing N N 59  
ASP CA  HA   sing N N 60  
ASP C   O    doub N N 61  
ASP C   OXT  sing N N 62  
ASP CB  CG   sing N N 63  
ASP CB  HB2  sing N N 64  
ASP CB  HB3  sing N N 65  
ASP CG  OD1  doub N N 66  
ASP CG  OD2  sing N N 67  
ASP OD2 HD2  sing N N 68  
ASP OXT HXT  sing N N 69  
CYS N   CA   sing N N 70  
CYS N   H    sing N N 71  
CYS N   H2   sing N N 72  
CYS CA  C    sing N N 73  
CYS CA  CB   sing N N 74  
CYS CA  HA   sing N N 75  
CYS C   O    doub N N 76  
CYS C   OXT  sing N N 77  
CYS CB  SG   sing N N 78  
CYS CB  HB2  sing N N 79  
CYS CB  HB3  sing N N 80  
CYS SG  HG   sing N N 81  
CYS OXT HXT  sing N N 82  
GLN N   CA   sing N N 83  
GLN N   H    sing N N 84  
GLN N   H2   sing N N 85  
GLN CA  C    sing N N 86  
GLN CA  CB   sing N N 87  
GLN CA  HA   sing N N 88  
GLN C   O    doub N N 89  
GLN C   OXT  sing N N 90  
GLN CB  CG   sing N N 91  
GLN CB  HB2  sing N N 92  
GLN CB  HB3  sing N N 93  
GLN CG  CD   sing N N 94  
GLN CG  HG2  sing N N 95  
GLN CG  HG3  sing N N 96  
GLN CD  OE1  doub N N 97  
GLN CD  NE2  sing N N 98  
GLN NE2 HE21 sing N N 99  
GLN NE2 HE22 sing N N 100 
GLN OXT HXT  sing N N 101 
GLU N   CA   sing N N 102 
GLU N   H    sing N N 103 
GLU N   H2   sing N N 104 
GLU CA  C    sing N N 105 
GLU CA  CB   sing N N 106 
GLU CA  HA   sing N N 107 
GLU C   O    doub N N 108 
GLU C   OXT  sing N N 109 
GLU CB  CG   sing N N 110 
GLU CB  HB2  sing N N 111 
GLU CB  HB3  sing N N 112 
GLU CG  CD   sing N N 113 
GLU CG  HG2  sing N N 114 
GLU CG  HG3  sing N N 115 
GLU CD  OE1  doub N N 116 
GLU CD  OE2  sing N N 117 
GLU OE2 HE2  sing N N 118 
GLU OXT HXT  sing N N 119 
GLY N   CA   sing N N 120 
GLY N   H    sing N N 121 
GLY N   H2   sing N N 122 
GLY CA  C    sing N N 123 
GLY CA  HA2  sing N N 124 
GLY CA  HA3  sing N N 125 
GLY C   O    doub N N 126 
GLY C   OXT  sing N N 127 
GLY OXT HXT  sing N N 128 
HIS N   CA   sing N N 129 
HIS N   H    sing N N 130 
HIS N   H2   sing N N 131 
HIS CA  C    sing N N 132 
HIS CA  CB   sing N N 133 
HIS CA  HA   sing N N 134 
HIS C   O    doub N N 135 
HIS C   OXT  sing N N 136 
HIS CB  CG   sing N N 137 
HIS CB  HB2  sing N N 138 
HIS CB  HB3  sing N N 139 
HIS CG  ND1  sing Y N 140 
HIS CG  CD2  doub Y N 141 
HIS ND1 CE1  doub Y N 142 
HIS ND1 HD1  sing N N 143 
HIS CD2 NE2  sing Y N 144 
HIS CD2 HD2  sing N N 145 
HIS CE1 NE2  sing Y N 146 
HIS CE1 HE1  sing N N 147 
HIS NE2 HE2  sing N N 148 
HIS OXT HXT  sing N N 149 
HOH O   H1   sing N N 150 
HOH O   H2   sing N N 151 
ILE N   CA   sing N N 152 
ILE N   H    sing N N 153 
ILE N   H2   sing N N 154 
ILE CA  C    sing N N 155 
ILE CA  CB   sing N N 156 
ILE CA  HA   sing N N 157 
ILE C   O    doub N N 158 
ILE C   OXT  sing N N 159 
ILE CB  CG1  sing N N 160 
ILE CB  CG2  sing N N 161 
ILE CB  HB   sing N N 162 
ILE CG1 CD1  sing N N 163 
ILE CG1 HG12 sing N N 164 
ILE CG1 HG13 sing N N 165 
ILE CG2 HG21 sing N N 166 
ILE CG2 HG22 sing N N 167 
ILE CG2 HG23 sing N N 168 
ILE CD1 HD11 sing N N 169 
ILE CD1 HD12 sing N N 170 
ILE CD1 HD13 sing N N 171 
ILE OXT HXT  sing N N 172 
LEU N   CA   sing N N 173 
LEU N   H    sing N N 174 
LEU N   H2   sing N N 175 
LEU CA  C    sing N N 176 
LEU CA  CB   sing N N 177 
LEU CA  HA   sing N N 178 
LEU C   O    doub N N 179 
LEU C   OXT  sing N N 180 
LEU CB  CG   sing N N 181 
LEU CB  HB2  sing N N 182 
LEU CB  HB3  sing N N 183 
LEU CG  CD1  sing N N 184 
LEU CG  CD2  sing N N 185 
LEU CG  HG   sing N N 186 
LEU CD1 HD11 sing N N 187 
LEU CD1 HD12 sing N N 188 
LEU CD1 HD13 sing N N 189 
LEU CD2 HD21 sing N N 190 
LEU CD2 HD22 sing N N 191 
LEU CD2 HD23 sing N N 192 
LEU OXT HXT  sing N N 193 
LYS N   CA   sing N N 194 
LYS N   H    sing N N 195 
LYS N   H2   sing N N 196 
LYS CA  C    sing N N 197 
LYS CA  CB   sing N N 198 
LYS CA  HA   sing N N 199 
LYS C   O    doub N N 200 
LYS C   OXT  sing N N 201 
LYS CB  CG   sing N N 202 
LYS CB  HB2  sing N N 203 
LYS CB  HB3  sing N N 204 
LYS CG  CD   sing N N 205 
LYS CG  HG2  sing N N 206 
LYS CG  HG3  sing N N 207 
LYS CD  CE   sing N N 208 
LYS CD  HD2  sing N N 209 
LYS CD  HD3  sing N N 210 
LYS CE  NZ   sing N N 211 
LYS CE  HE2  sing N N 212 
LYS CE  HE3  sing N N 213 
LYS NZ  HZ1  sing N N 214 
LYS NZ  HZ2  sing N N 215 
LYS NZ  HZ3  sing N N 216 
LYS OXT HXT  sing N N 217 
MET N   CA   sing N N 218 
MET N   H    sing N N 219 
MET N   H2   sing N N 220 
MET CA  C    sing N N 221 
MET CA  CB   sing N N 222 
MET CA  HA   sing N N 223 
MET C   O    doub N N 224 
MET C   OXT  sing N N 225 
MET CB  CG   sing N N 226 
MET CB  HB2  sing N N 227 
MET CB  HB3  sing N N 228 
MET CG  SD   sing N N 229 
MET CG  HG2  sing N N 230 
MET CG  HG3  sing N N 231 
MET SD  CE   sing N N 232 
MET CE  HE1  sing N N 233 
MET CE  HE2  sing N N 234 
MET CE  HE3  sing N N 235 
MET OXT HXT  sing N N 236 
PHE N   CA   sing N N 237 
PHE N   H    sing N N 238 
PHE N   H2   sing N N 239 
PHE CA  C    sing N N 240 
PHE CA  CB   sing N N 241 
PHE CA  HA   sing N N 242 
PHE C   O    doub N N 243 
PHE C   OXT  sing N N 244 
PHE CB  CG   sing N N 245 
PHE CB  HB2  sing N N 246 
PHE CB  HB3  sing N N 247 
PHE CG  CD1  doub Y N 248 
PHE CG  CD2  sing Y N 249 
PHE CD1 CE1  sing Y N 250 
PHE CD1 HD1  sing N N 251 
PHE CD2 CE2  doub Y N 252 
PHE CD2 HD2  sing N N 253 
PHE CE1 CZ   doub Y N 254 
PHE CE1 HE1  sing N N 255 
PHE CE2 CZ   sing Y N 256 
PHE CE2 HE2  sing N N 257 
PHE CZ  HZ   sing N N 258 
PHE OXT HXT  sing N N 259 
PRO N   CA   sing N N 260 
PRO N   CD   sing N N 261 
PRO N   H    sing N N 262 
PRO CA  C    sing N N 263 
PRO CA  CB   sing N N 264 
PRO CA  HA   sing N N 265 
PRO C   O    doub N N 266 
PRO C   OXT  sing N N 267 
PRO CB  CG   sing N N 268 
PRO CB  HB2  sing N N 269 
PRO CB  HB3  sing N N 270 
PRO CG  CD   sing N N 271 
PRO CG  HG2  sing N N 272 
PRO CG  HG3  sing N N 273 
PRO CD  HD2  sing N N 274 
PRO CD  HD3  sing N N 275 
PRO OXT HXT  sing N N 276 
SER N   CA   sing N N 277 
SER N   H    sing N N 278 
SER N   H2   sing N N 279 
SER CA  C    sing N N 280 
SER CA  CB   sing N N 281 
SER CA  HA   sing N N 282 
SER C   O    doub N N 283 
SER C   OXT  sing N N 284 
SER CB  OG   sing N N 285 
SER CB  HB2  sing N N 286 
SER CB  HB3  sing N N 287 
SER OG  HG   sing N N 288 
SER OXT HXT  sing N N 289 
THR N   CA   sing N N 290 
THR N   H    sing N N 291 
THR N   H2   sing N N 292 
THR CA  C    sing N N 293 
THR CA  CB   sing N N 294 
THR CA  HA   sing N N 295 
THR C   O    doub N N 296 
THR C   OXT  sing N N 297 
THR CB  OG1  sing N N 298 
THR CB  CG2  sing N N 299 
THR CB  HB   sing N N 300 
THR OG1 HG1  sing N N 301 
THR CG2 HG21 sing N N 302 
THR CG2 HG22 sing N N 303 
THR CG2 HG23 sing N N 304 
THR OXT HXT  sing N N 305 
TYR N   CA   sing N N 306 
TYR N   H    sing N N 307 
TYR N   H2   sing N N 308 
TYR CA  C    sing N N 309 
TYR CA  CB   sing N N 310 
TYR CA  HA   sing N N 311 
TYR C   O    doub N N 312 
TYR C   OXT  sing N N 313 
TYR CB  CG   sing N N 314 
TYR CB  HB2  sing N N 315 
TYR CB  HB3  sing N N 316 
TYR CG  CD1  doub Y N 317 
TYR CG  CD2  sing Y N 318 
TYR CD1 CE1  sing Y N 319 
TYR CD1 HD1  sing N N 320 
TYR CD2 CE2  doub Y N 321 
TYR CD2 HD2  sing N N 322 
TYR CE1 CZ   doub Y N 323 
TYR CE1 HE1  sing N N 324 
TYR CE2 CZ   sing Y N 325 
TYR CE2 HE2  sing N N 326 
TYR CZ  OH   sing N N 327 
TYR OH  HH   sing N N 328 
TYR OXT HXT  sing N N 329 
VAL N   CA   sing N N 330 
VAL N   H    sing N N 331 
VAL N   H2   sing N N 332 
VAL CA  C    sing N N 333 
VAL CA  CB   sing N N 334 
VAL CA  HA   sing N N 335 
VAL C   O    doub N N 336 
VAL C   OXT  sing N N 337 
VAL CB  CG1  sing N N 338 
VAL CB  CG2  sing N N 339 
VAL CB  HB   sing N N 340 
VAL CG1 HG11 sing N N 341 
VAL CG1 HG12 sing N N 342 
VAL CG1 HG13 sing N N 343 
VAL CG2 HG21 sing N N 344 
VAL CG2 HG22 sing N N 345 
VAL CG2 HG23 sing N N 346 
VAL OXT HXT  sing N N 347 
# 
_pdbx_audit_support.funding_organization   'National Natural Science Foundation of China' 
_pdbx_audit_support.country                China 
_pdbx_audit_support.grant_number           'U1632124 to L.N.' 
_pdbx_audit_support.ordinal                1 
# 
_space_group.name_H-M_alt     'P 21 21 21' 
_space_group.name_Hall        'P 2ac 2ab' 
_space_group.IT_number        19 
_space_group.crystal_system   orthorhombic 
_space_group.id               1 
# 
_atom_sites.entry_id                    6L8G 
_atom_sites.Cartn_transf_matrix[1][1]   ? 
_atom_sites.Cartn_transf_matrix[1][2]   ? 
_atom_sites.Cartn_transf_matrix[1][3]   ? 
_atom_sites.Cartn_transf_matrix[2][1]   ? 
_atom_sites.Cartn_transf_matrix[2][2]   ? 
_atom_sites.Cartn_transf_matrix[2][3]   ? 
_atom_sites.Cartn_transf_matrix[3][1]   ? 
_atom_sites.Cartn_transf_matrix[3][2]   ? 
_atom_sites.Cartn_transf_matrix[3][3]   ? 
_atom_sites.Cartn_transf_vector[1]      ? 
_atom_sites.Cartn_transf_vector[2]      ? 
_atom_sites.Cartn_transf_vector[3]      ? 
_atom_sites.fract_transf_matrix[1][1]   -0.01978018 
_atom_sites.fract_transf_matrix[1][2]   0.00223576 
_atom_sites.fract_transf_matrix[1][3]   -0.02511230 
_atom_sites.fract_transf_matrix[2][1]   0.01272337 
_atom_sites.fract_transf_matrix[2][2]   -0.00496953 
_atom_sites.fract_transf_matrix[2][3]   -0.01046425 
_atom_sites.fract_transf_matrix[3][1]   -0.00409719 
_atom_sites.fract_transf_matrix[3][2]   -0.01455655 
_atom_sites.fract_transf_matrix[3][3]   0.00193126 
_atom_sites.fract_transf_vector[1]      -0.215352 
_atom_sites.fract_transf_vector[2]      0.056560 
_atom_sites.fract_transf_vector[3]      -0.252331 
_atom_sites.solution_primary            ? 
_atom_sites.solution_secondary          ? 
_atom_sites.solution_hydrogens          ? 
_atom_sites.special_details             ? 
# 
loop_
_atom_type.symbol 
_atom_type.scat_dispersion_real 
_atom_type.scat_dispersion_imag 
_atom_type.scat_Cromer_Mann_a1 
_atom_type.scat_Cromer_Mann_a2 
_atom_type.scat_Cromer_Mann_a3 
_atom_type.scat_Cromer_Mann_b1 
_atom_type.scat_Cromer_Mann_b2 
_atom_type.scat_Cromer_Mann_b3 
_atom_type.scat_Cromer_Mann_c 
_atom_type.scat_source 
_atom_type.scat_dispersion_source 
C   ? ? 2.51340 1.74867 1.72398 31.80534 0.44561  10.58317 0.0 
;3-Gaussian fit: Grosse-Kunstleve RW, Sauter NK, Adams PD: Newsletter of the IUCr Commission on Crystallographic Computing 2004, 3, 22-31.
;
? 
N   ? ? 2.99955 2.25584 1.72788 23.27268 7.45433  0.31622  0.0 
;3-Gaussian fit: Grosse-Kunstleve RW, Sauter NK, Adams PD: Newsletter of the IUCr Commission on Crystallographic Computing 2004, 3, 22-31.
;
? 
O   ? ? 4.49882 3.47563 ?       15.80542 1.70748  ?        0.0 
;2-Gaussian fit: Grosse-Kunstleve RW, Sauter NK, Adams PD: Newsletter of the IUCr Commission on Crystallographic Computing 2004, 3, 22-31.
;
? 
O1- ? ? 4.31557 2.79156 1.86576 8.03600  32.36470 0.29580  0.0 
;3-Gaussian fit: Grosse-Kunstleve RW, Sauter NK, Adams PD: Newsletter of the IUCr Commission on Crystallographic Computing 2004, 3, 22-31.
;
? 
S   ? ? 9.55732 6.39887 ?       1.23737  29.19336 ?        0.0 
;2-Gaussian fit: Grosse-Kunstleve RW, Sauter NK, Adams PD: Newsletter of the IUCr Commission on Crystallographic Computing 2004, 3, 22-31.
;
? 
# 
loop_
_atom_site.group_PDB 
_atom_site.id 
_atom_site.type_symbol 
_atom_site.label_atom_id 
_atom_site.label_alt_id 
_atom_site.label_comp_id 
_atom_site.label_asym_id 
_atom_site.label_entity_id 
_atom_site.label_seq_id 
_atom_site.pdbx_PDB_ins_code 
_atom_site.Cartn_x 
_atom_site.Cartn_y 
_atom_site.Cartn_z 
_atom_site.occupancy 
_atom_site.B_iso_or_equiv 
_atom_site.pdbx_formal_charge 
_atom_site.auth_seq_id 
_atom_site.auth_comp_id 
_atom_site.auth_asym_id 
_atom_site.auth_atom_id 
_atom_site.pdbx_PDB_model_num 
ATOM   1    C C   . ASN A 1 1  ? 3.90893   11.17128  -14.96897 1.000 25.67851 ?  46  ASN A C   1 
ATOM   2    O O   . ASN A 1 1  ? 2.86777   11.74945  -14.65681 1.000 24.45226 ?  46  ASN A O   1 
ATOM   3    N N   . SER A 1 2  ? 5.11277   11.58800  -14.57122 1.000 26.22407 ?  47  SER A N   1 
ATOM   4    C CA  . SER A 1 2  ? 5.64273   11.21831  -13.26357 1.000 25.58762 ?  47  SER A CA  1 
ATOM   5    C C   . SER A 1 2  ? 4.73522   11.65321  -12.11842 1.000 23.45980 ?  47  SER A C   1 
ATOM   6    O O   . SER A 1 2  ? 4.85749   11.12569  -11.00875 1.000 23.71072 ?  47  SER A O   1 
ATOM   7    C CB  . SER A 1 2  ? 7.02973   11.83817  -13.07860 1.000 27.41587 ?  47  SER A CB  1 
ATOM   8    O OG  . SER A 1 2  ? 7.07998   13.13951  -13.63675 1.000 29.29764 ?  47  SER A OG  1 
ATOM   9    N N   . MET A 1 3  ? 3.82789   12.59731  -12.36026 1.000 21.77110 ?  48  MET A N   1 
ATOM   10   C CA  . MET A 1 3  ? 2.96264   13.16158  -11.33313 1.000 18.01844 ?  48  MET A CA  1 
ATOM   11   C C   . MET A 1 3  ? 1.54934   12.59054  -11.35117 1.000 12.72376 ?  48  MET A C   1 
ATOM   12   O O   . MET A 1 3  ? 0.79596   12.79700  -10.38848 1.000 11.25316 ?  48  MET A O   1 
ATOM   13   C CB  . MET A 1 3  ? 2.89783   14.68399  -11.52070 1.000 20.77779 ?  48  MET A CB  1 
ATOM   14   C CG  . MET A 1 3  ? 2.07778   15.41190  -10.48671 1.000 20.62209 ?  48  MET A CG  1 
ATOM   15   S SD  . MET A 1 3  ? 2.81696   15.32035  -8.85571  1.000 21.27232 ?  48  MET A SD  1 
ATOM   16   C CE  . MET A 1 3  ? 4.13110   16.53897  -8.99696  1.000 22.53750 ?  48  MET A CE  1 
ATOM   17   N N   . MET A 1 4  ? 1.17713   11.87446  -12.41217 1.000 13.85713 ?  49  MET A N   1 
ATOM   18   C CA  . MET A 1 4  ? -0.21696  11.48056  -12.59222 1.000 13.82665 ?  49  MET A CA  1 
ATOM   19   C C   . MET A 1 4  ? -0.71455  10.60405  -11.44784 1.000 10.35184 ?  49  MET A C   1 
ATOM   20   O O   . MET A 1 4  ? -1.84202  10.77307  -10.97107 1.000 9.36772  ?  49  MET A O   1 
ATOM   21   C CB  . MET A 1 4  ? -0.39037  10.77037  -13.93421 1.000 16.26013 ?  49  MET A CB  1 
ATOM   22   C CG  . MET A 1 4  ? -0.34340  11.70072  -15.13911 1.000 20.49920 ?  49  MET A CG  1 
ATOM   23   S SD  . MET A 1 4  ? -1.60494  12.98971  -15.08360 1.000 32.62228 ?  49  MET A SD  1 
ATOM   24   C CE  . MET A 1 4  ? -0.62316  14.41130  -14.61354 1.000 22.71106 ?  49  MET A CE  1 
ATOM   25   N N   . GLU A 1 5  ? 0.10860   9.66557   -10.99040 1.000 9.99242  ?  50  GLU A N   1 
ATOM   26   C CA  . GLU A 1 5  ? -0.33161  8.74431   -9.94689  1.000 9.50436  ?  50  GLU A CA  1 
ATOM   27   C C   . GLU A 1 5  ? -0.48682  9.44999   -8.59912  1.000 7.18931  ?  50  GLU A C   1 
ATOM   28   O O   . GLU A 1 5  ? -1.45032  9.19921   -7.86186  1.000 6.99765  ?  50  GLU A O   1 
ATOM   29   C CB  . GLU A 1 5  ? 0.64593   7.57738   -9.87220  1.000 10.10828 ?  50  GLU A CB  1 
ATOM   30   C CG  . GLU A 1 5  ? 0.40106   6.64129   -8.73867  1.000 10.04508 ?  50  GLU A CG  1 
ATOM   31   C CD  . GLU A 1 5  ? -0.89929  5.85320   -8.85184  1.000 11.94470 ?  50  GLU A CD  1 
ATOM   32   O OE1 . GLU A 1 5  ? -1.53296  5.79098   -9.93605  1.000 11.15436 ?  50  GLU A OE1 1 
ATOM   33   O OE2 . GLU A 1 5  ? -1.28747  5.27004   -7.82175  1.000 15.80960 -1 50  GLU A OE2 1 
ATOM   34   N N   . THR A 1 6  ? 0.44986   10.33680  -8.26173  1.000 6.46408  ?  51  THR A N   1 
ATOM   35   C CA  . THR A 1 6  ? 0.29625   11.16925  -7.07280  1.000 5.93812  ?  51  THR A CA  1 
ATOM   36   C C   . THR A 1 6  ? -1.00399  11.96208  -7.13590  1.000 5.72587  ?  51  THR A C   1 
ATOM   37   O O   . THR A 1 6  ? -1.77860  11.99293  -6.16999  1.000 5.60347  ?  51  THR A O   1 
ATOM   38   C CB  . THR A 1 6  ? 1.50055   12.10741  -6.95459  1.000 6.07659  ?  51  THR A CB  1 
ATOM   39   O OG1 . THR A 1 6  ? 2.69250   11.33202  -6.78465  1.000 6.97448  ?  51  THR A OG1 1 
ATOM   40   C CG2 . THR A 1 6  ? 1.35467   13.04345  -5.76606  1.000 7.42366  ?  51  THR A CG2 1 
ATOM   41   N N   . LEU A 1 7  ? -1.26489  12.60029  -8.27975  1.000 6.05152  ?  52  LEU A N   1 
ATOM   42   C CA  . LEU A 1 7  ? -2.48188  13.39006  -8.41772  1.000 6.74907  ?  52  LEU A CA  1 
ATOM   43   C C   . LEU A 1 7  ? -3.73002  12.51389  -8.33517  1.000 6.01774  ?  52  LEU A C   1 
ATOM   44   O O   . LEU A 1 7  ? -4.74083  12.92962  -7.76162  1.000 6.34355  ?  52  LEU A O   1 
ATOM   45   C CB  . LEU A 1 7  ? -2.44068  14.21161  -9.70543  1.000 7.27540  ?  52  LEU A CB  1 
ATOM   46   C CG  . LEU A 1 7  ? -1.41972  15.35788  -9.69578  1.000 8.87465  ?  52  LEU A CG  1 
ATOM   47   C CD1 . LEU A 1 7  ? -1.36003  16.01829  -11.05831 1.000 11.54684 ?  52  LEU A CD1 1 
ATOM   48   C CD2 . LEU A 1 7  ? -1.70193  16.38872  -8.59976  1.000 9.78185  ?  52  LEU A CD2 1 
ATOM   49   N N   . TYR A 1 8  ? -3.67892  11.29465  -8.88795  1.000 6.07148  ?  53  TYR A N   1 
ATOM   50   C CA  . TYR A 1 8  ? -4.81619  10.38087  -8.76776  1.000 5.91906  ?  53  TYR A CA  1 
ATOM   51   C C   . TYR A 1 8  ? -5.14043  10.09770  -7.30781  1.000 5.04382  ?  53  TYR A C   1 
ATOM   52   O O   . TYR A 1 8  ? -6.31124  10.10621  -6.90255  1.000 5.85443  ?  53  TYR A O   1 
ATOM   53   C CB  . TYR A 1 8  ? -4.52541  9.07060   -9.50140  1.000 6.58650  ?  53  TYR A CB  1 
ATOM   54   C CG  . TYR A 1 8  ? -5.57134  8.00418   -9.24696  1.000 5.77290  ?  53  TYR A CG  1 
ATOM   55   C CD1 . TYR A 1 8  ? -6.87275  8.16430   -9.70693  1.000 7.23781  ?  53  TYR A CD1 1 
ATOM   56   C CD2 . TYR A 1 8  ? -5.26249  6.84788   -8.54018  1.000 5.84965  ?  53  TYR A CD2 1 
ATOM   57   C CE1 . TYR A 1 8  ? -7.83678  7.20060   -9.47507  1.000 7.70168  ?  53  TYR A CE1 1 
ATOM   58   C CE2 . TYR A 1 8  ? -6.22267  5.88035   -8.30017  1.000 5.98070  ?  53  TYR A CE2 1 
ATOM   59   C CZ  . TYR A 1 8  ? -7.50909  6.06256   -8.77336  1.000 6.02408  ?  53  TYR A CZ  1 
ATOM   60   O OH  . TYR A 1 8  ? -8.48179  5.11152   -8.55360  1.000 7.58019  ?  53  TYR A OH  1 
ATOM   61   N N   . LEU A 1 9  ? -4.10813  9.84795   -6.50348  1.000 5.04722  ?  54  LEU A N   1 
ATOM   62   C CA  . LEU A 1 9  ? -4.32266  9.55178   -5.09655  1.000 5.01496  ?  54  LEU A CA  1 
ATOM   63   C C   . LEU A 1 9  ? -4.81452  10.77274  -4.32666  1.000 4.45364  ?  54  LEU A C   1 
ATOM   64   O O   . LEU A 1 9  ? -5.55995  10.62749  -3.35269  1.000 5.62533  ?  54  LEU A O   1 
ATOM   65   C CB  . LEU A 1 9  ? -3.03412  9.00482   -4.49426  1.000 5.11693  ?  54  LEU A CB  1 
ATOM   66   C CG  . LEU A 1 9  ? -2.65124  7.61281   -4.99093  1.000 5.91750  ?  54  LEU A CG  1 
ATOM   67   C CD1 . LEU A 1 9  ? -1.21724  7.29285   -4.60355  1.000 7.13745  ?  54  LEU A CD1 1 
ATOM   68   C CD2 . LEU A 1 9  ? -3.61302  6.55833   -4.44735  1.000 5.82371  ?  54  LEU A CD2 1 
ATOM   69   N N   . GLN A 1 10 ? -4.40931  11.97520  -4.74037  1.000 4.70518  ?  55  GLN A N   1 
ATOM   70   C CA  . GLN A 1 10 ? -4.78401  13.19973  -4.04560  1.000 4.83318  ?  55  GLN A CA  1 
ATOM   71   C C   . GLN A 1 10 ? -6.09939  13.79567  -4.52370  1.000 5.22270  ?  55  GLN A C   1 
ATOM   72   O O   . GLN A 1 10 ? -6.65469  14.65381  -3.82845  1.000 6.16485  ?  55  GLN A O   1 
ATOM   73   C CB  . GLN A 1 10 ? -3.70686  14.27185  -4.23393  1.000 5.13643  ?  55  GLN A CB  1 
ATOM   74   C CG  . GLN A 1 10 ? -2.37236  13.94766  -3.61163  1.000 6.08768  ?  55  GLN A CG  1 
ATOM   75   C CD  . GLN A 1 10 ? -1.34960  15.02836  -3.88993  1.000 5.72922  ?  55  GLN A CD  1 
ATOM   76   O OE1 . GLN A 1 10 ? -1.24511  15.51754  -5.01575  1.000 7.70718  ?  55  GLN A OE1 1 
ATOM   77   N NE2 . GLN A 1 10 ? -0.59496  15.41092  -2.86938  1.000 7.75614  ?  55  GLN A NE2 1 
ATOM   78   N N   . GLN A 1 11 ? -6.60433  13.39550  -5.69334  1.000 5.38201  ?  56  GLN A N   1 
ATOM   79   C CA  . GLN A 1 11 ? -7.66574  14.17752  -6.32817  1.000 5.98885  ?  56  GLN A CA  1 
ATOM   80   C C   . GLN A 1 11 ? -8.95780  14.16507  -5.52366  1.000 5.18985  ?  56  GLN A C   1 
ATOM   81   O O   . GLN A 1 11 ? -9.73483  15.12692  -5.58892  1.000 7.11860  ?  56  GLN A O   1 
ATOM   82   C CB  . GLN A 1 11 ? -7.90438  13.72401  -7.76986  1.000 7.85639  ?  56  GLN A CB  1 
ATOM   83   C CG  . GLN A 1 11 ? -8.50753  12.33716  -7.88964  1.000 7.39353  ?  56  GLN A CG  1 
ATOM   84   C CD  . GLN A 1 11 ? -8.54535  11.81789  -9.31482  1.000 8.67303  ?  56  GLN A CD  1 
ATOM   85   O OE1 . GLN A 1 11 ? -7.77503  12.24661  -10.17074 1.000 11.10928 ?  56  GLN A OE1 1 
ATOM   86   N NE2 . GLN A 1 11 ? -9.44026  10.87300  -9.57193  1.000 10.53366 ?  56  GLN A NE2 1 
ATOM   87   N N   . ASN A 1 12 ? -9.21157  13.08986  -4.77649  1.000 5.25319  ?  57  ASN A N   1 
ATOM   88   C CA  . ASN A 1 12 ? -10.36126 13.01257  -3.89563  1.000 5.31425  ?  57  ASN A CA  1 
ATOM   89   C C   . ASN A 1 12 ? -9.89777  13.34575  -2.48780  1.000 4.35539  ?  57  ASN A C   1 
ATOM   90   O O   . ASN A 1 12 ? -9.02742  12.63960  -1.95193  1.000 5.01001  ?  57  ASN A O   1 
ATOM   91   C CB  . ASN A 1 12 ? -10.94658 11.60338  -3.95011  1.000 5.82849  ?  57  ASN A CB  1 
ATOM   92   C CG  . ASN A 1 12 ? -12.20662 11.45979  -3.11388  1.000 5.75430  ?  57  ASN A CG  1 
ATOM   93   O OD1 . ASN A 1 12 ? -12.30979 12.00863  -2.02208  1.000 9.15955  ?  57  ASN A OD1 1 
ATOM   94   N ND2 . ASN A 1 12 ? -13.18268 10.74504  -3.63337  1.000 5.99987  ?  57  ASN A ND2 1 
ATOM   95   N N   . PRO A 1 13 ? -10.42328 14.40857  -1.86592  1.000 5.20259  ?  58  PRO A N   1 
ATOM   96   C CA  . PRO A 1 13 ? -9.94810  14.79185  -0.52648  1.000 5.24995  ?  58  PRO A CA  1 
ATOM   97   C C   . PRO A 1 13 ? -10.12024 13.71291  0.52533   1.000 4.92817  ?  58  PRO A C   1 
ATOM   98   O O   . PRO A 1 13 ? -9.36300  13.69463  1.50611   1.000 5.42575  ?  58  PRO A O   1 
ATOM   99   C CB  . PRO A 1 13 ? -10.78870 16.03410  -0.19654  1.000 6.92765  ?  58  PRO A CB  1 
ATOM   100  C CG  . PRO A 1 13 ? -11.18703 16.58790  -1.52128  1.000 9.58987  ?  58  PRO A CG  1 
ATOM   101  C CD  . PRO A 1 13 ? -11.38272 15.38477  -2.40772  1.000 6.66176  ?  58  PRO A CD  1 
ATOM   102  N N   . ASN A 1 14 ? -11.11027 12.82965  0.37017   1.000 5.04211  ?  59  ASN A N   1 
ATOM   103  C CA  . ASN A 1 14 ? -11.26887 11.74542  1.33428   1.000 4.75222  ?  59  ASN A CA  1 
ATOM   104  C C   . ASN A 1 14 ? -10.12729 10.74492  1.22329   1.000 4.43895  ?  59  ASN A C   1 
ATOM   105  O O   . ASN A 1 14 ? -9.65648  10.21418  2.23568   1.000 5.07057  ?  59  ASN A O   1 
ATOM   106  C CB  . ASN A 1 14 ? -12.61923 11.06322  1.14314   1.000 4.86515  ?  59  ASN A CB  1 
ATOM   107  C CG  . ASN A 1 14 ? -13.77320 11.98188  1.45547   1.000 4.81178  ?  59  ASN A CG  1 
ATOM   108  O OD1 . ASN A 1 14 ? -13.70826 12.78293  2.39350   1.000 5.69951  ?  59  ASN A OD1 1 
ATOM   109  N ND2 . ASN A 1 14 ? -14.83982 11.86999  0.67597   1.000 5.27749  ?  59  ASN A ND2 1 
ATOM   110  N N   . ASN A 1 15 ? -9.65356  10.48354  0.00536   1.000 4.51698  ?  60  ASN A N   1 
ATOM   111  C CA  . ASN A 1 15 ? -8.50244  9.60040   -0.12441  1.000 4.12939  ?  60  ASN A CA  1 
ATOM   112  C C   . ASN A 1 15 ? -7.23558  10.27942  0.37227   1.000 4.34330  ?  60  ASN A C   1 
ATOM   113  O O   . ASN A 1 15 ? -6.39521  9.64346   1.02447   1.000 4.57731  ?  60  ASN A O   1 
ATOM   114  C CB  . ASN A 1 15 ? -8.32651  9.09672   -1.55511  1.000 4.33893  ?  60  ASN A CB  1 
ATOM   115  C CG  . ASN A 1 15 ? -7.38639  7.91840   -1.61241  1.000 4.19525  ?  60  ASN A CG  1 
ATOM   116  O OD1 . ASN A 1 15 ? -7.66965  6.85823   -1.03388  1.000 4.45576  ?  60  ASN A OD1 1 
ATOM   117  N ND2 . ASN A 1 15 ? -6.24062  8.09871   -2.25848  1.000 4.92602  ?  60  ASN A ND2 1 
ATOM   118  N N   . ALA A 1 16 ? -7.08601  11.57420  0.08133   1.000 4.77336  ?  61  ALA A N   1 
ATOM   119  C CA  . ALA A 1 16 ? -5.93558  12.31548  0.57934   1.000 5.44308  ?  61  ALA A CA  1 
ATOM   120  C C   . ALA A 1 16 ? -5.87598  12.27671  2.10189   1.000 4.93949  ?  61  ALA A C   1 
ATOM   121  O O   . ALA A 1 16 ? -4.80256  12.08241  2.68316   1.000 5.72000  ?  61  ALA A O   1 
ATOM   122  C CB  . ALA A 1 16 ? -5.97839  13.75476  0.06593   1.000 5.97912  ?  61  ALA A CB  1 
ATOM   123  N N   . GLU A 1 17 ? -7.02469  12.43510  2.76960   1.000 5.30152  ?  62  GLU A N   1 
ATOM   124  C CA  . GLU A 1 17 ? -7.04734  12.40296  4.23095   1.000 5.66011  ?  62  GLU A CA  1 
ATOM   125  C C   . GLU A 1 17 ? -6.70324  11.01444  4.75795   1.000 5.21247  ?  62  GLU A C   1 
ATOM   126  O O   . GLU A 1 17 ? -5.95187  10.88197  5.73170   1.000 5.90896  ?  62  GLU A O   1 
ATOM   127  C CB  . GLU A 1 17 ? -8.41299  12.86734  4.74652   1.000 6.54711  ?  62  GLU A CB  1 
ATOM   128  C CG  . GLU A 1 17 ? -8.67426  12.58236  6.22548   1.000 10.77391 ?  62  GLU A CG  1 
ATOM   129  C CD  . GLU A 1 17 ? -7.75736  13.34622  7.16986   1.000 13.48874 ?  62  GLU A CD  1 
ATOM   130  O OE1 . GLU A 1 17 ? -7.03501  14.25845  6.72156   1.000 14.50198 ?  62  GLU A OE1 1 
ATOM   131  O OE2 . GLU A 1 17 ? -7.76538  13.03283  8.37922   1.000 21.80446 -1 62  GLU A OE2 1 
ATOM   132  N N   . HIS A 1 18 ? -7.25223  9.97059   4.12878   1.000 4.79304  ?  63  HIS A N   1 
ATOM   133  C CA  . HIS A 1 18 ? -6.90123  8.59765   4.47800   1.000 5.14237  ?  63  HIS A CA  1 
ATOM   134  C C   . HIS A 1 18 ? -5.39657  8.37455   4.37479   1.000 4.55579  ?  63  HIS A C   1 
ATOM   135  O O   . HIS A 1 18 ? -4.78213  7.79431   5.27817   1.000 4.65645  ?  63  HIS A O   1 
ATOM   136  C CB  . HIS A 1 18 ? -7.69314  7.64369   3.57366   1.000 5.28952  ?  63  HIS A CB  1 
ATOM   137  C CG  . HIS A 1 18 ? -7.02807  6.32695   3.31101   1.000 4.90571  ?  63  HIS A CG  1 
ATOM   138  N ND1 . HIS A 1 18 ? -6.82928  5.37421   4.28742   1.000 5.38638  ?  63  HIS A ND1 1 
ATOM   139  C CD2 . HIS A 1 18 ? -6.55945  5.78610   2.16094   1.000 5.36273  ?  63  HIS A CD2 1 
ATOM   140  C CE1 . HIS A 1 18 ? -6.25006  4.31251   3.75111   1.000 5.75563  ?  63  HIS A CE1 1 
ATOM   141  N NE2 . HIS A 1 18 ? -6.07301  4.53788   2.46188   1.000 5.35902  ?  63  HIS A NE2 1 
ATOM   142  N N   . LEU A 1 19 ? -4.77594  8.86167   3.29744   1.000 4.58738  ?  64  LEU A N   1 
ATOM   143  C CA  . LEU A 1 19 ? -3.34025  8.66597   3.14283   1.000 4.85112  ?  64  LEU A CA  1 
ATOM   144  C C   . LEU A 1 19 ? -2.55444  9.46554   4.17018   1.000 4.78068  ?  64  LEU A C   1 
ATOM   145  O O   . LEU A 1 19 ? -1.57440  8.96239   4.73214   1.000 5.17648  ?  64  LEU A O   1 
ATOM   146  C CB  . LEU A 1 19 ? -2.90374  9.01614   1.72329   1.000 5.17799  ?  64  LEU A CB  1 
ATOM   147  C CG  . LEU A 1 19 ? -3.39709  8.06665   0.63488   1.000 4.88594  ?  64  LEU A CG  1 
ATOM   148  C CD1 . LEU A 1 19 ? -2.95036  8.55467   -0.71886  1.000 6.71318  ?  64  LEU A CD1 1 
ATOM   149  C CD2 . LEU A 1 19 ? -2.91719  6.65012   0.87570   1.000 7.26306  ?  64  LEU A CD2 1 
ATOM   150  N N   . ALA A 1 20 ? -2.95609  10.71219  4.42684   1.000 6.05685  ?  65  ALA A N   1 
ATOM   151  C CA  . ALA A 1 20 ? -2.23729  11.52460  5.40119   1.000 6.56030  ?  65  ALA A CA  1 
ATOM   152  C C   . ALA A 1 20 ? -2.28854  10.88591  6.78476   1.000 6.34573  ?  65  ALA A C   1 
ATOM   153  O O   . ALA A 1 20 ? -1.27181  10.80268  7.48786   1.000 7.01340  ?  65  ALA A O   1 
ATOM   154  C CB  . ALA A 1 20 ? -2.81633  12.93848  5.43016   1.000 8.58461  ?  65  ALA A CB  1 
ATOM   155  N N   . GLN A 1 21 ? -3.46976  10.42039  7.19242   1.000 6.92620  ?  66  GLN A N   1 
ATOM   156  C CA  . GLN A 1 21 ? -3.58509  9.80499   8.51039   1.000 7.14578  ?  66  GLN A CA  1 
ATOM   157  C C   . GLN A 1 21 ? -2.82650  8.49076   8.56649   1.000 4.83650  ?  66  GLN A C   1 
ATOM   158  O O   . GLN A 1 21 ? -2.20529  8.16338   9.58658   1.000 5.72164  ?  66  GLN A O   1 
ATOM   159  C CB  . GLN A 1 21 ? -5.04688  9.58414   8.89167   1.000 9.16777  ?  66  GLN A CB  1 
ATOM   160  C CG  . GLN A 1 21 ? -5.21161  9.24812   10.36992  1.000 15.38062 ?  66  GLN A CG  1 
ATOM   161  C CD  . GLN A 1 21 ? -4.40224  10.17242  11.27354  1.000 16.28076 ?  66  GLN A CD  1 
ATOM   162  O OE1 . GLN A 1 21 ? -3.39647  9.76800   11.86554  1.000 17.02429 ?  66  GLN A OE1 1 
ATOM   163  N NE2 . GLN A 1 21 ? -4.84383  11.41929  11.38648  1.000 18.69465 ?  66  GLN A NE2 1 
ATOM   164  N N   . SER A 1 22 ? -2.85042  7.73213   7.47175   1.000 4.39361  ?  67  SER A N   1 
ATOM   165  C CA  . SER A 1 22 ? -2.22471  6.41786   7.47365   1.000 4.44831  ?  67  SER A CA  1 
ATOM   166  C C   . SER A 1 22 ? -0.70417  6.52244   7.44217   1.000 4.53724  ?  67  SER A C   1 
ATOM   167  O O   . SER A 1 22 ? -0.01247  5.72724   8.09355   1.000 4.70993  ?  67  SER A O   1 
ATOM   168  C CB  . SER A 1 22 ? -2.75619  5.59289   6.30956   1.000 4.80474  ?  67  SER A CB  1 
ATOM   169  O OG  . SER A 1 22 ? -4.13983  5.31853   6.48952   1.000 5.75238  ?  67  SER A OG  1 
ATOM   170  N N   . ILE A 1 23 ? -0.16794  7.49341   6.69284   1.000 4.91938  ?  68  ILE A N   1 
ATOM   171  C CA  . ILE A 1 23 ? 1.26584   7.76561   6.73052   1.000 4.53149  ?  68  ILE A CA  1 
ATOM   172  C C   . ILE A 1 23 ? 1.68087   8.20901   8.12734   1.000 4.99348  ?  68  ILE A C   1 
ATOM   173  O O   . ILE A 1 23 ? 2.69024   7.73953   8.67066   1.000 5.26191  ?  68  ILE A O   1 
ATOM   174  C CB  . ILE A 1 23 ? 1.64333   8.78541   5.63745   1.000 5.10223  ?  68  ILE A CB  1 
ATOM   175  C CG1 . ILE A 1 23 ? 1.57639   8.10931   4.26598   1.000 5.45502  ?  68  ILE A CG1 1 
ATOM   176  C CG2 . ILE A 1 23 ? 3.01969   9.38570   5.89751   1.000 6.13599  ?  68  ILE A CG2 1 
ATOM   177  C CD1 . ILE A 1 23 ? 1.61081   9.06025   3.09480   1.000 7.14791  ?  68  ILE A CD1 1 
ATOM   178  N N   . ALA A 1 24 ? 0.90090   9.10390   8.74232   1.000 5.07597  ?  69  ALA A N   1 
ATOM   179  C CA  . ALA A 1 24 ? 1.19784   9.51789   10.10999  1.000 5.78579  ?  69  ALA A CA  1 
ATOM   180  C C   . ALA A 1 24 ? 1.18616   8.32460   11.05811  1.000 4.97450  ?  69  ALA A C   1 
ATOM   181  O O   . ALA A 1 24 ? 2.07248   8.19374   11.91141  1.000 5.68246  ?  69  ALA A O   1 
ATOM   182  C CB  . ALA A 1 24 ? 0.20583   10.58920  10.56544  1.000 7.06996  ?  69  ALA A CB  1 
ATOM   183  N N   . ASP A 1 25 ? 0.19618   7.43716   10.91066  1.000 5.03041  ?  70  ASP A N   1 
ATOM   184  C CA  . ASP A 1 25 ? 0.11483   6.25916   11.77073  1.000 4.99834  ?  70  ASP A CA  1 
ATOM   185  C C   . ASP A 1 25 ? 1.36562   5.39124   11.62898  1.000 4.24802  ?  70  ASP A C   1 
ATOM   186  O O   . ASP A 1 25 ? 1.95493   4.95868   12.62813  1.000 4.72670  ?  70  ASP A O   1 
ATOM   187  C CB  . ASP A 1 25 ? -1.14850  5.45122   11.45048  1.000 5.12027  ?  70  ASP A CB  1 
ATOM   188  C CG  . ASP A 1 25 ? -2.43514  6.12419   11.90957  1.000 5.61697  ?  70  ASP A CG  1 
ATOM   189  O OD1 . ASP A 1 25 ? -2.38371  7.03932   12.76256  1.000 7.13828  ?  70  ASP A OD1 1 
ATOM   190  O OD2 . ASP A 1 25 ? -3.50548  5.70194   11.40940  1.000 7.15303  -1 70  ASP A OD2 1 
ATOM   191  N N   . LEU A 1 26 ? 1.79607   5.13383   10.38935  1.000 4.45387  ?  71  LEU A N   1 
ATOM   192  C CA  . LEU A 1 26 ? 3.02846   4.37669   10.17675  1.000 4.69334  ?  71  LEU A CA  1 
ATOM   193  C C   . LEU A 1 26 ? 4.22185   5.06167   10.82285  1.000 4.74248  ?  71  LEU A C   1 
ATOM   194  O O   . LEU A 1 26 ? 5.07464   4.40230   11.43365  1.000 5.56529  ?  71  LEU A O   1 
ATOM   195  C CB  . LEU A 1 26 ? 3.30324   4.21344   8.68286   1.000 4.64333  ?  71  LEU A CB  1 
ATOM   196  C CG  . LEU A 1 26 ? 2.39969   3.28022   7.88731   1.000 5.23517  ?  71  LEU A CG  1 
ATOM   197  C CD1 . LEU A 1 26 ? 2.75662   3.34447   6.41451   1.000 5.99017  ?  71  LEU A CD1 1 
ATOM   198  C CD2 . LEU A 1 26 ? 2.48654   1.84617   8.40889   1.000 5.80711  ?  71  LEU A CD2 1 
ATOM   199  N N   . GLU A 1 27 ? 4.31911   6.37865   10.67292  1.000 4.90481  ?  72  GLU A N   1 
ATOM   200  C CA  . GLU A 1 27 ? 5.49640   7.08522   11.14577  1.000 5.27287  ?  72  GLU A CA  1 
ATOM   201  C C   . GLU A 1 27 ? 5.49381   7.28582   12.65211  1.000 5.20582  ?  72  GLU A C   1 
ATOM   202  O O   . GLU A 1 27 ? 6.56681   7.44502   13.24420  1.000 6.79038  ?  72  GLU A O   1 
ATOM   203  C CB  . GLU A 1 27 ? 5.69246   8.37083   10.33591  1.000 7.22944  ?  72  GLU A CB  1 
ATOM   204  C CG  . GLU A 1 27 ? 5.94598   8.02153   8.86199   1.000 8.04656  ?  72  GLU A CG  1 
ATOM   205  C CD  . GLU A 1 27 ? 6.10043   9.20716   7.92936   1.000 8.48579  ?  72  GLU A CD  1 
ATOM   206  O OE1 . GLU A 1 27 ? 5.96818   10.36505  8.37505   1.000 10.72010 ?  72  GLU A OE1 1 
ATOM   207  O OE2 . GLU A 1 27 ? 6.34585   8.96899   6.72391   1.000 10.32842 -1 72  GLU A OE2 1 
ATOM   208  N N   . ARG A 1 28 ? 4.32611   7.22130   13.28953  1.000 5.41601  ?  73  ARG A N   1 
ATOM   209  C CA  . ARG A 1 28 ? 4.20502   7.45169   14.71939  1.000 5.70108  ?  73  ARG A CA  1 
ATOM   210  C C   . ARG A 1 28 ? 4.06251   6.16752   15.52531  1.000 5.49960  ?  73  ARG A C   1 
ATOM   211  O O   . ARG A 1 28 ? 4.08015   6.23104   16.75955  1.000 6.30384  ?  73  ARG A O   1 
ATOM   212  C CB  . ARG A 1 28 ? 3.04039   8.40770   15.00234  1.000 6.65412  ?  73  ARG A CB  1 
ATOM   213  C CG  . ARG A 1 28 ? 3.30307   9.78416   14.40514  1.000 8.20579  ?  73  ARG A CG  1 
ATOM   214  C CD  . ARG A 1 28 ? 2.08641   10.67381  14.35747  1.000 8.29060  ?  73  ARG A CD  1 
ATOM   215  N NE  . ARG A 1 28 ? 2.38946   11.89973  13.62822  1.000 9.95788  ?  73  ARG A NE  1 
ATOM   216  C CZ  . ARG A 1 28 ? 1.50647   12.85486  13.36108  1.000 11.11078 ?  73  ARG A CZ  1 
ATOM   217  N NH1 . ARG A 1 28 ? 0.25110   12.73614  13.76756  1.000 12.86944 ?  73  ARG A NH1 1 
ATOM   218  N NH2 . ARG A 1 28 ? 1.88222   13.93166  12.68397  1.000 14.86684 ?  73  ARG A NH2 1 
ATOM   219  N N   . GLY A 1 29 ? 3.94937   5.01436   14.86636  1.000 5.69852  ?  74  GLY A N   1 
ATOM   220  C CA  . GLY A 1 29 ? 3.89046   3.74474   15.56064  1.000 6.30127  ?  74  GLY A CA  1 
ATOM   221  C C   . GLY A 1 29 ? 2.50713   3.24445   15.90584  1.000 5.93628  ?  74  GLY A C   1 
ATOM   222  O O   . GLY A 1 29 ? 2.35411   2.51752   16.89554  1.000 8.92717  ?  74  GLY A O   1 
ATOM   223  N N   . LYS A 1 30 ? 1.48863   3.63392   15.15089  1.000 5.02482  ?  75  LYS A N   1 
ATOM   224  C CA  . LYS A 1 30 ? 0.13033   3.12246   15.31720  1.000 5.05196  ?  75  LYS A CA  1 
ATOM   225  C C   . LYS A 1 30 ? -0.08566  2.16182   14.15555  1.000 4.81023  ?  75  LYS A C   1 
ATOM   226  O O   . LYS A 1 30 ? -0.54472  2.55713   13.08500  1.000 5.67825  ?  75  LYS A O   1 
ATOM   227  C CB  . LYS A 1 30 ? -0.86670  4.26990   15.29413  1.000 5.60821  ?  75  LYS A CB  1 
ATOM   228  C CG  . LYS A 1 30 ? -2.27999  3.91095   15.70526  1.000 6.78203  ?  75  LYS A CG  1 
ATOM   229  C CD  . LYS A 1 30 ? -3.13798  5.17621   15.71250  1.000 7.54800  ?  75  LYS A CD  1 
ATOM   230  C CE  . LYS A 1 30 ? -4.57907  4.90765   16.09426  1.000 8.12494  ?  75  LYS A CE  1 
ATOM   231  N NZ  . LYS A 1 30 ? -5.34713  6.18501   16.08716  1.000 8.08291  ?  75  LYS A NZ  1 
ATOM   232  N N   . THR A 1 31 ? 0.27339   0.89556   14.36395  1.000 5.39614  ?  76  THR A N   1 
ATOM   233  C CA  . THR A 1 31 ? 0.36477   -0.05394  13.26710  1.000 5.09691  ?  76  THR A CA  1 
ATOM   234  C C   . THR A 1 31 ? -0.08784  -1.44009  13.71208  1.000 5.21888  ?  76  THR A C   1 
ATOM   235  O O   . THR A 1 31 ? -0.21151  -1.73499  14.90510  1.000 6.32252  ?  76  THR A O   1 
ATOM   236  C CB  . THR A 1 31 ? 1.80490   -0.17019  12.74740  1.000 6.23135  ?  76  THR A CB  1 
ATOM   237  O OG1 . THR A 1 31 ? 2.64510   -0.68752  13.78543  1.000 7.98615  ?  76  THR A OG1 1 
ATOM   238  C CG2 . THR A 1 31 ? 2.34532   1.17392   12.26607  1.000 6.26234  ?  76  THR A CG2 1 
ATOM   239  N N   . ILE A 1 32 ? -0.30868  -2.30138  12.72107  1.000 5.39450  ?  77  ILE A N   1 
ATOM   240  C CA  . ILE A 1 32 ? -0.64335  -3.70652  12.91828  1.000 5.40053  ?  77  ILE A CA  1 
ATOM   241  C C   . ILE A 1 32 ? 0.26315   -4.50506  11.99580  1.000 5.26889  ?  77  ILE A C   1 
ATOM   242  O O   . ILE A 1 32 ? 0.29171   -4.25284  10.78557  1.000 6.12774  ?  77  ILE A O   1 
ATOM   243  C CB  . ILE A 1 32 ? -2.12171  -3.99606  12.58002  1.000 7.82876  ?  77  ILE A CB  1 
ATOM   244  C CG1 . ILE A 1 32 ? -3.06670  -3.18521  13.46848  1.000 9.17606  ?  77  ILE A CG1 1 
ATOM   245  C CG2 . ILE A 1 32 ? -2.42329  -5.48203  12.69918  1.000 9.11585  ?  77  ILE A CG2 1 
ATOM   246  C CD1 . ILE A 1 32 ? -3.53648  -1.89982  12.85028  1.000 14.75165 ?  77  ILE A CD1 1 
ATOM   247  N N   . THR A 1 33 ? 0.99789   -5.45938  12.55495  1.000 5.49700  ?  78  THR A N   1 
ATOM   248  C CA  . THR A 1 33 ? 1.93984   -6.25517  11.78734  1.000 5.24540  ?  78  THR A CA  1 
ATOM   249  C C   . THR A 1 33 ? 1.49599   -7.71163  11.78923  1.000 4.87443  ?  78  THR A C   1 
ATOM   250  O O   . THR A 1 33 ? 1.08868   -8.24689  12.82937  1.000 6.57344  ?  78  THR A O   1 
ATOM   251  C CB  . THR A 1 33 ? 3.34818   -6.08198  12.36011  1.000 6.88677  ?  78  THR A CB  1 
ATOM   252  O OG1 . THR A 1 33 ? 3.72885   -4.70460  12.23135  1.000 7.00290  ?  78  THR A OG1 1 
ATOM   253  C CG2 . THR A 1 33 ? 4.35809   -6.95601  11.62375  1.000 7.93419  ?  78  THR A CG2 1 
ATOM   254  N N   . LYS A 1 34 ? 1.55344   -8.34184  10.61496  1.000 5.25026  ?  79  LYS A N   1 
ATOM   255  C CA  . LYS A 1 34 ? 1.10456   -9.71405  10.44628  1.000 5.79022  ?  79  LYS A CA  1 
ATOM   256  C C   . LYS A 1 34 ? 2.06976   -10.45110 9.53129   1.000 5.16202  ?  79  LYS A C   1 
ATOM   257  O O   . LYS A 1 34 ? 2.72064   -9.84673  8.67556   1.000 6.09433  ?  79  LYS A O   1 
ATOM   258  C CB  . LYS A 1 34 ? -0.29246  -9.76789  9.80820   1.000 7.01155  ?  79  LYS A CB  1 
ATOM   259  C CG  . LYS A 1 34 ? -1.39631  -9.11429  10.62978  1.000 8.33704  ?  79  LYS A CG  1 
ATOM   260  C CD  . LYS A 1 34 ? -1.76845  -9.94543  11.84443  1.000 8.69482  ?  79  LYS A CD  1 
ATOM   261  C CE  . LYS A 1 34 ? -2.84423  -9.26559  12.67190  1.000 9.92530  ?  79  LYS A CE  1 
ATOM   262  N NZ  . LYS A 1 34 ? -3.32335  -10.15934 13.75993  1.000 11.06050 ?  79  LYS A NZ  1 
ATOM   263  N N   . ASP A 1 35 ? 2.12841   -11.76956 9.68918   1.000 5.57251  ?  80  ASP A N   1 
ATOM   264  C CA  . ASP A 1 35 ? 2.81981   -12.62096 8.73078   1.000 5.19332  ?  80  ASP A CA  1 
ATOM   265  C C   . ASP A 1 35 ? 1.84764   -13.01007 7.62570   1.000 5.02729  ?  80  ASP A C   1 
ATOM   266  O O   . ASP A 1 35 ? 0.71891   -13.43629 7.89903   1.000 5.95012  ?  80  ASP A O   1 
ATOM   267  C CB  . ASP A 1 35 ? 3.37283   -13.87638 9.40327   1.000 6.44980  ?  80  ASP A CB  1 
ATOM   268  C CG  . ASP A 1 35 ? 4.70587   -13.63595 10.10625  1.000 9.06716  ?  80  ASP A CG  1 
ATOM   269  O OD1 . ASP A 1 35 ? 5.45851   -12.71615 9.71736   1.000 10.14045 ?  80  ASP A OD1 1 
ATOM   270  O OD2 . ASP A 1 35 ? 5.01614   -14.39580 11.04947  1.000 13.33859 -1 80  ASP A OD2 1 
ATOM   271  N N   . ILE A 1 36 ? 2.28559   -12.85119 6.38057   1.000 5.13898  ?  81  ILE A N   1 
ATOM   272  C CA  . ILE A 1 36 ? 1.47207   -13.15631 5.21282   1.000 5.87686  ?  81  ILE A CA  1 
ATOM   273  C C   . ILE A 1 36 ? 2.27607   -14.06293 4.29637   1.000 5.33266  ?  81  ILE A C   1 
ATOM   274  O O   . ILE A 1 36 ? 3.41693   -13.74481 3.94157   1.000 5.63594  ?  81  ILE A O   1 
ATOM   275  C CB  . ILE A 1 36 ? 1.03141   -11.88250 4.47185   1.000 6.46333  ?  81  ILE A CB  1 
ATOM   276  C CG1 . ILE A 1 36 ? 0.15015   -11.04171 5.39254   1.000 8.74872  ?  81  ILE A CG1 1 
ATOM   277  C CG2 . ILE A 1 36 ? 0.28639   -12.24169 3.20157   1.000 8.01936  ?  81  ILE A CG2 1 
ATOM   278  C CD1 . ILE A 1 36 ? -0.20224  -9.68692  4.83708   1.000 9.28640  ?  81  ILE A CD1 1 
ATOM   279  N N   . ASP A 1 37 ? 1.68560   -15.19477 3.92503   1.000 5.85819  ?  82  ASP A N   1 
ATOM   280  C CA  . ASP A 1 37 ? 2.30998   -16.13837 3.00857   1.000 6.05542  ?  82  ASP A CA  1 
ATOM   281  C C   . ASP A 1 37 ? 1.98226   -15.73745 1.57499   1.000 6.13585  ?  82  ASP A C   1 
ATOM   282  O O   . ASP A 1 37 ? 0.80984   -15.66909 1.19163   1.000 8.07220  ?  82  ASP A O   1 
ATOM   283  C CB  . ASP A 1 37 ? 1.81379   -17.54909 3.30221   1.000 6.73036  ?  82  ASP A CB  1 
ATOM   284  C CG  . ASP A 1 37 ? 2.25766   -18.03814 4.65901   1.000 6.89295  ?  82  ASP A CG  1 
ATOM   285  O OD1 . ASP A 1 37 ? 3.42834   -17.78463 5.02070   1.000 7.73567  ?  82  ASP A OD1 1 
ATOM   286  O OD2 . ASP A 1 37 ? 1.43855   -18.67104 5.36112   1.000 8.16469  -1 82  ASP A OD2 1 
ATOM   287  N N   . VAL A 1 38 ? 3.01828   -15.47052 0.78825   1.000 6.85308  ?  83  VAL A N   1 
ATOM   288  C CA  . VAL A 1 38 ? 2.84398   -15.01933 -0.58446  1.000 8.15973  ?  83  VAL A CA  1 
ATOM   289  C C   . VAL A 1 38 ? 3.47389   -16.00736 -1.55430  1.000 8.94415  ?  83  VAL A C   1 
ATOM   290  O O   . VAL A 1 38 ? 4.25312   -16.87959 -1.16670  1.000 13.41847 ?  83  VAL A O   1 
ATOM   291  C CB  . VAL A 1 38 ? 3.42849   -13.61083 -0.79361  1.000 7.43746  ?  83  VAL A CB  1 
ATOM   292  C CG1 . VAL A 1 38 ? 2.85277   -12.62995 0.21247   1.000 8.94485  ?  83  VAL A CG1 1 
ATOM   293  C CG2 . VAL A 1 38 ? 4.95109   -13.65155 -0.71234  1.000 9.05653  ?  83  VAL A CG2 1 
ATOM   294  O OXT . VAL A 1 38 ? 3.21461   -15.93690 -2.75688  1.000 10.47587 ?  83  VAL A OXT 1 
ATOM   295  N N   . ALA B 2 2  ? 6.88416   -17.30032 0.03170   1.000 14.67962 ?  2   ALA B N   1 
ATOM   296  C CA  . ALA B 2 2  ? 7.61366   -16.91282 1.23150   1.000 11.49757 ?  2   ALA B CA  1 
ATOM   297  C C   . ALA B 2 2  ? 6.66504   -16.33940 2.27293   1.000 7.71621  ?  2   ALA B C   1 
ATOM   298  O O   . ALA B 2 2  ? 5.60360   -15.81833 1.93619   1.000 10.06219 ?  2   ALA B O   1 
ATOM   299  C CB  . ALA B 2 2  ? 8.68849   -15.89395 0.88381   1.000 16.66345 ?  2   ALA B CB  1 
ATOM   300  N N   . ARG B 2 3  ? 7.05339   -16.42786 3.53958   1.000 7.85705  ?  3   ARG B N   1 
ATOM   301  C CA  . ARG B 2 3  ? 6.32560   -15.76527 4.61228   1.000 6.91604  ?  3   ARG B CA  1 
ATOM   302  C C   . ARG B 2 3  ? 6.94169   -14.38908 4.82096   1.000 6.34194  ?  3   ARG B C   1 
ATOM   303  O O   . ARG B 2 3  ? 8.12491   -14.28173 5.16068   1.000 8.89645  ?  3   ARG B O   1 
ATOM   304  C CB  . ARG B 2 3  ? 6.40161   -16.57847 5.90388   1.000 7.13281  ?  3   ARG B CB  1 
ATOM   305  C CG  . ARG B 2 3  ? 5.67466   -15.92516 7.07125   1.000 7.15220  ?  3   ARG B CG  1 
ATOM   306  C CD  . ARG B 2 3  ? 5.28868   -16.94382 8.13322   1.000 7.56955  ?  3   ARG B CD  1 
ATOM   307  N NE  . ARG B 2 3  ? 4.15337   -17.75164 7.70224   1.000 7.01648  ?  3   ARG B NE  1 
ATOM   308  C CZ  . ARG B 2 3  ? 3.40805   -18.49768 8.51271   1.000 6.45204  ?  3   ARG B CZ  1 
ATOM   309  N NH1 . ARG B 2 3  ? 2.38657   -19.17962 8.02269   1.000 7.14841  ?  3   ARG B NH1 1 
ATOM   310  N NH2 . ARG B 2 3  ? 3.68835   -18.56732 9.80748   1.000 8.55166  ?  3   ARG B NH2 1 
ATOM   311  N N   . LEU B 2 4  ? 6.14812   -13.34527 4.60925   1.000 5.79459  ?  4   LEU B N   1 
ATOM   312  C CA  . LEU B 2 4  ? 6.59290   -11.96918 4.77619   1.000 5.83918  ?  4   LEU B CA  1 
ATOM   313  C C   . LEU B 2 4  ? 5.96845   -11.37811 6.02913   1.000 5.57980  ?  4   LEU B C   1 
ATOM   314  O O   . LEU B 2 4  ? 4.79624   -11.62588 6.32541   1.000 7.43738  ?  4   LEU B O   1 
ATOM   315  C CB  . LEU B 2 4  ? 6.17069   -11.11303 3.58226   1.000 6.11499  ?  4   LEU B CB  1 
ATOM   316  C CG  . LEU B 2 4  ? 6.66909   -11.54990 2.21057   1.000 7.40493  ?  4   LEU B CG  1 
ATOM   317  C CD1 . LEU B 2 4  ? 6.24196   -10.54822 1.16190   1.000 8.34898  ?  4   LEU B CD1 1 
ATOM   318  C CD2 . LEU B 2 4  ? 8.18218   -11.72189 2.20935   1.000 9.55900  ?  4   LEU B CD2 1 
ATOM   319  N N   . ASN B 2 5  ? 6.74269   -10.58416 6.75210   1.000 5.61144  ?  5   ASN B N   1 
ATOM   320  C CA  . ASN B 2 5  ? 6.25523   -9.86252  7.92138   1.000 6.09163  ?  5   ASN B CA  1 
ATOM   321  C C   . ASN B 2 5  ? 5.92539   -8.44740  7.45720   1.000 5.39554  ?  5   ASN B C   1 
ATOM   322  O O   . ASN B 2 5  ? 6.82578   -7.69572  7.07022   1.000 6.54915  ?  5   ASN B O   1 
ATOM   323  C CB  . ASN B 2 5  ? 7.33705   -9.86607  8.99794   1.000 7.74670  ?  5   ASN B CB  1 
ATOM   324  C CG  . ASN B 2 5  ? 6.82998   -9.41089  10.33943  1.000 7.27019  ?  5   ASN B CG  1 
ATOM   325  O OD1 . ASN B 2 5  ? 7.20663   -8.34641  10.81981  1.000 8.83771  ?  5   ASN B OD1 1 
ATOM   326  N ND2 . ASN B 2 5  ? 5.98083   -10.21736 10.96069  1.000 8.35676  ?  5   ASN B ND2 1 
ATOM   327  N N   . ILE B 2 6  ? 4.63803   -8.09439  7.46975   1.000 5.00459  ?  6   ILE B N   1 
ATOM   328  C CA  . ILE B 2 6  ? 4.12294   -6.89203  6.82011   1.000 5.19235  ?  6   ILE B CA  1 
ATOM   329  C C   . ILE B 2 6  ? 3.48760   -5.99777  7.87668   1.000 4.76521  ?  6   ILE B C   1 
ATOM   330  O O   . ILE B 2 6  ? 2.64039   -6.45490  8.64906   1.000 5.35670  ?  6   ILE B O   1 
ATOM   331  C CB  . ILE B 2 6  ? 3.07043   -7.24806  5.75159   1.000 5.94809  ?  6   ILE B CB  1 
ATOM   332  C CG1 . ILE B 2 6  ? 3.62899   -8.22167  4.70829   1.000 6.18410  ?  6   ILE B CG1 1 
ATOM   333  C CG2 . ILE B 2 6  ? 2.51743   -5.98614  5.10970   1.000 6.78246  ?  6   ILE B CG2 1 
ATOM   334  C CD1 . ILE B 2 6  ? 4.68581   -7.63659  3.80550   1.000 6.92679  ?  6   ILE B CD1 1 
ATOM   335  N N   . THR B 2 7  ? 3.86768   -4.72107  7.89243   1.000 4.84884  ?  7   THR B N   1 
ATOM   336  C CA  . THR B 2 7  ? 3.27317   -3.73640  8.79006   1.000 4.67558  ?  7   THR B CA  1 
ATOM   337  C C   . THR B 2 7  ? 2.24079   -2.91061  8.03540   1.000 4.35092  ?  7   THR B C   1 
ATOM   338  O O   . THR B 2 7  ? 2.52235   -2.41252  6.93907   1.000 6.53058  ?  7   THR B O   1 
ATOM   339  C CB  . THR B 2 7  ? 4.36395   -2.83751  9.37303   1.000 5.20657  ?  7   THR B CB  1 
ATOM   340  O OG1 . THR B 2 7  ? 5.20901   -3.62836  10.21150  1.000 5.81883  ?  7   THR B OG1 1 
ATOM   341  C CG2 . THR B 2 7  ? 3.77528   -1.70045  10.19738  1.000 7.14530  ?  7   THR B CG2 1 
ATOM   342  N N   . PHE B 2 8  ? 1.04702   -2.78019  8.61606   1.000 4.45763  ?  8   PHE B N   1 
ATOM   343  C CA  . PHE B 2 8  ? -0.05762  -2.03424  8.03292   1.000 4.72713  ?  8   PHE B CA  1 
ATOM   344  C C   . PHE B 2 8  ? -0.40710  -0.82436  8.89487   1.000 4.56343  ?  8   PHE B C   1 
ATOM   345  O O   . PHE B 2 8  ? -0.36483  -0.88484  10.13041  1.000 4.64926  ?  8   PHE B O   1 
ATOM   346  C CB  . PHE B 2 8  ? -1.34801  -2.88268  8.01805   1.000 5.15789  ?  8   PHE B CB  1 
ATOM   347  C CG  . PHE B 2 8  ? -1.33787  -4.06390  7.08014   1.000 5.59533  ?  8   PHE B CG  1 
ATOM   348  C CD1 . PHE B 2 8  ? -0.75526  -5.26757  7.44833   1.000 6.22465  ?  8   PHE B CD1 1 
ATOM   349  C CD2 . PHE B 2 8  ? -1.99801  -3.99391  5.86189   1.000 5.91677  ?  8   PHE B CD2 1 
ATOM   350  C CE1 . PHE B 2 8  ? -0.79040  -6.35805  6.59525   1.000 7.51079  ?  8   PHE B CE1 1 
ATOM   351  C CE2 . PHE B 2 8  ? -2.03303  -5.07521  5.00690   1.000 7.50603  ?  8   PHE B CE2 1 
ATOM   352  C CZ  . PHE B 2 8  ? -1.42844  -6.25992  5.37624   1.000 7.91294  ?  8   PHE B CZ  1 
ATOM   353  N N   . SER B 2 9  ? -0.84373  0.25039   8.23743   1.000 4.79660  ?  9   SER B N   1 
ATOM   354  C CA  . SER B 2 9  ? -1.61052  1.26730   8.93393   1.000 4.60500  ?  9   SER B CA  1 
ATOM   355  C C   . SER B 2 9  ? -2.94528  0.65762   9.36954   1.000 4.48913  ?  9   SER B C   1 
ATOM   356  O O   . SER B 2 9  ? -3.42532  -0.30666  8.76574   1.000 4.76679  ?  9   SER B O   1 
ATOM   357  C CB  . SER B 2 9  ? -1.88317  2.44818   8.00616   1.000 5.03035  ?  9   SER B CB  1 
ATOM   358  O OG  . SER B 2 9  ? -2.79751  2.07207   6.99459   1.000 4.85182  ?  9   SER B OG  1 
ATOM   359  N N   . PRO B 2 10 ? -3.56972  1.20365   10.41475  1.000 5.05097  ?  10  PRO B N   1 
ATOM   360  C CA  . PRO B 2 10 ? -4.88004  0.67188   10.82643  1.000 5.90266  ?  10  PRO B CA  1 
ATOM   361  C C   . PRO B 2 10 ? -5.89963  0.65947   9.70450   1.000 5.10386  ?  10  PRO B C   1 
ATOM   362  O O   . PRO B 2 10 ? -6.63778  -0.31998  9.53746   1.000 5.76146  ?  10  PRO B O   1 
ATOM   363  C CB  . PRO B 2 10 ? -5.29094  1.60190   11.97604  1.000 8.76852  ?  10  PRO B CB  1 
ATOM   364  C CG  . PRO B 2 10 ? -4.00582  2.10291   12.52205  1.000 8.71830  ?  10  PRO B CG  1 
ATOM   365  C CD  . PRO B 2 10 ? -3.09427  2.24924   11.33395  1.000 6.18297  ?  10  PRO B CD  1 
ATOM   366  N N   . GLN B 2 11 ? -5.96023  1.73209   8.91720   1.000 5.78217  ?  11  GLN B N   1 
ATOM   367  C CA  . GLN B 2 11 ? -6.94968  1.79092   7.85022   1.000 5.65649  ?  11  GLN B CA  1 
ATOM   368  C C   . GLN B 2 11 ? -6.63768  0.78532   6.74876   1.000 4.87940  ?  11  GLN B C   1 
ATOM   369  O O   . GLN B 2 11 ? -7.54802  0.13934   6.21913   1.000 5.40478  ?  11  GLN B O   1 
ATOM   370  C CB  . GLN B 2 11 ? -7.07150  3.22142   7.31862   1.000 6.85124  ?  11  GLN B CB  1 
ATOM   371  C CG  . GLN B 2 11 ? -7.69238  4.16277   8.34517   1.000 8.01016  ?  11  GLN B CG  1 
ATOM   372  C CD  . GLN B 2 11 ? -7.50827  5.62196   8.00879   1.000 9.34777  ?  11  GLN B CD  1 
ATOM   373  O OE1 . GLN B 2 11 ? -7.45816  5.99420   6.84136   1.000 10.70375 ?  11  GLN B OE1 1 
ATOM   374  N NE2 . GLN B 2 11 ? -7.39463  6.45964   9.03249   1.000 13.53643 ?  11  GLN B NE2 1 
ATOM   375  N N   . ALA B 2 12 ? -5.36056  0.63055   6.39068   1.000 4.50377  ?  12  ALA B N   1 
ATOM   376  C CA  . ALA B 2 12 ? -5.00898  -0.36256  5.37712   1.000 5.04904  ?  12  ALA B CA  1 
ATOM   377  C C   . ALA B 2 12 ? -5.33554  -1.76971  5.85383   1.000 4.68401  ?  12  ALA B C   1 
ATOM   378  O O   . ALA B 2 12 ? -5.78761  -2.60892  5.06609   1.000 5.13725  ?  12  ALA B O   1 
ATOM   379  C CB  . ALA B 2 12 ? -3.53227  -0.26114  5.00340   1.000 4.83813  ?  12  ALA B CB  1 
ATOM   380  N N   . PHE B 2 13 ? -5.11825  -2.04491  7.14023   1.000 4.42944  ?  13  PHE B N   1 
ATOM   381  C CA  . PHE B 2 13 ? -5.42394  -3.36941  7.66255   1.000 4.93767  ?  13  PHE B CA  1 
ATOM   382  C C   . PHE B 2 13 ? -6.92081  -3.65400  7.60001   1.000 4.83434  ?  13  PHE B C   1 
ATOM   383  O O   . PHE B 2 13 ? -7.33511  -4.75777  7.22843   1.000 5.31834  ?  13  PHE B O   1 
ATOM   384  C CB  . PHE B 2 13 ? -4.89291  -3.50036  9.08631   1.000 5.82260  ?  13  PHE B CB  1 
ATOM   385  C CG  . PHE B 2 13 ? -5.14406  -4.83759  9.69723   1.000 8.53650  ?  13  PHE B CG  1 
ATOM   386  C CD1 . PHE B 2 13 ? -4.59404  -5.97890  9.14503   1.000 11.54482 ?  13  PHE B CD1 1 
ATOM   387  C CD2 . PHE B 2 13 ? -5.93834  -4.95939  10.82562  1.000 13.67512 ?  13  PHE B CD2 1 
ATOM   388  C CE1 . PHE B 2 13 ? -4.82841  -7.21871  9.71317   1.000 14.76530 ?  13  PHE B CE1 1 
ATOM   389  C CE2 . PHE B 2 13 ? -6.17139  -6.19163  11.39632  1.000 16.86503 ?  13  PHE B CE2 1 
ATOM   390  C CZ  . PHE B 2 13 ? -5.62157  -7.32026  10.83727  1.000 15.11588 ?  13  PHE B CZ  1 
ATOM   391  N N   . GLU B 2 14 ? -7.75291  -2.66789  7.94880   1.000 5.00640  ?  14  GLU B N   1 
ATOM   392  C CA  . GLU B 2 14 ? -9.19644  -2.86012  7.85324   1.000 5.52697  ?  14  GLU B CA  1 
ATOM   393  C C   . GLU B 2 14 ? -9.61007  -3.17955  6.42263   1.000 4.77561  ?  14  GLU B C   1 
ATOM   394  O O   . GLU B 2 14 ? -10.47053 -4.03728  6.19237   1.000 4.92595  ?  14  GLU B O   1 
ATOM   395  C CB  . GLU B 2 14 ? -9.92820  -1.61745  8.35796   1.000 6.49014  ?  14  GLU B CB  1 
ATOM   396  C CG  . GLU B 2 14 ? -9.82737  -1.38991  9.85131   1.000 11.22363 ?  14  GLU B CG  1 
ATOM   397  C CD  . GLU B 2 14 ? -10.31751 -2.57611  10.65490  1.000 14.92176 ?  14  GLU B CD  1 
ATOM   398  O OE1 . GLU B 2 14 ? -11.42189 -3.07920  10.35925  1.000 18.55596 ?  14  GLU B OE1 1 
ATOM   399  O OE2 . GLU B 2 14 ? -9.59789  -3.00911  11.57880  1.000 17.36998 -1 14  GLU B OE2 1 
ATOM   400  N N   . ASP B 2 15 ? -9.00190  -2.50124  5.44539   1.000 4.63644  ?  15  ASP B N   1 
ATOM   401  C CA  . ASP B 2 15 ? -9.34183  -2.74208  4.04751   1.000 4.67356  ?  15  ASP B CA  1 
ATOM   402  C C   . ASP B 2 15 ? -8.84250  -4.10774  3.57526   1.000 4.16402  ?  15  ASP B C   1 
ATOM   403  O O   . ASP B 2 15 ? -9.52540  -4.78704  2.79766   1.000 4.85325  ?  15  ASP B O   1 
ATOM   404  C CB  . ASP B 2 15 ? -8.77728  -1.61650  3.18373   1.000 4.63204  ?  15  ASP B CB  1 
ATOM   405  C CG  . ASP B 2 15 ? -9.44918  -0.28102  3.44888   1.000 4.61173  ?  15  ASP B CG  1 
ATOM   406  O OD1 . ASP B 2 15 ? -10.64562 -0.26683  3.82865   1.000 6.15713  ?  15  ASP B OD1 1 
ATOM   407  O OD2 . ASP B 2 15 ? -8.77559  0.75463   3.26782   1.000 5.10686  -1 15  ASP B OD2 1 
ATOM   408  N N   . TYR B 2 16 ? -7.64788  -4.51480  4.02074   1.000 4.40655  ?  16  TYR B N   1 
ATOM   409  C CA  . TYR B 2 16 ? -7.13690  -5.84047  3.68082   1.000 4.49007  ?  16  TYR B CA  1 
ATOM   410  C C   . TYR B 2 16 ? -8.06325  -6.92569  4.22015   1.000 4.44631  ?  16  TYR B C   1 
ATOM   411  O O   . TYR B 2 16 ? -8.38664  -7.89113  3.51532   1.000 4.56814  ?  16  TYR B O   1 
ATOM   412  C CB  . TYR B 2 16 ? -5.71480  -5.98466  4.22793   1.000 4.82077  ?  16  TYR B CB  1 
ATOM   413  C CG  . TYR B 2 16 ? -4.95097  -7.20405  3.77154   1.000 4.34465  ?  16  TYR B CG  1 
ATOM   414  C CD1 . TYR B 2 16 ? -4.48118  -7.31463  2.46813   1.000 4.83764  ?  16  TYR B CD1 1 
ATOM   415  C CD2 . TYR B 2 16 ? -4.66748  -8.23455  4.65615   1.000 4.76138  ?  16  TYR B CD2 1 
ATOM   416  C CE1 . TYR B 2 16 ? -3.76188  -8.42653  2.05450   1.000 4.79553  ?  16  TYR B CE1 1 
ATOM   417  C CE2 . TYR B 2 16 ? -3.95408  -9.34910  4.25299   1.000 4.55348  ?  16  TYR B CE2 1 
ATOM   418  C CZ  . TYR B 2 16 ? -3.50403  -9.44320  2.95666   1.000 4.27131  ?  16  TYR B CZ  1 
ATOM   419  O OH  . TYR B 2 16 ? -2.79520  -10.57071 2.58918   1.000 4.81628  ?  16  TYR B OH  1 
ATOM   420  N N   . LYS B 2 17 ? -8.53820  -6.75246  5.45700   1.000 4.84168  ?  17  LYS B N   1 
ATOM   421  C CA  . LYS B 2 17 ? -9.51621  -7.67671  6.02396   1.000 5.09494  ?  17  LYS B CA  1 
ATOM   422  C C   . LYS B 2 17 ? -10.81262 -7.67883  5.22200   1.000 4.90146  ?  17  LYS B C   1 
ATOM   423  O O   . LYS B 2 17 ? -11.41332 -8.74016  5.01057   1.000 5.42002  ?  17  LYS B O   1 
ATOM   424  C CB  . LYS B 2 17 ? -9.79170  -7.31386  7.48232   1.000 5.93919  ?  17  LYS B CB  1 
ATOM   425  C CG  . LYS B 2 17 ? -8.69658  -7.73123  8.44438   1.000 9.91464  ?  17  LYS B CG  1 
ATOM   426  C CD  . LYS B 2 17 ? -9.11372  -7.52436  9.89235   1.000 11.85613 ?  17  LYS B CD  1 
ATOM   427  C CE  . LYS B 2 17 ? -9.37306  -6.05749  10.20197  1.000 13.36657 ?  17  LYS B CE  1 
ATOM   428  N NZ  . LYS B 2 17 ? -9.61981  -5.83920  11.65534  1.000 15.56505 ?  17  LYS B NZ  1 
ATOM   429  N N   . TYR B 2 18 ? -11.27391 -6.50037  4.78858   1.000 4.97450  ?  18  TYR B N   1 
ATOM   430  C CA  . TYR B 2 18 ? -12.45475 -6.44324  3.93339   1.000 5.71455  ?  18  TYR B CA  1 
ATOM   431  C C   . TYR B 2 18 ? -12.26964 -7.32281  2.70176   1.000 5.53041  ?  18  TYR B C   1 
ATOM   432  O O   . TYR B 2 18 ? -13.16341 -8.09571  2.33158   1.000 5.52498  ?  18  TYR B O   1 
ATOM   433  C CB  . TYR B 2 18 ? -12.76599 -4.99678  3.52909   1.000 6.22229  ?  18  TYR B CB  1 
ATOM   434  C CG  . TYR B 2 18 ? -13.80460 -4.92740  2.43468   1.000 7.06086  ?  18  TYR B CG  1 
ATOM   435  C CD1 . TYR B 2 18 ? -15.16032 -4.93119  2.73101   1.000 8.96906  ?  18  TYR B CD1 1 
ATOM   436  C CD2 . TYR B 2 18 ? -13.42696 -4.89622  1.09790   1.000 8.18144  ?  18  TYR B CD2 1 
ATOM   437  C CE1 . TYR B 2 18 ? -16.11181 -4.89366  1.71955   1.000 11.11404 ?  18  TYR B CE1 1 
ATOM   438  C CE2 . TYR B 2 18 ? -14.36463 -4.85832  0.08709   1.000 9.79671  ?  18  TYR B CE2 1 
ATOM   439  C CZ  . TYR B 2 18 ? -15.70410 -4.85584  0.40083   1.000 11.25314 ?  18  TYR B CZ  1 
ATOM   440  O OH  . TYR B 2 18 ? -16.63420 -4.81767  -0.61355  1.000 15.36652 ?  18  TYR B OH  1 
ATOM   441  N N   . PHE B 2 19 ? -11.10432 -7.23051  2.05867   1.000 5.04169  ?  19  PHE B N   1 
ATOM   442  C CA  . PHE B 2 19 ? -10.86893 -8.07107  0.89161   1.000 5.31051  ?  19  PHE B CA  1 
ATOM   443  C C   . PHE B 2 19 ? -10.79558 -9.55220  1.27222   1.000 4.73367  ?  19  PHE B C   1 
ATOM   444  O O   . PHE B 2 19 ? -11.29870 -10.40617 0.53588   1.000 5.59727  ?  19  PHE B O   1 
ATOM   445  C CB  . PHE B 2 19 ? -9.60800  -7.62756  0.14665   1.000 5.37821  ?  19  PHE B CB  1 
ATOM   446  C CG  . PHE B 2 19 ? -9.70875  -6.27106  -0.53158  1.000 4.99568  ?  19  PHE B CG  1 
ATOM   447  C CD1 . PHE B 2 19 ? -10.82556 -5.89908  -1.26485  1.000 5.75486  ?  19  PHE B CD1 1 
ATOM   448  C CD2 . PHE B 2 19 ? -8.63565  -5.39131  -0.46513  1.000 5.37515  ?  19  PHE B CD2 1 
ATOM   449  C CE1 . PHE B 2 19 ? -10.87130 -4.66551  -1.89754  1.000 6.66658  ?  19  PHE B CE1 1 
ATOM   450  C CE2 . PHE B 2 19 ? -8.67446  -4.16434  -1.09728  1.000 5.98200  ?  19  PHE B CE2 1 
ATOM   451  C CZ  . PHE B 2 19 ? -9.79078  -3.79935  -1.81546  1.000 6.32169  ?  19  PHE B CZ  1 
ATOM   452  N N   . GLN B 2 20 ? -10.17497 -9.88489  2.40989   1.000 4.65286  ?  20  GLN B N   1 
ATOM   453  C CA  . GLN B 2 20 ? -10.15807 -11.28266 2.84339   1.000 5.58701  ?  20  GLN B CA  1 
ATOM   454  C C   . GLN B 2 20 ? -11.56861 -11.84035 2.95865   1.000 5.12124  ?  20  GLN B C   1 
ATOM   455  O O   . GLN B 2 20 ? -11.80716 -13.01967 2.66754   1.000 6.43785  ?  20  GLN B O   1 
ATOM   456  C CB  . GLN B 2 20 ? -9.45124  -11.41706 4.19133   1.000 5.56786  ?  20  GLN B CB  1 
ATOM   457  C CG  . GLN B 2 20 ? -7.96043  -11.20932 4.13430   1.000 5.05651  ?  20  GLN B CG  1 
ATOM   458  C CD  . GLN B 2 20 ? -7.32054  -11.19145 5.51253   1.000 5.35461  ?  20  GLN B CD  1 
ATOM   459  O OE1 . GLN B 2 20 ? -7.92856  -10.76961 6.49247   1.000 6.17447  ?  20  GLN B OE1 1 
ATOM   460  N NE2 . GLN B 2 20 ? -6.07775  -11.64113 5.58818   1.000 5.66017  ?  20  GLN B NE2 1 
ATOM   461  N N   . GLN B 2 21 ? -12.51326 -11.00640 3.38571   1.000 6.12127  ?  21  GLN B N   1 
ATOM   462  C CA  . GLN B 2 21 ? -13.88216 -11.41754 3.65144   1.000 6.41861  ?  21  GLN B CA  1 
ATOM   463  C C   . GLN B 2 21 ? -14.79634 -11.30675 2.44229   1.000 7.42515  ?  21  GLN B C   1 
ATOM   464  O O   . GLN B 2 21 ? -15.89334 -11.88038 2.46322   1.000 9.72601  ?  21  GLN B O   1 
ATOM   465  C CB  . GLN B 2 21 ? -14.44833 -10.58884 4.80948   1.000 7.79524  ?  21  GLN B CB  1 
ATOM   466  C CG  . GLN B 2 21 ? -13.72618 -10.87138 6.11483   1.000 8.36637  ?  21  GLN B CG  1 
ATOM   467  C CD  . GLN B 2 21 ? -13.91251 -9.79725  7.15939   1.000 12.84690 ?  21  GLN B CD  1 
ATOM   468  O OE1 . GLN B 2 21 ? -14.92319 -9.09699  7.17676   1.000 16.92221 ?  21  GLN B OE1 1 
ATOM   469  N NE2 . GLN B 2 21 ? -12.93037 -9.66231  8.04639   1.000 14.95701 ?  21  GLN B NE2 1 
ATOM   470  N N   . ASN B 2 22 ? -14.37959 -10.59378 1.39476   1.000 6.70267  ?  22  ASN B N   1 
ATOM   471  C CA  . ASN B 2 22 ? -15.27965 -10.29143 0.28515   1.000 8.48451  ?  22  ASN B CA  1 
ATOM   472  C C   . ASN B 2 22 ? -14.68432 -10.47166 -1.09777  1.000 7.62034  ?  22  ASN B C   1 
ATOM   473  O O   . ASN B 2 22 ? -15.45580 -10.55350 -2.06397  1.000 9.08434  ?  22  ASN B O   1 
ATOM   474  C CB  . ASN B 2 22 ? -15.80809 -8.85886  0.39521   1.000 8.90364  ?  22  ASN B CB  1 
ATOM   475  C CG  . ASN B 2 22 ? -16.66581 -8.65885  1.61287   1.000 10.15089 ?  22  ASN B CG  1 
ATOM   476  O OD1 . ASN B 2 22 ? -17.85210 -8.99047  1.61301   1.000 14.06504 ?  22  ASN B OD1 1 
ATOM   477  N ND2 . ASN B 2 22 ? -16.07000 -8.13062  2.67185   1.000 10.28000 ?  22  ASN B ND2 1 
ATOM   478  N N   . ASP B 2 23 ? -13.35365 -10.51900 -1.24471  1.000 7.51394  ?  23  ASP B N   1 
ATOM   479  C CA  . ASP B 2 23 ? -12.75786 -10.52443 -2.57955  1.000 7.29289  ?  23  ASP B CA  1 
ATOM   480  C C   . ASP B 2 23 ? -11.37136 -11.17116 -2.49045  1.000 6.23518  ?  23  ASP B C   1 
ATOM   481  O O   . ASP B 2 23 ? -10.32938 -10.50121 -2.43111  1.000 6.37795  ?  23  ASP B O   1 
ATOM   482  C CB  . ASP B 2 23 ? -12.67945 -9.11824  -3.17061  1.000 8.21051  ?  23  ASP B CB  1 
ATOM   483  C CG  . ASP B 2 23 ? -12.36734 -9.12481  -4.65096  1.000 9.18891  ?  23  ASP B CG  1 
ATOM   484  O OD1 . ASP B 2 23 ? -11.87672 -10.15516 -5.16283  1.000 10.38349 ?  23  ASP B OD1 1 
ATOM   485  O OD2 . ASP B 2 23 ? -12.59914 -8.09012  -5.30885  1.000 11.55867 -1 23  ASP B OD2 1 
ATOM   486  N N   . LYS B 2 24 ? -11.36216 -12.50707 -2.49371  1.000 7.65608  ?  24  LYS B N   1 
ATOM   487  C CA  . LYS B 2 24 ? -10.10969 -13.24255 -2.36922  1.000 7.83011  ?  24  LYS B CA  1 
ATOM   488  C C   . LYS B 2 24 ? -9.18394  -12.99852 -3.54983  1.000 6.56027  ?  24  LYS B C   1 
ATOM   489  O O   . LYS B 2 24 ? -7.96032  -13.08848 -3.40234  1.000 7.31936  ?  24  LYS B O   1 
ATOM   490  C CB  . LYS B 2 24 ? -10.39773 -14.73427 -2.24265  1.000 8.92203  ?  24  LYS B CB  1 
ATOM   491  C CG  . LYS B 2 24 ? -11.06408 -15.09797 -0.94784  1.000 10.27379 ?  24  LYS B CG  1 
ATOM   492  C CD  . LYS B 2 24 ? -11.08811 -16.59231 -0.76213  1.000 12.88854 ?  24  LYS B CD  1 
ATOM   493  C CE  . LYS B 2 24 ? -11.73531 -16.94634 0.55323   1.000 14.71391 ?  24  LYS B CE  1 
ATOM   494  N NZ  . LYS B 2 24 ? -11.46117 -18.35249 0.92772   1.000 12.34827 ?  24  LYS B NZ  1 
ATOM   495  N N   . LYS B 2 25 ? -9.73589  -12.71352 -4.73008  1.000 7.37449  ?  25  LYS B N   1 
ATOM   496  C CA  . LYS B 2 25 ? -8.87569  -12.41059 -5.86926  1.000 7.32384  ?  25  LYS B CA  1 
ATOM   497  C C   . LYS B 2 25 ? -8.10313  -11.11725 -5.64162  1.000 6.19626  ?  25  LYS B C   1 
ATOM   498  O O   . LYS B 2 25 ? -6.94151  -10.99908 -6.05049  1.000 6.80252  ?  25  LYS B O   1 
ATOM   499  C CB  . LYS B 2 25 ? -9.69507  -12.34170 -7.15711  1.000 8.67260  ?  25  LYS B CB  1 
ATOM   500  C CG  . LYS B 2 25 ? -10.32760 -13.66187 -7.55677  1.000 12.79015 ?  25  LYS B CG  1 
ATOM   501  C CD  . LYS B 2 25 ? -10.91813 -13.58916 -8.95379  1.000 16.26525 ?  25  LYS B CD  1 
ATOM   502  C CE  . LYS B 2 25 ? -11.63774 -14.87913 -9.30972  1.000 19.05462 ?  25  LYS B CE  1 
ATOM   503  N NZ  . LYS B 2 25 ? -12.24728 -14.81492 -10.66585 1.000 20.56558 ?  25  LYS B NZ  1 
ATOM   504  N N   . MET B 2 26 ? -8.72393  -10.14373 -4.96736  1.000 5.83865  ?  26  MET B N   1 
ATOM   505  C CA  . MET B 2 26 ? -8.01769  -8.90988  -4.63370  1.000 5.69502  ?  26  MET B CA  1 
ATOM   506  C C   . MET B 2 26 ? -6.88184  -9.17719  -3.65539  1.000 4.90516  ?  26  MET B C   1 
ATOM   507  O O   . MET B 2 26 ? -5.79365  -8.60544  -3.79046  1.000 5.01426  ?  26  MET B O   1 
ATOM   508  C CB  . MET B 2 26 ? -8.98508  -7.86960  -4.07137  1.000 5.76668  ?  26  MET B CB  1 
ATOM   509  C CG  . MET B 2 26 ? -8.45661  -6.44686  -4.15538  1.000 6.38631  ?  26  MET B CG  1 
ATOM   510  S SD  . MET B 2 26 ? -8.71233  -5.69009  -5.77752  1.000 6.60878  ?  26  MET B SD  1 
ATOM   511  C CE  . MET B 2 26 ? -10.49210 -5.49281  -5.75454  1.000 7.75202  ?  26  MET B CE  1 
ATOM   512  N N   . VAL B 2 27 ? -7.11642  -10.04119 -2.66089  1.000 4.90710  ?  27  VAL B N   1 
ATOM   513  C CA  . VAL B 2 27 ? -6.05257  -10.41973 -1.73029  1.000 4.95139  ?  27  VAL B CA  1 
ATOM   514  C C   . VAL B 2 27 ? -4.90174  -11.07520 -2.47730  1.000 5.06894  ?  27  VAL B C   1 
ATOM   515  O O   . VAL B 2 27 ? -3.72781  -10.77574 -2.22924  1.000 4.83368  ?  27  VAL B O   1 
ATOM   516  C CB  . VAL B 2 27 ? -6.58657  -11.33826 -0.61517  1.000 5.44712  ?  27  VAL B CB  1 
ATOM   517  C CG1 . VAL B 2 27 ? -5.44522  -11.78403 0.28979   1.000 6.28035  ?  27  VAL B CG1 1 
ATOM   518  C CG2 . VAL B 2 27 ? -7.65552  -10.63416 0.19143   1.000 6.61132  ?  27  VAL B CG2 1 
ATOM   519  N N   . LYS B 2 28 ? -5.22352  -11.99510 -3.39016  1.000 5.34411  ?  28  LYS B N   1 
ATOM   520  C CA  . LYS B 2 28 ? -4.18684  -12.67203 -4.16351  1.000 6.33079  ?  28  LYS B CA  1 
ATOM   521  C C   . LYS B 2 28 ? -3.32565  -11.66565 -4.91649  1.000 5.27192  ?  28  LYS B C   1 
ATOM   522  O O   . LYS B 2 28 ? -2.09397  -11.78105 -4.93308  1.000 6.29529  ?  28  LYS B O   1 
ATOM   523  C CB  . LYS B 2 28 ? -4.83784  -13.67114 -5.12006  1.000 7.40580  ?  28  LYS B CB  1 
ATOM   524  C CG  . LYS B 2 28 ? -3.89231  -14.39183 -6.06828  1.000 9.11799  ?  28  LYS B CG  1 
ATOM   525  C CD  . LYS B 2 28 ? -4.66651  -15.34303 -6.97355  1.000 12.91906 ?  28  LYS B CD  1 
ATOM   526  C CE  . LYS B 2 28 ? -3.74475  -16.07270 -7.93601  1.000 13.41974 ?  28  LYS B CE  1 
ATOM   527  N NZ  . LYS B 2 28 ? -3.41533  -15.24436 -9.12838  1.000 18.80742 ?  28  LYS B NZ  1 
ATOM   528  N N   . LYS B 2 29 ? -3.95806  -10.65168 -5.51749  1.000 5.63002  ?  29  LYS B N   1 
ATOM   529  C CA  . LYS B 2 29 ? -3.21281  -9.63953  -6.25803  1.000 5.47462  ?  29  LYS B CA  1 
ATOM   530  C C   . LYS B 2 29 ? -2.34525  -8.80020  -5.32874  1.000 4.74756  ?  29  LYS B C   1 
ATOM   531  O O   . LYS B 2 29 ? -1.17109  -8.54676  -5.62465  1.000 5.08815  ?  29  LYS B O   1 
ATOM   532  C CB  . LYS B 2 29 ? -4.16453  -8.75414  -7.05743  1.000 6.46168  ?  29  LYS B CB  1 
ATOM   533  C CG  . LYS B 2 29 ? -3.46124  -7.62923  -7.78725  1.000 8.14400  ?  29  LYS B CG  1 
ATOM   534  C CD  . LYS B 2 29 ? -2.45095  -8.15512  -8.79585  1.000 10.05781 ?  29  LYS B CD  1 
ATOM   535  C CE  . LYS B 2 29 ? -1.90089  -7.02824  -9.65336  1.000 11.09345 ?  29  LYS B CE  1 
ATOM   536  N NZ  . LYS B 2 29 ? -2.93632  -6.45805  -10.55462 1.000 14.00925 ?  29  LYS B NZ  1 
ATOM   537  N N   . ILE B 2 30 ? -2.90915  -8.33997  -4.20775  1.000 4.51560  ?  30  ILE B N   1 
ATOM   538  C CA  . ILE B 2 30 ? -2.10878  -7.59744  -3.23770  1.000 4.59711  ?  30  ILE B CA  1 
ATOM   539  C C   . ILE B 2 30 ? -0.89767  -8.41554  -2.81707  1.000 4.26928  ?  30  ILE B C   1 
ATOM   540  O O   . ILE B 2 30 ? 0.22975   -7.90850  -2.75759  1.000 4.40140  ?  30  ILE B O   1 
ATOM   541  C CB  . ILE B 2 30 ? -2.96523  -7.17793  -2.02784  1.000 4.46451  ?  30  ILE B CB  1 
ATOM   542  C CG1 . ILE B 2 30 ? -3.99426  -6.12437  -2.44484  1.000 4.75745  ?  30  ILE B CG1 1 
ATOM   543  C CG2 . ILE B 2 30 ? -2.07608  -6.67211  -0.89063  1.000 4.90290  ?  30  ILE B CG2 1 
ATOM   544  C CD1 . ILE B 2 30 ? -5.11255  -5.91798  -1.44752  1.000 5.58016  ?  30  ILE B CD1 1 
ATOM   545  N N   . ASN B 2 31 ? -1.10833  -9.70238  -2.54526  1.000 4.41511  ?  31  ASN B N   1 
ATOM   546  C CA  . ASN B 2 31 ? -0.01234  -10.54338 -2.08358  1.000 4.50880  ?  31  ASN B CA  1 
ATOM   547  C C   . ASN B 2 31 ? 1.05240   -10.72740 -3.16084  1.000 4.61479  ?  31  ASN B C   1 
ATOM   548  O O   . ASN B 2 31 ? 2.24749   -10.79031 -2.84636  1.000 4.62779  ?  31  ASN B O   1 
ATOM   549  C CB  . ASN B 2 31 ? -0.54666  -11.88696 -1.60819  1.000 4.55448  ?  31  ASN B CB  1 
ATOM   550  C CG  . ASN B 2 31 ? -1.31647  -11.78997 -0.30672  1.000 4.90310  ?  31  ASN B CG  1 
ATOM   551  O OD1 . ASN B 2 31 ? -1.42922  -10.72426 0.30539   1.000 5.37052  ?  31  ASN B OD1 1 
ATOM   552  N ND2 . ASN B 2 31 ? -1.84863  -12.92529 0.12930   1.000 6.63830  ?  31  ASN B ND2 1 
ATOM   553  N N   . GLU B 2 32 ? 0.64181   -10.80171 -4.43397  1.000 4.48302  ?  32  GLU B N   1 
ATOM   554  C CA  . GLU B 2 32 ? 1.61241   -10.86543 -5.52679  1.000 4.77137  ?  32  GLU B CA  1 
ATOM   555  C C   . GLU B 2 32 ? 2.44459   -9.58915  -5.59584  1.000 4.33193  ?  32  GLU B C   1 
ATOM   556  O O   . GLU B 2 32 ? 3.64802   -9.63488  -5.88720  1.000 5.07734  ?  32  GLU B O   1 
ATOM   557  C CB  . GLU B 2 32 ? 0.89632   -11.11393 -6.85853  1.000 5.91191  ?  32  GLU B CB  1 
ATOM   558  C CG  . GLU B 2 32 ? 0.37123   -12.53888 -7.01747  1.000 6.71740  ?  32  GLU B CG  1 
ATOM   559  C CD  . GLU B 2 32 ? -0.79912  -12.67589 -8.00045  1.000 10.03984 ?  32  GLU B CD  1 
ATOM   560  O OE1 . GLU B 2 32 ? -1.32726  -11.65435 -8.49534  1.000 11.86362 ?  32  GLU B OE1 1 
ATOM   561  O OE2 . GLU B 2 32 ? -1.19500  -13.83195 -8.27575  1.000 12.73835 -1 32  GLU B OE2 1 
ATOM   562  N N   . LEU B 2 33 ? 1.81987   -8.43667  -5.33441  1.000 4.43076  ?  33  LEU B N   1 
ATOM   563  C CA  . LEU B 2 33 ? 2.57441   -7.18941  -5.28912  1.000 4.34122  ?  33  LEU B CA  1 
ATOM   564  C C   . LEU B 2 33 ? 3.55500   -7.18617  -4.12547  1.000 4.35512  ?  33  LEU B C   1 
ATOM   565  O O   . LEU B 2 33 ? 4.70592   -6.76119  -4.28415  1.000 4.75995  ?  33  LEU B O   1 
ATOM   566  C CB  . LEU B 2 33 ? 1.63221   -5.98949  -5.20459  1.000 4.48437  ?  33  LEU B CB  1 
ATOM   567  C CG  . LEU B 2 33 ? 0.69668   -5.75707  -6.38801  1.000 5.20766  ?  33  LEU B CG  1 
ATOM   568  C CD1 . LEU B 2 33 ? -0.23528  -4.59610  -6.07439  1.000 6.59393  ?  33  LEU B CD1 1 
ATOM   569  C CD2 . LEU B 2 33 ? 1.46658   -5.49618  -7.67429  1.000 5.11713  ?  33  LEU B CD2 1 
ATOM   570  N N   . LEU B 2 34 ? 3.11570   -7.64875  -2.94802  1.000 4.41120  ?  34  LEU B N   1 
ATOM   571  C CA  . LEU B 2 34 ? 4.01425   -7.74236  -1.80221  1.000 4.79444  ?  34  LEU B CA  1 
ATOM   572  C C   . LEU B 2 34 ? 5.18638   -8.66712  -2.09877  1.000 4.64129  ?  34  LEU B C   1 
ATOM   573  O O   . LEU B 2 34 ? 6.33849   -8.35339  -1.76693  1.000 4.74314  ?  34  LEU B O   1 
ATOM   574  C CB  . LEU B 2 34 ? 3.25423   -8.23467  -0.57290  1.000 4.19111  ?  34  LEU B CB  1 
ATOM   575  C CG  . LEU B 2 34 ? 2.16138   -7.30978  -0.04116  1.000 5.49314  ?  34  LEU B CG  1 
ATOM   576  C CD1 . LEU B 2 34 ? 1.38224   -7.99510  1.06818   1.000 6.20831  ?  34  LEU B CD1 1 
ATOM   577  C CD2 . LEU B 2 34 ? 2.75607   -5.99671  0.44238   1.000 7.01955  ?  34  LEU B CD2 1 
ATOM   578  N N   . LYS B 2 35 ? 4.90833   -9.81422  -2.72836  1.000 4.56074  ?  35  LYS B N   1 
ATOM   579  C CA  . LYS B 2 35 ? 5.97687   -10.72565 -3.12608  1.000 4.54638  ?  35  LYS B CA  1 
ATOM   580  C C   . LYS B 2 35 ? 6.99778   -10.01152 -3.99840  1.000 4.09933  ?  35  LYS B C   1 
ATOM   581  O O   . LYS B 2 35 ? 8.21048   -10.16921 -3.81230  1.000 5.14973  ?  35  LYS B O   1 
ATOM   582  C CB  . LYS B 2 35 ? 5.39713   -11.93444 -3.87175  1.000 5.20651  ?  35  LYS B CB  1 
ATOM   583  C CG  . LYS B 2 35 ? 6.45234   -12.92676 -4.34173  1.000 6.45252  ?  35  LYS B CG  1 
ATOM   584  C CD  . LYS B 2 35 ? 5.84340   -14.11326 -5.07829  1.000 8.56494  ?  35  LYS B CD  1 
ATOM   585  C CE  . LYS B 2 35 ? 6.92473   -15.09279 -5.50999  1.000 11.10510 ?  35  LYS B CE  1 
ATOM   586  N NZ  . LYS B 2 35 ? 6.35965   -16.24247 -6.26878  1.000 16.26747 ?  35  LYS B NZ  1 
ATOM   587  N N   . SER B 2 36 ? 6.51809   -9.20843  -4.94945  1.000 4.54540  ?  36  SER B N   1 
ATOM   588  C CA  . SER B 2 36 ? 7.40248   -8.51656  -5.88189  1.000 4.46882  ?  36  SER B CA  1 
ATOM   589  C C   . SER B 2 36 ? 8.21284   -7.41930  -5.19172  1.000 4.61659  ?  36  SER B C   1 
ATOM   590  O O   . SER B 2 36 ? 9.40994   -7.26150  -5.46810  1.000 5.11753  ?  36  SER B O   1 
ATOM   591  C CB  . SER B 2 36 ? 6.56978   -7.94868  -7.02927  1.000 4.71001  ?  36  SER B CB  1 
ATOM   592  O OG  . SER B 2 36 ? 7.37151   -7.29527  -7.99932  1.000 4.69323  ?  36  SER B OG  1 
ATOM   593  N N   . ILE B 2 37 ? 7.58139   -6.64677  -4.29880  1.000 4.71843  ?  37  ILE B N   1 
ATOM   594  C CA  . ILE B 2 37 ? 8.31419   -5.63367  -3.53856  1.000 4.81692  ?  37  ILE B CA  1 
ATOM   595  C C   . ILE B 2 37 ? 9.44484   -6.27659  -2.74953  1.000 5.34644  ?  37  ILE B C   1 
ATOM   596  O O   . ILE B 2 37 ? 10.56987  -5.76454  -2.70781  1.000 5.68789  ?  37  ILE B O   1 
ATOM   597  C CB  . ILE B 2 37 ? 7.36436   -4.85405  -2.61169  1.000 5.11640  ?  37  ILE B CB  1 
ATOM   598  C CG1 . ILE B 2 37 ? 6.33564   -4.05689  -3.41732  1.000 4.97887  ?  37  ILE B CG1 1 
ATOM   599  C CG2 . ILE B 2 37 ? 8.15505   -3.94277  -1.68553  1.000 5.38868  ?  37  ILE B CG2 1 
ATOM   600  C CD1 . ILE B 2 37 ? 5.10259   -3.69545  -2.61031  1.000 5.63585  ?  37  ILE B CD1 1 
ATOM   601  N N   . ASP B 2 38 ? 9.16051   -7.40396  -2.10080  1.000 5.12851  ?  38  ASP B N   1 
ATOM   602  C CA  . ASP B 2 38 ? 10.18646  -8.07740  -1.31820  1.000 5.82500  ?  38  ASP B CA  1 
ATOM   603  C C   . ASP B 2 38 ? 11.27734  -8.66037  -2.20779  1.000 5.49674  ?  38  ASP B C   1 
ATOM   604  O O   . ASP B 2 38 ? 12.46546  -8.57090  -1.87957  1.000 6.61394  ?  38  ASP B O   1 
ATOM   605  C CB  . ASP B 2 38 ? 9.55088   -9.17007  -0.46231  1.000 5.77238  ?  38  ASP B CB  1 
ATOM   606  C CG  . ASP B 2 38 ? 10.57779  -10.00797 0.24520   1.000 6.21602  ?  38  ASP B CG  1 
ATOM   607  O OD1 . ASP B 2 38 ? 11.15641  -9.51562  1.23320   1.000 8.11100  ?  38  ASP B OD1 1 
ATOM   608  O OD2 . ASP B 2 38 ? 10.81385  -11.15234 -0.18813  1.000 7.90070  -1 38  ASP B OD2 1 
ATOM   609  N N   . ARG B 2 39 ? 10.89852  -9.25849  -3.33560  1.000 5.48579  ?  39  ARG B N   1 
ATOM   610  C CA  . ARG B 2 39 ? 11.86406  -9.96103  -4.17040  1.000 6.29041  ?  39  ARG B CA  1 
ATOM   611  C C   . ARG B 2 39 ? 12.71861  -9.00526  -4.98647  1.000 5.31701  ?  39  ARG B C   1 
ATOM   612  O O   . ARG B 2 39 ? 13.87294  -9.32890  -5.30574  1.000 6.18119  ?  39  ARG B O   1 
ATOM   613  C CB  . ARG B 2 39 ? 11.11801  -10.91361 -5.10585  1.000 7.02381  ?  39  ARG B CB  1 
ATOM   614  C CG  . ARG B 2 39 ? 11.98130  -11.79344 -5.97877  1.000 10.06383 ?  39  ARG B CG  1 
ATOM   615  C CD  . ARG B 2 39 ? 11.14116  -12.84718 -6.68088  1.000 11.46778 ?  39  ARG B CD  1 
ATOM   616  N NE  . ARG B 2 39 ? 10.89879  -13.98724 -5.80116  1.000 18.61714 ?  39  ARG B NE  1 
ATOM   617  C CZ  . ARG B 2 39 ? 11.39396  -15.20676 -5.99325  1.000 12.02555 ?  39  ARG B CZ  1 
ATOM   618  N NH1 . ARG B 2 39 ? 12.15132  -15.45945 -7.05043  1.000 17.41468 ?  39  ARG B NH1 1 
ATOM   619  N NH2 . ARG B 2 39 ? 11.12054  -16.17499 -5.13198  1.000 19.51662 ?  39  ARG B NH2 1 
ATOM   620  N N   . ASN B 2 40 ? 12.17355  -7.84210  -5.34431  1.000 6.30485  ?  40  ASN B N   1 
ATOM   621  C CA  . ASN B 2 40 ? 12.83032  -6.97789  -6.30791  1.000 6.11861  ?  40  ASN B CA  1 
ATOM   622  C C   . ASN B 2 40 ? 12.97681  -5.52335  -5.88442  1.000 6.63059  ?  40  ASN B C   1 
ATOM   623  O O   . ASN B 2 40 ? 13.58376  -4.74558  -6.62808  1.000 8.76181  ?  40  ASN B O   1 
ATOM   624  C CB  . ASN B 2 40 ? 12.15787  -7.10128  -7.67972  1.000 6.78146  ?  40  ASN B CB  1 
ATOM   625  C CG  . ASN B 2 40 ? 12.49472  -8.41386  -8.34369  1.000 6.18114  ?  40  ASN B CG  1 
ATOM   626  O OD1 . ASN B 2 40 ? 11.75805  -9.38878  -8.22359  1.000 7.03322  ?  40  ASN B OD1 1 
ATOM   627  N ND2 . ASN B 2 40 ? 13.64945  -8.46106  -8.99856  1.000 6.54167  ?  40  ASN B ND2 1 
ATOM   628  N N   . GLY B 2 41 ? 12.48362  -5.14367  -4.71298  1.000 7.00513  ?  41  GLY B N   1 
ATOM   629  C CA  . GLY B 2 41 ? 12.64108  -3.79775  -4.20324  1.000 7.54426  ?  41  GLY B CA  1 
ATOM   630  C C   . GLY B 2 41 ? 11.44571  -2.91411  -4.51734  1.000 7.00134  ?  41  GLY B C   1 
ATOM   631  O O   . GLY B 2 41 ? 10.54746  -3.26488  -5.28588  1.000 7.12819  ?  41  GLY B O   1 
ATOM   632  N N   . ALA B 2 42 ? 11.45901  -1.72449  -3.91009  1.000 7.99159  ?  42  ALA B N   1 
ATOM   633  C CA  . ALA B 2 42 ? 10.29234  -0.84706  -3.95967  1.000 8.04326  ?  42  ALA B CA  1 
ATOM   634  C C   . ALA B 2 42 ? 9.90487   -0.47797  -5.38571  1.000 7.56505  ?  42  ALA B C   1 
ATOM   635  O O   . ALA B 2 42 ? 8.71505   -0.40199  -5.70693  1.000 9.01736  ?  42  ALA B O   1 
ATOM   636  C CB  . ALA B 2 42 ? 10.53919  0.41264   -3.13313  1.000 9.68646  ?  42  ALA B CB  1 
ATOM   637  N N   . LEU B 2 43 ? 10.88295  -0.24406  -6.25478  1.000 8.48437  ?  43  LEU B N   1 
ATOM   638  C CA  . LEU B 2 43 ? 10.61112  0.36395   -7.55014  1.000 8.75782  ?  43  LEU B CA  1 
ATOM   639  C C   . LEU B 2 43 ? 10.58192  -0.62082  -8.71172  1.000 8.63034  ?  43  LEU B C   1 
ATOM   640  O O   . LEU B 2 43 ? 10.38066  -0.19285  -9.85310  1.000 12.15270 ?  43  LEU B O   1 
ATOM   641  C CB  . LEU B 2 43 ? 11.62202  1.47960   -7.83548  1.000 12.22719 ?  43  LEU B CB  1 
ATOM   642  C CG  . LEU B 2 43 ? 11.18975  2.87336   -7.38379  1.000 16.46272 ?  43  LEU B CG  1 
ATOM   643  C CD1 . LEU B 2 43 ? 12.28887  3.88792   -7.65631  1.000 17.15149 ?  43  LEU B CD1 1 
ATOM   644  C CD2 . LEU B 2 43 ? 9.89415   3.27277   -8.07415  1.000 15.70048 ?  43  LEU B CD2 1 
ATOM   645  N N   . GLU B 2 44 ? 10.76275  -1.91743  -8.46965  1.000 7.22281  ?  44  GLU B N   1 
ATOM   646  C CA  . GLU B 2 44 ? 10.94642  -2.86827  -9.56082  1.000 7.50463  ?  44  GLU B CA  1 
ATOM   647  C C   . GLU B 2 44 ? 9.92605   -3.99726  -9.50432  1.000 5.74032  ?  44  GLU B C   1 
ATOM   648  O O   . GLU B 2 44 ? 9.67800   -4.57634  -8.44194  1.000 7.26857  ?  44  GLU B O   1 
ATOM   649  C CB  . GLU B 2 44 ? 12.36692  -3.44498  -9.56102  1.000 8.05915  ?  44  GLU B CB  1 
ATOM   650  C CG  . GLU B 2 44 ? 13.46598  -2.39568  -9.52526  1.000 11.37990 ?  44  GLU B CG  1 
ATOM   651  C CD  . GLU B 2 44 ? 13.42216  -1.44831  -10.71105 1.000 12.28818 ?  44  GLU B CD  1 
ATOM   652  O OE1 . GLU B 2 44 ? 13.06985  -1.89470  -11.82323 1.000 10.81885 ?  44  GLU B OE1 1 
ATOM   653  O OE2 . GLU B 2 44 ? 13.74918  -0.25422  -10.53416 1.000 17.19859 -1 44  GLU B OE2 1 
ATOM   654  N N   . GLY B 2 45 ? 9.35851   -4.32600  -10.66260 1.000 6.32214  ?  45  GLY B N   1 
ATOM   655  C CA  . GLY B 2 45 ? 8.43789   -5.43812  -10.75697 1.000 6.73595  ?  45  GLY B CA  1 
ATOM   656  C C   . GLY B 2 45 ? 7.03583   -5.05844  -11.18355 1.000 5.66373  ?  45  GLY B C   1 
ATOM   657  O O   . GLY B 2 45 ? 6.80846   -4.00587  -11.79149 1.000 6.64921  ?  45  GLY B O   1 
ATOM   658  N N   . ILE B 2 46 ? 6.07956   -5.92467  -10.84059 1.000 5.52049  ?  46  ILE B N   1 
ATOM   659  C CA  . ILE B 2 46 ? 4.71480   -5.80478  -11.34244 1.000 5.17415  ?  46  ILE B CA  1 
ATOM   660  C C   . ILE B 2 46 ? 3.98141   -4.63357  -10.69822 1.000 5.17231  ?  46  ILE B C   1 
ATOM   661  O O   . ILE B 2 46 ? 4.30993   -4.16194  -9.60341  1.000 5.30415  ?  46  ILE B O   1 
ATOM   662  C CB  . ILE B 2 46 ? 3.92486   -7.11178  -11.16071 1.000 5.30926  ?  46  ILE B CB  1 
ATOM   663  C CG1 . ILE B 2 46 ? 4.04696   -7.65279  -9.73352  1.000 5.74997  ?  46  ILE B CG1 1 
ATOM   664  C CG2 . ILE B 2 46 ? 4.35716   -8.13838  -12.18105 1.000 6.13041  ?  46  ILE B CG2 1 
ATOM   665  C CD1 . ILE B 2 46 ? 2.96546   -8.65133  -9.38541  1.000 6.30113  ?  46  ILE B CD1 1 
ATOM   666  N N   . GLY B 2 47 ? 2.93451   -4.18580  -11.38688 1.000 5.99460  ?  47  GLY B N   1 
ATOM   667  C CA  . GLY B 2 47 ? 2.04863   -3.16750  -10.85785 1.000 5.92701  ?  47  GLY B CA  1 
ATOM   668  C C   . GLY B 2 47 ? 2.42289   -1.74198  -11.18553 1.000 5.84186  ?  47  GLY B C   1 
ATOM   669  O O   . GLY B 2 47 ? 1.88408   -0.81708  -10.56278 1.000 6.15419  ?  47  GLY B O   1 
ATOM   670  N N   . LYS B 2 48 ? 3.31421   -1.53408  -12.14796 1.000 6.40852  ?  48  LYS B N   1 
ATOM   671  C CA  . LYS B 2 48 ? 3.76099   -0.20149  -12.54336 1.000 8.05718  ?  48  LYS B CA  1 
ATOM   672  C C   . LYS B 2 48 ? 4.19819   0.63993   -11.34169 1.000 7.23493  ?  48  LYS B C   1 
ATOM   673  O O   . LYS B 2 48 ? 3.61385   1.69052   -11.06093 1.000 8.73981  ?  48  LYS B O   1 
ATOM   674  C CB  . LYS B 2 48 ? 2.71117   0.51656   -13.38045 1.000 10.11563 ?  48  LYS B CB  1 
ATOM   675  C CG  . LYS B 2 48 ? 2.30698   -0.30942  -14.59351 1.000 13.83811 ?  48  LYS B CG  1 
ATOM   676  C CD  . LYS B 2 48 ? 1.75031   0.52485   -15.72703 1.000 15.69936 ?  48  LYS B CD  1 
ATOM   677  C CE  . LYS B 2 48 ? 1.64386   -0.31815  -16.98941 1.000 18.37533 ?  48  LYS B CE  1 
ATOM   678  N NZ  . LYS B 2 48 ? 1.12070   -1.68018  -16.68040 1.000 21.68393 ?  48  LYS B NZ  1 
ATOM   679  N N   . PRO B 2 49 ? 5.22044   0.19458   -10.61297 1.000 7.62234  ?  49  PRO B N   1 
ATOM   680  C CA  . PRO B 2 49 ? 5.63635   0.91574   -9.40726  1.000 7.05935  ?  49  PRO B CA  1 
ATOM   681  C C   . PRO B 2 49 ? 6.02700   2.35026   -9.72874  1.000 7.26794  ?  49  PRO B C   1 
ATOM   682  O O   . PRO B 2 49 ? 6.68630   2.62704   -10.73489 1.000 8.94890  ?  49  PRO B O   1 
ATOM   683  C CB  . PRO B 2 49 ? 6.83416   0.10253   -8.89796  1.000 8.43672  ?  49  PRO B CB  1 
ATOM   684  C CG  . PRO B 2 49 ? 6.81064   -1.18840  -9.65442  1.000 11.15590 ?  49  PRO B CG  1 
ATOM   685  C CD  . PRO B 2 49 ? 6.10515   -0.93966  -10.93096 1.000 7.30504  ?  49  PRO B CD  1 
ATOM   686  N N   . GLU B 2 50 ? 5.59660   3.26764   -8.86093  1.000 7.97885  ?  50  GLU B N   1 
ATOM   687  C CA  . GLU B 2 50 ? 5.82583   4.69775   -9.02705  1.000 8.99241  ?  50  GLU B CA  1 
ATOM   688  C C   . GLU B 2 50 ? 6.28997   5.27802   -7.70194  1.000 7.11320  ?  50  GLU B C   1 
ATOM   689  O O   . GLU B 2 50 ? 5.69915   4.98679   -6.65788  1.000 7.39131  ?  50  GLU B O   1 
ATOM   690  C CB  . GLU B 2 50 ? 4.53510   5.42024   -9.43818  1.000 11.71289 ?  50  GLU B CB  1 
ATOM   691  C CG  . GLU B 2 50 ? 3.98007   5.03136   -10.79314 1.000 15.67514 ?  50  GLU B CG  1 
ATOM   692  C CD  . GLU B 2 50 ? 4.67895   5.73725   -11.93537 1.000 17.17121 ?  50  GLU B CD  1 
ATOM   693  O OE1 . GLU B 2 50 ? 5.59902   6.53918   -11.67035 1.000 20.09643 ?  50  GLU B OE1 1 
ATOM   694  O OE2 . GLU B 2 50 ? 4.30319   5.49276   -13.10165 1.000 21.93317 -1 50  GLU B OE2 1 
ATOM   695  N N   . LYS B 2 51 ? 7.33955   6.09697   -7.74270  1.000 7.74074  ?  51  LYS B N   1 
ATOM   696  C CA  . LYS B 2 51 ? 7.74172   6.89829   -6.59315  1.000 7.37367  ?  51  LYS B CA  1 
ATOM   697  C C   . LYS B 2 51 ? 6.78729   8.07780   -6.47183  1.000 6.93141  ?  51  LYS B C   1 
ATOM   698  O O   . LYS B 2 51 ? 6.65487   8.86455   -7.41563  1.000 11.13926 ?  51  LYS B O   1 
ATOM   699  C CB  . LYS B 2 51 ? 9.16501   7.39840   -6.82476  1.000 11.47522 ?  51  LYS B CB  1 
ATOM   700  C CG  . LYS B 2 51 ? 9.76265   8.20756   -5.69449  1.000 16.59273 ?  51  LYS B CG  1 
ATOM   701  C CD  . LYS B 2 51 ? 9.67860   7.46586   -4.38288  1.000 18.82596 ?  51  LYS B CD  1 
ATOM   702  C CE  . LYS B 2 51 ? 9.75715   8.42792   -3.22012  1.000 17.96549 ?  51  LYS B CE  1 
ATOM   703  N NZ  . LYS B 2 51 ? 8.39429   8.85773   -2.83340  1.000 7.44722  ?  51  LYS B NZ  1 
ATOM   704  N N   . LEU B 2 52 ? 6.12817   8.21190   -5.32291  1.000 5.74573  ?  52  LEU B N   1 
ATOM   705  C CA  . LEU B 2 52 ? 5.13531   9.26392   -5.18152  1.000 5.52452  ?  52  LEU B CA  1 
ATOM   706  C C   . LEU B 2 52 ? 5.79090   10.59798  -4.82613  1.000 5.76542  ?  52  LEU B C   1 
ATOM   707  O O   . LEU B 2 52 ? 6.91009   10.65964  -4.30620  1.000 6.73012  ?  52  LEU B O   1 
ATOM   708  C CB  . LEU B 2 52 ? 4.08361   8.87466   -4.15023  1.000 5.50536  ?  52  LEU B CB  1 
ATOM   709  C CG  . LEU B 2 52 ? 3.33364   7.59015   -4.50719  1.000 5.98551  ?  52  LEU B CG  1 
ATOM   710  C CD1 . LEU B 2 52 ? 2.40528   7.18774   -3.38120  1.000 6.30391  ?  52  LEU B CD1 1 
ATOM   711  C CD2 . LEU B 2 52 ? 2.57093   7.74690   -5.81828  1.000 7.00464  ?  52  LEU B CD2 1 
ATOM   712  N N   . LYS B 2 53 ? 5.07679   11.67335  -5.13371  1.000 6.54117  ?  53  LYS B N   1 
ATOM   713  C CA  . LYS B 2 53 ? 5.57984   13.03268  -5.01035  1.000 6.97938  ?  53  LYS B CA  1 
ATOM   714  C C   . LYS B 2 53 ? 4.71873   13.80642  -4.01138  1.000 5.91975  ?  53  LYS B C   1 
ATOM   715  O O   . LYS B 2 53 ? 3.89529   13.22670  -3.29366  1.000 5.93536  ?  53  LYS B O   1 
ATOM   716  C CB  . LYS B 2 53 ? 5.65049   13.69738  -6.38842  1.000 9.11923  ?  53  LYS B CB  1 
ATOM   717  C CG  . LYS B 2 53 ? 6.42430   12.89023  -7.43056  1.000 12.12055 ?  53  LYS B CG  1 
ATOM   718  C CD  . LYS B 2 53 ? 6.56812   13.67895  -8.72098  1.000 19.76629 ?  53  LYS B CD  1 
ATOM   719  C CE  . LYS B 2 53 ? 7.22226   15.03611  -8.48566  1.000 21.82778 ?  53  LYS B CE  1 
ATOM   720  N NZ  . LYS B 2 53 ? 7.75913   15.61349  -9.75283  1.000 26.38494 ?  53  LYS B NZ  1 
ATOM   721  N N   . SER B 2 54 ? 4.92418   15.11841  -3.96150  1.000 6.57059  ?  54  SER B N   1 
ATOM   722  C CA  . SER B 2 54 ? 4.12876   15.99819  -3.08901  1.000 6.77739  ?  54  SER B CA  1 
ATOM   723  C C   . SER B 2 54 ? 4.27275   15.51132  -1.64074  1.000 6.00008  ?  54  SER B C   1 
ATOM   724  O O   . SER B 2 54 ? 5.35274   15.04328  -1.24354  1.000 6.36272  ?  54  SER B O   1 
ATOM   725  C CB  . SER B 2 54 ? 2.71580   16.08530  -3.62620  1.000 6.98312  ?  54  SER B CB  1 
ATOM   726  O OG  . SER B 2 54 ? 1.89595   16.95726  -2.86558  1.000 7.10295  ?  54  SER B OG  1 
ATOM   727  N N   . ASN B 2 55 ? 3.21644   15.59487  -0.83180  1.000 6.67241  ?  55  ASN B N   1 
ATOM   728  C CA  . ASN B 2 55 ? 3.27200   15.14612  0.55514   1.000 7.32154  ?  55  ASN B CA  1 
ATOM   729  C C   . ASN B 2 55 ? 3.10498   13.63998  0.70180   1.000 6.96936  ?  55  ASN B C   1 
ATOM   730  O O   . ASN B 2 55 ? 2.95062   13.14467  1.82371   1.000 8.90787  ?  55  ASN B O   1 
ATOM   731  C CB  . ASN B 2 55 ? 2.27636   15.91360  1.43047   1.000 8.47680  ?  55  ASN B CB  1 
ATOM   732  C CG  . ASN B 2 55 ? 0.83297   15.59839  1.10240   1.000 8.75581  ?  55  ASN B CG  1 
ATOM   733  O OD1 . ASN B 2 55 ? 0.50701   15.15185  0.00335   1.000 13.69275 ?  55  ASN B OD1 1 
ATOM   734  N ND2 . ASN B 2 55 ? -0.05251  15.87096  2.05288   1.000 14.89393 ?  55  ASN B ND2 1 
ATOM   735  N N   . LEU B 2 56 ? 3.12960   12.90742  -0.40673  1.000 5.62555  ?  56  LEU B N   1 
ATOM   736  C CA  . LEU B 2 56 ? 3.23723   11.45966  -0.39448  1.000 6.09880  ?  56  LEU B CA  1 
ATOM   737  C C   . LEU B 2 56 ? 4.68074   11.00822  -0.59364  1.000 4.99929  ?  56  LEU B C   1 
ATOM   738  O O   . LEU B 2 56 ? 4.94449   9.80413   -0.69548  1.000 5.67412  ?  56  LEU B O   1 
ATOM   739  C CB  . LEU B 2 56 ? 2.30973   10.85971  -1.45159  1.000 5.47209  ?  56  LEU B CB  1 
ATOM   740  C CG  . LEU B 2 56 ? 0.84687   11.28676  -1.34332  1.000 6.19008  ?  56  LEU B CG  1 
ATOM   741  C CD1 . LEU B 2 56 ? 0.03301   10.65586  -2.46222  1.000 6.86912  ?  56  LEU B CD1 1 
ATOM   742  C CD2 . LEU B 2 56 ? 0.25700   10.93180  0.01020   1.000 7.46463  ?  56  LEU B CD2 1 
ATOM   743  N N   . THR B 2 57 ? 5.62221   11.95196  -0.63908  1.000 5.47619  ?  57  THR B N   1 
ATOM   744  C CA  . THR B 2 57 ? 7.01994   11.60770  -0.84605  1.000 5.51721  ?  57  THR B CA  1 
ATOM   745  C C   . THR B 2 57 ? 7.51396   10.67812  0.25646   1.000 6.49465  ?  57  THR B C   1 
ATOM   746  O O   . THR B 2 57 ? 7.10667   10.78013  1.41760   1.000 7.43291  ?  57  THR B O   1 
ATOM   747  C CB  . THR B 2 57 ? 7.87951   12.87579  -0.95533  1.000 6.32681  ?  57  THR B CB  1 
ATOM   748  O OG1 . THR B 2 57 ? 9.20769   12.52020  -1.35896  1.000 8.27350  ?  57  THR B OG1 1 
ATOM   749  C CG2 . THR B 2 57 ? 7.91990   13.65143  0.35366   1.000 7.36327  ?  57  THR B CG2 1 
ATOM   750  N N   . GLY B 2 58 ? 8.39118   9.75528   -0.12374  1.000 6.60629  ?  58  GLY B N   1 
ATOM   751  C CA  . GLY B 2 58 ? 8.82904   8.68460   0.74050   1.000 7.82296  ?  58  GLY B CA  1 
ATOM   752  C C   . GLY B 2 58 ? 8.06504   7.39718   0.54623   1.000 6.55616  ?  58  GLY B C   1 
ATOM   753  O O   . GLY B 2 58 ? 8.48680   6.35518   1.06838   1.000 9.47552  ?  58  GLY B O   1 
ATOM   754  N N   . TYR B 2 59 ? 6.96426   7.44214   -0.19343  1.000 4.81622  ?  59  TYR B N   1 
ATOM   755  C CA  . TYR B 2 59 ? 6.10183   6.30197   -0.44202  1.000 5.23652  ?  59  TYR B CA  1 
ATOM   756  C C   . TYR B 2 59 ? 6.05033   6.01824   -1.93639  1.000 4.95703  ?  59  TYR B C   1 
ATOM   757  O O   . TYR B 2 59 ? 6.47787   6.82386   -2.77373  1.000 5.99439  ?  59  TYR B O   1 
ATOM   758  C CB  . TYR B 2 59 ? 4.70006   6.52186   0.17163   1.000 5.09192  ?  59  TYR B CB  1 
ATOM   759  C CG  . TYR B 2 59 ? 4.81159   6.57885   1.67087   1.000 5.43224  ?  59  TYR B CG  1 
ATOM   760  C CD1 . TYR B 2 59 ? 5.21788   7.74255   2.30972   1.000 5.77249  ?  59  TYR B CD1 1 
ATOM   761  C CD2 . TYR B 2 59 ? 4.62696   5.44659   2.44073   1.000 6.59608  ?  59  TYR B CD2 1 
ATOM   762  C CE1 . TYR B 2 59 ? 5.40186   7.78143   3.67839   1.000 6.33649  ?  59  TYR B CE1 1 
ATOM   763  C CE2 . TYR B 2 59 ? 4.80349   5.47866   3.81535   1.000 7.60417  ?  59  TYR B CE2 1 
ATOM   764  C CZ  . TYR B 2 59 ? 5.19167   6.64517   4.42744   1.000 6.92717  ?  59  TYR B CZ  1 
ATOM   765  O OH  . TYR B 2 59 ? 5.37097   6.65207   5.79407   1.000 8.58112  ?  59  TYR B OH  1 
ATOM   766  N N   . TYR B 2 60 ? 5.51505   4.84235   -2.24934  1.000 4.95705  ?  60  TYR B N   1 
ATOM   767  C CA  . TYR B 2 60 ? 5.44205   4.29937   -3.59245  1.000 5.52527  ?  60  TYR B CA  1 
ATOM   768  C C   . TYR B 2 60 ? 4.03356   3.77579   -3.81395  1.000 4.70927  ?  60  TYR B C   1 
ATOM   769  O O   . TYR B 2 60 ? 3.32424   3.43876   -2.86064  1.000 5.28093  ?  60  TYR B O   1 
ATOM   770  C CB  . TYR B 2 60 ? 6.41289   3.12468   -3.75426  1.000 5.89387  ?  60  TYR B CB  1 
ATOM   771  C CG  . TYR B 2 60 ? 7.84803   3.47886   -3.47390  1.000 6.96961  ?  60  TYR B CG  1 
ATOM   772  C CD1 . TYR B 2 60 ? 8.33144   3.51946   -2.17531  1.000 8.07006  ?  60  TYR B CD1 1 
ATOM   773  C CD2 . TYR B 2 60 ? 8.71888   3.78769   -4.50798  1.000 10.18766 ?  60  TYR B CD2 1 
ATOM   774  C CE1 . TYR B 2 60 ? 9.64461   3.85262   -1.91328  1.000 12.05191 ?  60  TYR B CE1 1 
ATOM   775  C CE2 . TYR B 2 60 ? 10.03674  4.11811   -4.25682  1.000 13.91786 ?  60  TYR B CE2 1 
ATOM   776  C CZ  . TYR B 2 60 ? 10.49309  4.15201   -2.95816  1.000 13.31932 ?  60  TYR B CZ  1 
ATOM   777  O OH  . TYR B 2 60 ? 11.80497  4.48077   -2.70257  1.000 20.11628 ?  60  TYR B OH  1 
ATOM   778  N N   . SER B 2 61 ? 3.63917   3.68865   -5.08295  1.000 5.45840  ?  61  SER B N   1 
ATOM   779  C CA  . SER B 2 61 ? 2.37278   3.08546   -5.46619  1.000 6.11105  ?  61  SER B CA  1 
ATOM   780  C C   . SER B 2 61 ? 2.60204   1.94877   -6.45087  1.000 5.12512  ?  61  SER B C   1 
ATOM   781  O O   . SER B 2 61 ? 3.46713   2.03980   -7.33173  1.000 7.26409  ?  61  SER B O   1 
ATOM   782  C CB  . SER B 2 61 ? 1.46911   4.13542   -6.12872  1.000 9.89757  ?  61  SER B CB  1 
ATOM   783  O OG  . SER B 2 61 ? 0.37700   3.54199   -6.80622  1.000 13.59586 ?  61  SER B OG  1 
ATOM   784  N N   . ARG B 2 62 ? 1.81593   0.88048   -6.29443  1.000 4.68558  ?  62  ARG B N   1 
ATOM   785  C CA  . ARG B 2 62 ? 1.62504   -0.11816  -7.33154  1.000 4.60531  ?  62  ARG B CA  1 
ATOM   786  C C   . ARG B 2 62 ? 0.13002   -0.28547  -7.56540  1.000 4.87159  ?  62  ARG B C   1 
ATOM   787  O O   . ARG B 2 62 ? -0.68368  -0.06603  -6.66330  1.000 5.67887  ?  62  ARG B O   1 
ATOM   788  C CB  . ARG B 2 62 ? 2.26659   -1.46703  -6.97360  1.000 4.77523  ?  62  ARG B CB  1 
ATOM   789  C CG  . ARG B 2 62 ? 3.78770   -1.45607  -7.13462  1.000 5.14398  ?  62  ARG B CG  1 
ATOM   790  C CD  . ARG B 2 62 ? 4.40371   -2.76416  -6.70104  1.000 5.10710  ?  62  ARG B CD  1 
ATOM   791  N NE  . ARG B 2 62 ? 5.84226   -2.68730  -6.48070  1.000 5.71956  ?  62  ARG B NE  1 
ATOM   792  C CZ  . ARG B 2 62 ? 6.73249   -3.57672  -6.91713  1.000 5.02761  ?  62  ARG B CZ  1 
ATOM   793  N NH1 . ARG B 2 62 ? 6.37031   -4.59520  -7.69018  1.000 5.35672  ?  62  ARG B NH1 1 
ATOM   794  N NH2 . ARG B 2 62 ? 8.00168   -3.44580  -6.56523  1.000 6.37806  ?  62  ARG B NH2 1 
ATOM   795  N N   . ARG B 2 63 ? -0.22805  -0.67088  -8.78650  1.000 4.86804  ?  63  ARG B N   1 
ATOM   796  C CA  . ARG B 2 63 ? -1.63010  -0.83827  -9.15210  1.000 5.33403  ?  63  ARG B CA  1 
ATOM   797  C C   . ARG B 2 63 ? -2.13365  -2.21507  -8.73255  1.000 5.33210  ?  63  ARG B C   1 
ATOM   798  O O   . ARG B 2 63 ? -1.64711  -3.24247  -9.22336  1.000 6.65021  ?  63  ARG B O   1 
ATOM   799  C CB  . ARG B 2 63 ? -1.81200  -0.63913  -10.65326 1.000 6.07118  ?  63  ARG B CB  1 
ATOM   800  C CG  . ARG B 2 63 ? -1.38053  0.74056   -11.12841 1.000 8.13639  ?  63  ARG B CG  1 
ATOM   801  C CD  . ARG B 2 63 ? -1.35892  0.84095   -12.64237 1.000 9.85773  ?  63  ARG B CD  1 
ATOM   802  N NE  . ARG B 2 63 ? -2.69575  1.01396   -13.19744 1.000 14.55318 ?  63  ARG B NE  1 
ATOM   803  C CZ  . ARG B 2 63 ? -3.26409  2.19350   -13.42800 1.000 12.78495 ?  63  ARG B CZ  1 
ATOM   804  N NH1 . ARG B 2 63 ? -2.61458  3.31398   -13.14690 1.000 16.07778 ?  63  ARG B NH1 1 
ATOM   805  N NH2 . ARG B 2 63 ? -4.48557  2.24967   -13.94222 1.000 15.22047 ?  63  ARG B NH2 1 
ATOM   806  N N   . ILE B 2 64 ? -3.11274  -2.23309  -7.82745  1.000 5.31016  ?  64  ILE B N   1 
ATOM   807  C CA  . ILE B 2 64 ? -3.81822  -3.47213  -7.51004  1.000 5.04157  ?  64  ILE B CA  1 
ATOM   808  C C   . ILE B 2 64 ? -4.81849  -3.80058  -8.60668  1.000 5.13264  ?  64  ILE B C   1 
ATOM   809  O O   . ILE B 2 64 ? -4.86382  -4.92568  -9.12157  1.000 5.94115  ?  64  ILE B O   1 
ATOM   810  C CB  . ILE B 2 64 ? -4.50739  -3.36193  -6.13627  1.000 5.44096  ?  64  ILE B CB  1 
ATOM   811  C CG1 . ILE B 2 64 ? -3.49185  -3.11887  -5.02212  1.000 4.61053  ?  64  ILE B CG1 1 
ATOM   812  C CG2 . ILE B 2 64 ? -5.34634  -4.60289  -5.86124  1.000 6.71831  ?  64  ILE B CG2 1 
ATOM   813  C CD1 . ILE B 2 64 ? -4.11631  -2.59704  -3.73751  1.000 5.50923  ?  64  ILE B CD1 1 
ATOM   814  N N   . ASN B 2 65 ? -5.64145  -2.82471  -8.97248  1.000 5.14386  ?  65  ASN B N   1 
ATOM   815  C CA  . ASN B 2 65 ? -6.54516  -2.94903  -10.10374 1.000 5.88818  ?  65  ASN B CA  1 
ATOM   816  C C   . ASN B 2 65 ? -6.79200  -1.55359  -10.66914 1.000 5.53499  ?  65  ASN B C   1 
ATOM   817  O O   . ASN B 2 65 ? -6.05127  -0.60867  -10.37566 1.000 6.23906  ?  65  ASN B O   1 
ATOM   818  C CB  . ASN B 2 65 ? -7.81170  -3.74084  -9.72493  1.000 6.95550  ?  65  ASN B CB  1 
ATOM   819  C CG  . ASN B 2 65 ? -8.80076  -2.93582  -8.88900  1.000 6.09544  ?  65  ASN B CG  1 
ATOM   820  O OD1 . ASN B 2 65 ? -8.55149  -1.79105  -8.49789  1.000 6.29349  ?  65  ASN B OD1 1 
ATOM   821  N ND2 . ASN B 2 65 ? -9.93866  -3.54843  -8.60803  1.000 8.18841  ?  65  ASN B ND2 1 
ATOM   822  N N   . HIS B 2 66 ? -7.84709  -1.41952  -11.47027 1.000 6.42442  ?  66  HIS B N   1 
ATOM   823  C CA  . HIS B 2 66 ? -8.09629  -0.15355  -12.14493 1.000 6.62972  ?  66  HIS B CA  1 
ATOM   824  C C   . HIS B 2 66 ? -8.23157  1.00789   -11.16597 1.000 6.06507  ?  66  HIS B C   1 
ATOM   825  O O   . HIS B 2 66 ? -7.84424  2.13413   -11.49955 1.000 7.00349  ?  66  HIS B O   1 
ATOM   826  C CB  . HIS B 2 66 ? -9.31859  -0.26638  -13.05541 1.000 8.09036  ?  66  HIS B CB  1 
ATOM   827  C CG  . HIS B 2 66 ? -10.59539 -0.53421  -12.32331 1.000 7.60618  ?  66  HIS B CG  1 
ATOM   828  N ND1 . HIS B 2 66 ? -11.47986 0.46792   -11.98776 1.000 8.77339  ?  66  HIS B ND1 1 
ATOM   829  C CD2 . HIS B 2 66 ? -11.13306 -1.68569  -11.85652 1.000 9.49006  ?  66  HIS B CD2 1 
ATOM   830  C CE1 . HIS B 2 66 ? -12.50914 -0.05630  -11.34858 1.000 9.68019  ?  66  HIS B CE1 1 
ATOM   831  N NE2 . HIS B 2 66 ? -12.32394 -1.36106  -11.25586 1.000 9.82178  ?  66  HIS B NE2 1 
ATOM   832  N N   . GLU B 2 67 ? -8.75397  0.76917   -9.95914  1.000 5.48248  ?  67  GLU B N   1 
ATOM   833  C CA  . GLU B 2 67 ? -8.99418  1.86600   -9.02887  1.000 5.51163  ?  67  GLU B CA  1 
ATOM   834  C C   . GLU B 2 67 ? -8.14064  1.82945   -7.77314  1.000 4.63404  ?  67  GLU B C   1 
ATOM   835  O O   . GLU B 2 67 ? -7.84284  2.89292   -7.22329  1.000 5.71468  ?  67  GLU B O   1 
ATOM   836  C CB  . GLU B 2 67 ? -10.48389 1.97749   -8.64704  1.000 6.44132  ?  67  GLU B CB  1 
ATOM   837  C CG  . GLU B 2 67 ? -11.04976 0.75545   -7.93818  1.000 6.01605  ?  67  GLU B CG  1 
ATOM   838  C CD  . GLU B 2 67 ? -12.53584 0.87968   -7.60521  1.000 6.75941  ?  67  GLU B CD  1 
ATOM   839  O OE1 . GLU B 2 67 ? -13.09272 2.00287   -7.65309  1.000 6.93612  ?  67  GLU B OE1 1 
ATOM   840  O OE2 . GLU B 2 67 ? -13.14634 -0.16255  -7.27846  1.000 9.90933  -1 67  GLU B OE2 1 
ATOM   841  N N   . HIS B 2 68 ? -7.75664  0.65462   -7.28667  1.000 4.81071  ?  68  HIS B N   1 
ATOM   842  C CA  . HIS B 2 68 ? -7.04595  0.56631   -6.02266  1.000 4.64387  ?  68  HIS B CA  1 
ATOM   843  C C   . HIS B 2 68 ? -5.54358  0.56360   -6.23344  1.000 4.29379  ?  68  HIS B C   1 
ATOM   844  O O   . HIS B 2 68 ? -5.02608  -0.08814  -7.14945  1.000 5.21419  ?  68  HIS B O   1 
ATOM   845  C CB  . HIS B 2 68 ? -7.42327  -0.70120  -5.26763  1.000 5.17986  ?  68  HIS B CB  1 
ATOM   846  C CG  . HIS B 2 68 ? -8.87427  -0.79951  -4.96131  1.000 4.98591  ?  68  HIS B CG  1 
ATOM   847  N ND1 . HIS B 2 68 ? -9.59018  0.23524   -4.39828  1.000 5.29764  ?  68  HIS B ND1 1 
ATOM   848  C CD2 . HIS B 2 68 ? -9.74446  -1.81746  -5.14861  1.000 6.87283  ?  68  HIS B CD2 1 
ATOM   849  C CE1 . HIS B 2 68 ? -10.84543 -0.15197  -4.25276  1.000 5.61690  ?  68  HIS B CE1 1 
ATOM   850  N NE2 . HIS B 2 68 ? -10.96365 -1.39153  -4.69595  1.000 6.79356  ?  68  HIS B NE2 1 
ATOM   851  N N   . ARG B 2 69 ? -4.84798  1.26313   -5.34243  1.000 5.09133  ?  69  ARG B N   1 
ATOM   852  C CA  . ARG B 2 69 ? -3.39592  1.31540   -5.32044  1.000 4.74901  ?  69  ARG B CA  1 
ATOM   853  C C   . ARG B 2 69 ? -2.88437  0.77943   -3.99267  1.000 4.20584  ?  69  ARG B C   1 
ATOM   854  O O   . ARG B 2 69 ? -3.46333  1.04451   -2.93042  1.000 5.32784  ?  69  ARG B O   1 
ATOM   855  C CB  . ARG B 2 69 ? -2.88952  2.75059   -5.50454  1.000 5.52934  ?  69  ARG B CB  1 
ATOM   856  C CG  . ARG B 2 69 ? -3.42183  3.42904   -6.74745  1.000 6.21357  ?  69  ARG B CG  1 
ATOM   857  C CD  . ARG B 2 69 ? -2.88727  2.79553   -8.02369  1.000 6.82321  ?  69  ARG B CD  1 
ATOM   858  N NE  . ARG B 2 69 ? -3.43387  3.45087   -9.20655  1.000 7.29668  ?  69  ARG B NE  1 
ATOM   859  C CZ  . ARG B 2 69 ? -4.50803  3.01749   -9.86495  1.000 9.12890  ?  69  ARG B CZ  1 
ATOM   860  N NH1 . ARG B 2 69 ? -4.95638  3.66886   -10.93127 1.000 12.86295 ?  69  ARG B NH1 1 
ATOM   861  N NH2 . ARG B 2 69 ? -5.13647  1.92221   -9.46110  1.000 11.83624 ?  69  ARG B NH2 1 
ATOM   862  N N   . LEU B 2 70 ? -1.78905  0.03189   -4.06489  1.000 4.21604  ?  70  LEU B N   1 
ATOM   863  C CA  . LEU B 2 70 ? -1.02302  -0.33772  -2.88642  1.000 4.47781  ?  70  LEU B CA  1 
ATOM   864  C C   . LEU B 2 70 ? -0.01769  0.78588   -2.66099  1.000 4.12551  ?  70  LEU B C   1 
ATOM   865  O O   . LEU B 2 70 ? 0.84647   1.02675   -3.51172  1.000 5.04918  ?  70  LEU B O   1 
ATOM   866  C CB  . LEU B 2 70 ? -0.30729  -1.66615  -3.12322  1.000 4.49108  ?  70  LEU B CB  1 
ATOM   867  C CG  . LEU B 2 70 ? 0.40237   -2.24924  -1.90371  1.000 4.98037  ?  70  LEU B CG  1 
ATOM   868  C CD1 . LEU B 2 70 ? -0.60593  -2.68839  -0.84452  1.000 5.46409  ?  70  LEU B CD1 1 
ATOM   869  C CD2 . LEU B 2 70 ? 1.30301   -3.40115  -2.30862  1.000 6.89664  ?  70  LEU B CD2 1 
ATOM   870  N N   . VAL B 2 71 ? -0.15873  1.50692   -1.55127  1.000 4.27678  ?  71  VAL B N   1 
ATOM   871  C CA  . VAL B 2 71 ? 0.71211   2.63097   -1.22267  1.000 4.35134  ?  71  VAL B CA  1 
ATOM   872  C C   . VAL B 2 71 ? 1.56763   2.17806   -0.05396  1.000 4.06670  ?  71  VAL B C   1 
ATOM   873  O O   . VAL B 2 71 ? 1.03351   1.78062   0.98702   1.000 4.51478  ?  71  VAL B O   1 
ATOM   874  C CB  . VAL B 2 71 ? -0.08879  3.89656   -0.87545  1.000 4.80692  ?  71  VAL B CB  1 
ATOM   875  C CG1 . VAL B 2 71 ? 0.85787   5.03763   -0.52959  1.000 6.02605  ?  71  VAL B CG1 1 
ATOM   876  C CG2 . VAL B 2 71 ? -1.00288  4.28784   -2.02930  1.000 5.52515  ?  71  VAL B CG2 1 
ATOM   877  N N   . TYR B 2 72 ? 2.88741   2.21744   -0.22076  1.000 4.32059  ?  72  TYR B N   1 
ATOM   878  C CA  . TYR B 2 72 ? 3.77370   1.52008   0.69858   1.000 4.60212  ?  72  TYR B CA  1 
ATOM   879  C C   . TYR B 2 72 ? 5.14193   2.18966   0.72325   1.000 4.34723  ?  72  TYR B C   1 
ATOM   880  O O   . TYR B 2 72 ? 5.47687   3.02910   -0.11852  1.000 4.95233  ?  72  TYR B O   1 
ATOM   881  C CB  . TYR B 2 72 ? 3.93265   0.04295   0.28305   1.000 4.98924  ?  72  TYR B CB  1 
ATOM   882  C CG  . TYR B 2 72 ? 4.57898   -0.09611  -1.07447  1.000 4.90080  ?  72  TYR B CG  1 
ATOM   883  C CD1 . TYR B 2 72 ? 3.82173   -0.00917  -2.23246  1.000 4.81266  ?  72  TYR B CD1 1 
ATOM   884  C CD2 . TYR B 2 72 ? 5.95265   -0.26902  -1.20844  1.000 5.59937  ?  72  TYR B CD2 1 
ATOM   885  C CE1 . TYR B 2 72 ? 4.40571   -0.09685  -3.48435  1.000 5.58468  ?  72  TYR B CE1 1 
ATOM   886  C CE2 . TYR B 2 72 ? 6.54596   -0.35887  -2.46112  1.000 5.45168  ?  72  TYR B CE2 1 
ATOM   887  C CZ  . TYR B 2 72 ? 5.76686   -0.26205  -3.59594  1.000 5.26927  ?  72  TYR B CZ  1 
ATOM   888  O OH  . TYR B 2 72 ? 6.31662   -0.34373  -4.85864  1.000 6.49634  ?  72  TYR B OH  1 
ATOM   889  N N   . THR B 2 73 ? 5.94645   1.78563   1.69719   1.000 4.88780  ?  73  THR B N   1 
ATOM   890  C CA  . THR B 2 73 ? 7.36072   2.10120   1.70346   1.000 5.90146  ?  73  THR B CA  1 
ATOM   891  C C   . THR B 2 73 ? 8.10750   0.88047   2.21548   1.000 5.36650  ?  73  THR B C   1 
ATOM   892  O O   . THR B 2 73 ? 7.50622   -0.08569  2.69238   1.000 6.13086  ?  73  THR B O   1 
ATOM   893  C CB  . THR B 2 73 ? 7.65888   3.38763   2.49250   1.000 6.88418  ?  73  THR B CB  1 
ATOM   894  O OG1 . THR B 2 73 ? 8.98096   3.83608   2.18596   1.000 8.92261  ?  73  THR B OG1 1 
ATOM   895  C CG2 . THR B 2 73 ? 7.52940   3.17221   3.99297   1.000 8.28989  ?  73  THR B CG2 1 
ATOM   896  N N   . VAL B 2 74 ? 9.42821   0.90969   2.07964   1.000 6.41888  ?  74  VAL B N   1 
ATOM   897  C CA  . VAL B 2 74 ? 10.27786  -0.18769  2.51807   1.000 6.28822  ?  74  VAL B CA  1 
ATOM   898  C C   . VAL B 2 74 ? 11.42071  0.40657   3.32068   1.000 6.86656  ?  74  VAL B C   1 
ATOM   899  O O   . VAL B 2 74 ? 12.11231  1.31123   2.84204   1.000 9.28163  ?  74  VAL B O   1 
ATOM   900  C CB  . VAL B 2 74 ? 10.83218  -1.00165  1.33312   1.000 7.73432  ?  74  VAL B CB  1 
ATOM   901  C CG1 . VAL B 2 74 ? 11.59082  -2.21274  1.83955   1.000 9.99005  ?  74  VAL B CG1 1 
ATOM   902  C CG2 . VAL B 2 74 ? 9.71404   -1.42261  0.39695   1.000 7.85228  ?  74  VAL B CG2 1 
ATOM   903  N N   . ASP B 2 75 ? 11.61933  -0.09361  4.53638   1.000 6.63261  ?  75  ASP B N   1 
ATOM   904  C CA  . ASP B 2 75 ? 12.72634  0.32980   5.38376   1.000 8.06159  ?  75  ASP B CA  1 
ATOM   905  C C   . ASP B 2 75 ? 13.48412  -0.92047  5.80452   1.000 8.06327  ?  75  ASP B C   1 
ATOM   906  O O   . ASP B 2 75 ? 12.91901  -1.78966  6.47142   1.000 7.80584  ?  75  ASP B O   1 
ATOM   907  C CB  . ASP B 2 75 ? 12.21645  1.08824   6.61638   1.000 9.15358  ?  75  ASP B CB  1 
ATOM   908  C CG  . ASP B 2 75 ? 11.64136  2.45437   6.27244   1.000 13.55585 ?  75  ASP B CG  1 
ATOM   909  O OD1 . ASP B 2 75 ? 12.31248  3.22136   5.54733   1.000 15.91185 ?  75  ASP B OD1 1 
ATOM   910  O OD2 . ASP B 2 75 ? 10.52089  2.76645   6.73513   1.000 13.89769 -1 75  ASP B OD2 1 
ATOM   911  N N   . ASP B 2 76 ? 14.74794  -1.02804  5.40015   1.000 9.61033  ?  76  ASP B N   1 
ATOM   912  C CA  . ASP B 2 76 ? 15.58002  -2.17534  5.77248   1.000 11.24008 ?  76  ASP B CA  1 
ATOM   913  C C   . ASP B 2 76 ? 14.88677  -3.49853  5.43361   1.000 9.85008  ?  76  ASP B C   1 
ATOM   914  O O   . ASP B 2 76 ? 14.81025  -4.41836  6.25142   1.000 10.02300 ?  76  ASP B O   1 
ATOM   915  C CB  . ASP B 2 76 ? 15.98862  -2.10141  7.25127   1.000 12.43189 ?  76  ASP B CB  1 
ATOM   916  C CG  . ASP B 2 76 ? 17.03504  -3.13885  7.63478   1.000 13.76910 ?  76  ASP B CG  1 
ATOM   917  O OD1 . ASP B 2 76 ? 17.90330  -3.45667  6.79611   1.000 15.61028 ?  76  ASP B OD1 1 
ATOM   918  O OD2 . ASP B 2 76 ? 16.98606  -3.63160  8.78347   1.000 16.81945 -1 76  ASP B OD2 1 
ATOM   919  N N   . ASN B 2 77 ? 14.35445  -3.57719  4.21109   1.000 9.41763  ?  77  ASN B N   1 
ATOM   920  C CA  . ASN B 2 77 ? 13.67918  -4.74666  3.64763   1.000 8.58534  ?  77  ASN B CA  1 
ATOM   921  C C   . ASN B 2 77 ? 12.30886  -5.01262  4.25726   1.000 7.92935  ?  77  ASN B C   1 
ATOM   922  O O   . ASN B 2 77 ? 11.65466  -5.98800  3.86620   1.000 10.44785 ?  77  ASN B O   1 
ATOM   923  C CB  . ASN B 2 77 ? 14.52625  -6.02779  3.68529   1.000 10.25818 ?  77  ASN B CB  1 
ATOM   924  C CG  . ASN B 2 77 ? 15.41134  -6.17640  2.46891   1.000 11.68525 ?  77  ASN B CG  1 
ATOM   925  O OD1 . ASN B 2 77 ? 15.25816  -5.45862  1.47917   1.000 11.74722 ?  77  ASN B OD1 1 
ATOM   926  N ND2 . ASN B 2 77 ? 16.34662  -7.11720  2.53255   1.000 16.76559 ?  77  ASN B ND2 1 
ATOM   927  N N   . HIS B 2 78 ? 11.84205  -4.17628  5.18089   1.000 7.07201  ?  78  HIS B N   1 
ATOM   928  C CA  . HIS B 2 78 ? 10.55548  -4.36675  5.82905   1.000 6.22149  ?  78  HIS B CA  1 
ATOM   929  C C   . HIS B 2 78 ? 9.50580   -3.49083  5.15895   1.000 5.89460  ?  78  HIS B C   1 
ATOM   930  O O   . HIS B 2 78 ? 9.67221   -2.26723  5.07370   1.000 6.23108  ?  78  HIS B O   1 
ATOM   931  C CB  . HIS B 2 78 ? 10.65590  -4.03773  7.31282   1.000 6.80080  ?  78  HIS B CB  1 
ATOM   932  C CG  . HIS B 2 78 ? 9.42980   -4.40311  8.07569   1.000 6.41401  ?  78  HIS B CG  1 
ATOM   933  N ND1 . HIS B 2 78 ? 9.17774   -5.68566  8.51084   1.000 8.61193  ?  78  HIS B ND1 1 
ATOM   934  C CD2 . HIS B 2 78 ? 8.36333   -3.65996  8.44856   1.000 6.32428  ?  78  HIS B CD2 1 
ATOM   935  C CE1 . HIS B 2 78 ? 8.01402   -5.71162  9.13523   1.000 7.72362  ?  78  HIS B CE1 1 
ATOM   936  N NE2 . HIS B 2 78 ? 7.49697   -4.49668  9.10662   1.000 6.30781  ?  78  HIS B NE2 1 
ATOM   937  N N   . ILE B 2 79 ? 8.42353   -4.11954  4.70775   1.000 5.26378  ?  79  ILE B N   1 
ATOM   938  C CA  . ILE B 2 79 ? 7.37724   -3.44947  3.95115   1.000 4.76543  ?  79  ILE B CA  1 
ATOM   939  C C   . ILE B 2 79 ? 6.33503   -2.87600  4.90159   1.000 4.68913  ?  79  ILE B C   1 
ATOM   940  O O   . ILE B 2 79 ? 5.83329   -3.57313  5.79803   1.000 5.03273  ?  79  ILE B O   1 
ATOM   941  C CB  . ILE B 2 79 ? 6.72562   -4.41587  2.95016   1.000 5.75560  ?  79  ILE B CB  1 
ATOM   942  C CG1 . ILE B 2 79 ? 7.76085   -4.96037  1.95975   1.000 6.00844  ?  79  ILE B CG1 1 
ATOM   943  C CG2 . ILE B 2 79 ? 5.57703   -3.73315  2.22769   1.000 6.53876  ?  79  ILE B CG2 1 
ATOM   944  C CD1 . ILE B 2 79 ? 7.28051   -6.15942  1.17224   1.000 7.31536  ?  79  ILE B CD1 1 
ATOM   945  N N   . LYS B 2 80 ? 5.98892   -1.60819  4.67557   1.000 4.82827  ?  80  LYS B N   1 
ATOM   946  C CA  . LYS B 2 80 ? 4.97295   -0.88769  5.43317   1.000 4.63082  ?  80  LYS B CA  1 
ATOM   947  C C   . LYS B 2 80 ? 3.89679   -0.40357  4.47195   1.000 4.34635  ?  80  LYS B C   1 
ATOM   948  O O   . LYS B 2 80 ? 4.19651   0.30880   3.50834   1.000 5.49699  ?  80  LYS B O   1 
ATOM   949  C CB  . LYS B 2 80 ? 5.59703   0.29296   6.18007   1.000 5.47604  ?  80  LYS B CB  1 
ATOM   950  C CG  . LYS B 2 80 ? 6.70994   -0.12293  7.12241   1.000 6.10080  ?  80  LYS B CG  1 
ATOM   951  C CD  . LYS B 2 80 ? 7.39175   1.07577   7.75089   1.000 7.29859  ?  80  LYS B CD  1 
ATOM   952  C CE  . LYS B 2 80 ? 8.56639   0.65546   8.60298   1.000 7.24700  ?  80  LYS B CE  1 
ATOM   953  N NZ  . LYS B 2 80 ? 9.31034   1.82977   9.12320   1.000 8.49503  ?  80  LYS B NZ  1 
ATOM   954  N N   . ILE B 2 81 ? 2.64707   -0.77873  4.74142   1.000 4.09265  ?  81  ILE B N   1 
ATOM   955  C CA  . ILE B 2 81 ? 1.52309   -0.49053  3.85574   1.000 4.29159  ?  81  ILE B CA  1 
ATOM   956  C C   . ILE B 2 81 ? 0.70116   0.65120   4.44113   1.000 4.20365  ?  81  ILE B C   1 
ATOM   957  O O   . ILE B 2 81 ? 0.09490   0.50630   5.51202   1.000 4.68735  ?  81  ILE B O   1 
ATOM   958  C CB  . ILE B 2 81 ? 0.63753   -1.72918  3.64452   1.000 4.44749  ?  81  ILE B CB  1 
ATOM   959  C CG1 . ILE B 2 81 ? 1.44804   -2.91178  3.10330   1.000 4.87572  ?  81  ILE B CG1 1 
ATOM   960  C CG2 . ILE B 2 81 ? -0.55206  -1.38322  2.75444   1.000 4.93291  ?  81  ILE B CG2 1 
ATOM   961  C CD1 . ILE B 2 81 ? 2.21705   -2.63069  1.84824   1.000 9.82958  ?  81  ILE B CD1 1 
ATOM   962  N N   . ALA B 2 82 ? 0.65209   1.77450   3.71946   1.000 4.47279  ?  82  ALA B N   1 
ATOM   963  C CA  . ALA B 2 82 ? -0.22177  2.88096   4.09762   1.000 4.79770  ?  82  ALA B CA  1 
ATOM   964  C C   . ALA B 2 82 ? -1.64931  2.66189   3.61789   1.000 4.08438  ?  82  ALA B C   1 
ATOM   965  O O   . ALA B 2 82 ? -2.59810  3.02040   4.32667   1.000 4.74332  ?  82  ALA B O   1 
ATOM   966  C CB  . ALA B 2 82 ? 0.30849   4.20418   3.54216   1.000 4.79310  ?  82  ALA B CB  1 
ATOM   967  N N   . SER B 2 83 ? -1.81823  2.08482   2.42600   1.000 3.94782  ?  83  SER B N   1 
ATOM   968  C CA  . SER B 2 83 ? -3.13126  1.93250   1.81791   1.000 4.27662  ?  83  SER B CA  1 
ATOM   969  C C   . SER B 2 83 ? -3.13084  0.72113   0.89626   1.000 3.88670  ?  83  SER B C   1 
ATOM   970  O O   . SER B 2 83 ? -2.11965  0.41204   0.26202   1.000 4.27466  ?  83  SER B O   1 
ATOM   971  C CB  . SER B 2 83 ? -3.47925  3.17528   0.99173   1.000 4.63959  ?  83  SER B CB  1 
ATOM   972  O OG  . SER B 2 83 ? -4.80253  3.14168   0.49656   1.000 4.97918  ?  83  SER B OG  1 
ATOM   973  N N   . CYS B 2 84 ? -4.29092  0.05008   0.80901   1.000 4.21731  ?  84  CYS B N   1 
ATOM   974  C CA  . CYS B 2 84 ? -4.50323  -0.96568  -0.21726  1.000 4.43343  ?  84  CYS B CA  1 
ATOM   975  C C   . CYS B 2 84 ? -5.88172  -0.85728  -0.86316  1.000 3.76372  ?  84  CYS B C   1 
ATOM   976  O O   . CYS B 2 84 ? -6.33460  -1.81773  -1.49463  1.000 4.20520  ?  84  CYS B O   1 
ATOM   977  C CB  . CYS B 2 84 ? -4.27116  -2.38742  0.30734   1.000 4.43140  ?  84  CYS B CB  1 
ATOM   978  S SG  . CYS B 2 84 ? -5.47989  -2.94647  1.53384   1.000 5.10361  ?  84  CYS B SG  1 
ATOM   979  N N   . LYS B 2 85 ? -6.54672  0.28895   -0.74024  1.000 4.02933  ?  85  LYS B N   1 
ATOM   980  C CA  . LYS B 2 85 ? -7.91966  0.43367   -1.19785  1.000 4.07635  ?  85  LYS B CA  1 
ATOM   981  C C   . LYS B 2 85 ? -8.23475  1.91867   -1.25450  1.000 4.01143  ?  85  LYS B C   1 
ATOM   982  O O   . LYS B 2 85 ? -7.88526  2.66154   -0.33122  1.000 4.55058  ?  85  LYS B O   1 
ATOM   983  C CB  . LYS B 2 85 ? -8.88113  -0.26563  -0.22790  1.000 4.57793  ?  85  LYS B CB  1 
ATOM   984  C CG  . LYS B 2 85 ? -10.33397 -0.30275  -0.68473  1.000 5.01936  ?  85  LYS B CG  1 
ATOM   985  C CD  . LYS B 2 85 ? -11.17207 -1.19917  0.22601   1.000 5.59823  ?  85  LYS B CD  1 
ATOM   986  C CE  . LYS B 2 85 ? -12.59758 -1.37244  -0.26821  1.000 6.66475  ?  85  LYS B CE  1 
ATOM   987  N NZ  . LYS B 2 85 ? -13.38677 -0.11838  -0.15252  1.000 7.77342  ?  85  LYS B NZ  1 
ATOM   988  N N   . TYR B 2 86 ? -8.90031  2.34392   -2.32374  1.000 4.30170  ?  86  TYR B N   1 
ATOM   989  C CA  . TYR B 2 86 ? -9.16197  3.76310   -2.50578  1.000 4.23206  ?  86  TYR B CA  1 
ATOM   990  C C   . TYR B 2 86 ? -10.29180 4.20602   -1.58102  1.000 4.37559  ?  86  TYR B C   1 
ATOM   991  O O   . TYR B 2 86 ? -11.35061 3.56913   -1.52993  1.000 5.58971  ?  86  TYR B O   1 
ATOM   992  C CB  . TYR B 2 86 ? -9.51775  4.05373   -3.96319  1.000 4.98450  ?  86  TYR B CB  1 
ATOM   993  C CG  . TYR B 2 86 ? -9.26747  5.49068   -4.37138  1.000 4.50686  ?  86  TYR B CG  1 
ATOM   994  C CD1 . TYR B 2 86 ? -10.21015 6.48113   -4.12216  1.000 4.79419  ?  86  TYR B CD1 1 
ATOM   995  C CD2 . TYR B 2 86 ? -8.08310  5.85614   -4.99312  1.000 5.23161  ?  86  TYR B CD2 1 
ATOM   996  C CE1 . TYR B 2 86 ? -9.97766  7.80369   -4.49073  1.000 5.09056  ?  86  TYR B CE1 1 
ATOM   997  C CE2 . TYR B 2 86 ? -7.83871  7.17227   -5.36718  1.000 5.38695  ?  86  TYR B CE2 1 
ATOM   998  C CZ  . TYR B 2 86 ? -8.79264  8.14231   -5.11370  1.000 4.18906  ?  86  TYR B CZ  1 
ATOM   999  O OH  . TYR B 2 86 ? -8.58769  9.45948   -5.47221  1.000 5.53568  ?  86  TYR B OH  1 
ATOM   1000 N N   . HIS B 2 87 ? -10.06377 5.29686   -0.84684  1.000 4.22287  ?  87  HIS B N   1 
ATOM   1001 C CA  . HIS B 2 87 ? -11.04783 5.86183   0.07675   1.000 4.41136  ?  87  HIS B CA  1 
ATOM   1002 C C   . HIS B 2 87 ? -11.76108 7.01745   -0.60614  1.000 4.25270  ?  87  HIS B C   1 
ATOM   1003 O O   . HIS B 2 87 ? -11.24753 8.13755   -0.65611  1.000 5.30443  ?  87  HIS B O   1 
ATOM   1004 C CB  . HIS B 2 87 ? -10.36866 6.30513   1.36548   1.000 4.86426  ?  87  HIS B CB  1 
ATOM   1005 C CG  . HIS B 2 87 ? -10.14010 5.17941   2.31700   1.000 4.20158  ?  87  HIS B CG  1 
ATOM   1006 N ND1 . HIS B 2 87 ? -10.54692 5.21749   3.63238   1.000 5.31074  ?  87  HIS B ND1 1 
ATOM   1007 C CD2 . HIS B 2 87 ? -9.56921  3.96557   2.13165   1.000 4.72481  ?  87  HIS B CD2 1 
ATOM   1008 C CE1 . HIS B 2 87 ? -10.23260 4.07448   4.21707   1.000 5.92198  ?  87  HIS B CE1 1 
ATOM   1009 N NE2 . HIS B 2 87 ? -9.64094  3.29647   3.32758   1.000 5.33939  ?  87  HIS B NE2 1 
ATOM   1010 N N   . TYR B 2 88 ? -12.94785 6.74200   -1.12916  1.000 4.36608  ?  88  TYR B N   1 
ATOM   1011 C CA  . TYR B 2 88 ? -13.73531 7.74253   -1.82929  1.000 4.83584  ?  88  TYR B CA  1 
ATOM   1012 C C   . TYR B 2 88 ? -14.44486 8.71038   -0.89228  1.000 4.79268  ?  88  TYR B C   1 
ATOM   1013 O O   . TYR B 2 88 ? -14.80260 9.80986   -1.36107  1.000 5.24981  ?  88  TYR B O   1 
ATOM   1014 C CB  . TYR B 2 88 ? -14.75004 7.06755   -2.74720  1.000 5.26082  ?  88  TYR B CB  1 
ATOM   1015 C CG  . TYR B 2 88 ? -14.11293 6.36109   -3.92044  1.000 5.43591  ?  88  TYR B CG  1 
ATOM   1016 C CD1 . TYR B 2 88 ? -13.60500 7.08065   -4.99044  1.000 5.27699  ?  88  TYR B CD1 1 
ATOM   1017 C CD2 . TYR B 2 88 ? -14.00710 4.97597   -3.95368  1.000 5.71519  ?  88  TYR B CD2 1 
ATOM   1018 C CE1 . TYR B 2 88 ? -13.02050 6.44698   -6.06698  1.000 5.74505  ?  88  TYR B CE1 1 
ATOM   1019 C CE2 . TYR B 2 88 ? -13.41486 4.32505   -5.03744  1.000 5.90142  ?  88  TYR B CE2 1 
ATOM   1020 C CZ  . TYR B 2 88 ? -12.92218 5.07032   -6.08943  1.000 5.67053  ?  88  TYR B CZ  1 
ATOM   1021 O OH  . TYR B 2 88 ? -12.33723 4.46951   -7.18451  1.000 6.48758  ?  88  TYR B OH  1 
ATOM   1022 O OXT . TYR B 2 88 ? -14.66037 8.39372   0.28566   1.000 5.86266  ?  88  TYR B OXT 1 
HETATM 1023 O O   . HOH C 3 .  ? 3.14685   10.45781  -9.36529  1.000 10.85887 ?  101 HOH A O   1 
HETATM 1024 O O   . HOH C 3 .  ? 3.61556   -16.11318 12.28199  1.000 16.79827 ?  102 HOH A O   1 
HETATM 1025 O O   . HOH C 3 .  ? -0.31560  3.98555   -11.31894 1.000 11.83634 ?  103 HOH A O   1 
HETATM 1026 O O   . HOH C 3 .  ? 4.13325   11.51419  9.90899   1.000 16.08685 ?  104 HOH A O   1 
HETATM 1027 O O   . HOH C 3 .  ? 1.94744   -14.17491 -4.31017  1.000 11.09569 ?  105 HOH A O   1 
HETATM 1028 O O   . HOH C 3 .  ? 2.79650   -3.33688  14.33078  1.000 11.27145 ?  106 HOH A O   1 
HETATM 1029 O O   . HOH C 3 .  ? 4.99839   0.47492   14.31557  1.000 10.55649 ?  107 HOH A O   1 
HETATM 1030 O O   . HOH C 3 .  ? 2.29804   -10.10296 14.35336  1.000 12.65613 ?  108 HOH A O   1 
HETATM 1031 O O   . HOH C 3 .  ? -0.36032  18.02165  -5.51978  1.000 7.88721  ?  109 HOH A O   1 
HETATM 1032 O O   . HOH C 3 .  ? 8.03643   -13.56898 9.59803   1.000 19.22371 ?  110 HOH A O   1 
HETATM 1033 O O   . HOH C 3 .  ? 8.75008   9.10573   5.46144   1.000 16.86696 ?  111 HOH A O   1 
HETATM 1034 O O   . HOH C 3 .  ? -1.23693  -10.81084 15.38193  1.000 13.81354 ?  112 HOH A O   1 
HETATM 1035 O O   . HOH C 3 .  ? -2.31303  12.87385  1.91842   1.000 15.80166 ?  113 HOH A O   1 
HETATM 1036 O O   . HOH C 3 .  ? -1.61791  -16.13374 2.33237   1.000 9.57509  ?  114 HOH A O   1 
HETATM 1037 O O   . HOH C 3 .  ? 0.63702   12.73989  7.32521   1.000 17.48458 ?  115 HOH A O   1 
HETATM 1038 O O   . HOH C 3 .  ? -1.13404  10.82623  15.16648  1.000 14.79641 ?  116 HOH A O   1 
HETATM 1039 O O   . HOH C 3 .  ? 8.18163   11.52062  9.51066   1.000 19.00541 ?  117 HOH A O   1 
HETATM 1040 O O   . HOH C 3 .  ? -3.89730  12.00721  -12.31668 1.000 15.07469 ?  118 HOH A O   1 
HETATM 1041 O O   . HOH C 3 .  ? -4.70477  7.86201   13.98524  1.000 15.27456 ?  119 HOH A O   1 
HETATM 1042 O O   . HOH C 3 .  ? 6.12913   2.47412   13.10100  1.000 10.22647 ?  120 HOH A O   1 
HETATM 1043 O O   . HOH C 3 .  ? 5.09101   -19.58300 3.75095   1.000 10.29571 ?  121 HOH A O   1 
HETATM 1044 O O   . HOH C 3 .  ? -11.06230 9.82684   4.57829   1.000 7.89601  ?  122 HOH A O   1 
HETATM 1045 O O   . HOH C 3 .  ? -1.94484  -12.78564 8.23781   1.000 7.33119  ?  123 HOH A O   1 
HETATM 1046 O O   . HOH C 3 .  ? -15.08477 14.85305  3.60648   1.000 12.27792 ?  124 HOH A O   1 
HETATM 1047 O O   . HOH C 3 .  ? -0.73608  -17.68909 6.76562   1.000 8.75906  ?  125 HOH A O   1 
HETATM 1048 O O   . HOH C 3 .  ? 7.50630   6.16821   15.52948  1.000 8.69340  ?  126 HOH A O   1 
HETATM 1049 O O   . HOH C 3 .  ? -0.54422  -3.91801  16.59706  1.000 18.19068 ?  127 HOH A O   1 
HETATM 1050 O O   . HOH C 3 .  ? -4.69529  14.84079  8.12729   1.000 18.44957 ?  128 HOH A O   1 
HETATM 1051 O O   . HOH C 3 .  ? 5.42549   -17.60729 -3.60178  1.000 20.07846 ?  129 HOH A O   1 
HETATM 1052 O O   . HOH C 3 .  ? -12.45352 12.17036  4.82074   1.000 10.80985 ?  130 HOH A O   1 
HETATM 1053 O O   . HOH C 3 .  ? 9.20076   7.41817   12.28937  1.000 11.85636 ?  131 HOH A O   1 
HETATM 1054 O O   . HOH C 3 .  ? -5.06135  15.69541  -7.42049  1.000 9.30815  ?  132 HOH A O   1 
HETATM 1055 O O   . HOH C 3 .  ? -0.23861  -17.24831 -0.91488  1.000 14.14137 ?  133 HOH A O   1 
HETATM 1056 O O   . HOH C 3 .  ? -5.52325  5.06188   -1.54732  1.000 5.21764  ?  134 HOH A O   1 
HETATM 1057 O O   . HOH C 3 .  ? -0.26327  -20.21466 3.67613   1.000 14.51046 ?  135 HOH A O   1 
HETATM 1058 O O   . HOH C 3 .  ? -4.52340  4.27263   9.15955   1.000 7.65321  ?  136 HOH A O   1 
HETATM 1059 O O   . HOH C 3 .  ? -8.90374  16.06055  3.05512   1.000 11.75445 ?  137 HOH A O   1 
HETATM 1060 O O   . HOH C 3 .  ? 0.78527   -5.91147  15.38384  1.000 13.78909 ?  138 HOH A O   1 
HETATM 1061 O O   . HOH C 3 .  ? 0.34145   -16.15005 8.76730   1.000 10.59230 ?  139 HOH A O   1 
HETATM 1062 O O   . HOH C 3 .  ? -14.66277 13.63953  -2.39694  1.000 10.54144 ?  140 HOH A O   1 
HETATM 1063 O O   . HOH C 3 .  ? -6.44355  10.78938  -12.27929 1.000 17.07682 ?  141 HOH A O   1 
HETATM 1064 O O   . HOH C 3 .  ? -10.87273 9.98952   -7.22332  1.000 12.37650 ?  142 HOH A O   1 
HETATM 1065 O O   . HOH C 3 .  ? 7.48366   4.06016   9.78185   1.000 9.47593  ?  143 HOH A O   1 
HETATM 1066 O O   . HOH C 3 .  ? -1.05116  -15.63373 4.92151   1.000 7.25393  ?  144 HOH A O   1 
HETATM 1067 O O   . HOH C 3 .  ? 6.14628   8.00821   17.91583  1.000 13.25775 ?  145 HOH A O   1 
HETATM 1068 O O   . HOH C 3 .  ? 5.10764   12.22583  12.49176  1.000 16.42055 ?  146 HOH A O   1 
HETATM 1069 O O   . HOH C 3 .  ? 4.29858   -19.01446 0.93173   1.000 20.32160 ?  147 HOH A O   1 
HETATM 1070 O O   . HOH C 3 .  ? 0.27420   -13.19072 11.57678  1.000 7.89605  ?  148 HOH A O   1 
HETATM 1071 O O   . HOH C 3 .  ? -0.70552  -8.20994  15.24137  1.000 19.79158 ?  149 HOH A O   1 
HETATM 1072 O O   . HOH C 3 .  ? 1.04934   -0.22518  17.17994  1.000 18.75668 ?  150 HOH A O   1 
HETATM 1073 O O   . HOH C 3 .  ? 7.02421   10.69293  13.38904  1.000 19.94509 ?  151 HOH A O   1 
HETATM 1074 O O   . HOH C 3 .  ? -17.29131 12.87953  -1.91465  1.000 6.54254  ?  152 HOH A O   1 
HETATM 1075 O O   . HOH C 3 .  ? 3.03721   15.75018  9.31378   1.000 16.91949 ?  153 HOH A O   1 
HETATM 1076 O O   . HOH C 3 .  ? -4.55478  17.73555  -5.74581  1.000 10.14935 ?  154 HOH A O   1 
HETATM 1077 O O   . HOH C 3 .  ? -16.15335 15.89831  1.24514   1.000 11.34615 ?  155 HOH A O   1 
HETATM 1078 O O   . HOH C 3 .  ? -5.70425  16.42978  -9.96801  1.000 17.31753 ?  156 HOH A O   1 
HETATM 1079 O O   . HOH C 3 .  ? -13.05730 16.77074  3.70896   1.000 21.17115 ?  157 HOH A O   1 
HETATM 1080 O O   . HOH C 3 .  ? 0.70916   -12.28381 14.20253  1.000 12.30788 ?  158 HOH A O   1 
HETATM 1081 O O   . HOH C 3 .  ? 3.32652   -6.31001  16.22508  1.000 20.23059 ?  159 HOH A O   1 
HETATM 1082 O O   . HOH C 3 .  ? -3.02804  16.31415  6.53858   1.000 16.73532 ?  160 HOH A O   1 
HETATM 1083 O O   . HOH C 3 .  ? -14.52920 12.06287  6.77291   1.000 20.02199 ?  161 HOH A O   1 
HETATM 1084 O O   . HOH C 3 .  ? -11.84658 9.96978   8.91327   1.000 21.25974 ?  162 HOH A O   1 
HETATM 1085 O O   . HOH C 3 .  ? -4.55734  18.63709  -10.70146 1.000 16.45271 ?  163 HOH A O   1 
HETATM 1086 O O   . HOH D 3 .  ? 11.08987  -13.82074 -3.32015  1.000 17.15332 ?  101 HOH B O   1 
HETATM 1087 O O   . HOH D 3 .  ? -14.31061 -16.25249 -10.91654 1.000 16.80245 ?  102 HOH B O   1 
HETATM 1088 O O   . HOH D 3 .  ? -0.01948  -10.45104 -10.30854 1.000 17.05081 ?  103 HOH B O   1 
HETATM 1089 O O   . HOH D 3 .  ? 9.09243   12.31189  -3.96829  1.000 15.10405 ?  104 HOH B O   1 
HETATM 1090 O O   . HOH D 3 .  ? 12.93079  -0.38523  -13.97917 1.000 15.40912 ?  105 HOH B O   1 
HETATM 1091 O O   . HOH D 3 .  ? -16.11723 -5.99655  -2.92804  1.000 18.60912 ?  106 HOH B O   1 
HETATM 1092 O O   . HOH D 3 .  ? -17.35637 10.01663  -2.04173  1.000 5.65938  ?  107 HOH B O   1 
HETATM 1093 O O   . HOH D 3 .  ? -12.42407 -2.72441  -7.37782  1.000 8.34967  ?  108 HOH B O   1 
HETATM 1094 O O   . HOH D 3 .  ? -6.26470  1.22436   2.46757   1.000 5.11710  ?  109 HOH B O   1 
HETATM 1095 O O   . HOH D 3 .  ? -7.33860  -1.61707  11.95392  1.000 16.55274 ?  110 HOH B O   1 
HETATM 1096 O O   . HOH D 3 .  ? 0.11245   -16.09498 -7.64830  1.000 16.11100 ?  111 HOH B O   1 
HETATM 1097 O O   . HOH D 3 .  ? -4.34224  -0.99241  -13.90818 1.000 18.81370 ?  112 HOH B O   1 
HETATM 1098 O O   . HOH D 3 .  ? 16.01645  -3.73980  -7.18884  1.000 19.81186 ?  113 HOH B O   1 
HETATM 1099 O O   . HOH D 3 .  ? 9.29264   -14.11089 7.58251   1.000 19.33642 ?  114 HOH B O   1 
HETATM 1100 O O   . HOH D 3 .  ? -11.33293 5.66538   -9.38242  1.000 10.06532 ?  115 HOH B O   1 
HETATM 1101 O O   . HOH D 3 .  ? 9.38494   5.17555   6.30912   1.000 15.73519 ?  116 HOH B O   1 
HETATM 1102 O O   . HOH D 3 .  ? 5.25591   12.34299  2.99056   1.000 12.99527 ?  117 HOH B O   1 
HETATM 1103 O O   . HOH D 3 .  ? -3.81240  5.99185   -11.74629 1.000 16.87460 ?  118 HOH B O   1 
HETATM 1104 O O   . HOH D 3 .  ? -12.66745 -12.74613 -5.36799  1.000 16.11274 ?  119 HOH B O   1 
HETATM 1105 O O   . HOH D 3 .  ? 8.16000   -6.93557  4.82881   1.000 9.02540  ?  120 HOH B O   1 
HETATM 1106 O O   . HOH D 3 .  ? 9.17447   -12.23850 -2.06900  1.000 10.92102 ?  121 HOH B O   1 
HETATM 1107 O O   . HOH D 3 .  ? 11.53330  2.81314   0.64407   1.000 14.72544 ?  122 HOH B O   1 
HETATM 1108 O O   . HOH D 3 .  ? -12.96692 -1.53553  4.53090   1.000 12.52017 ?  123 HOH B O   1 
HETATM 1109 O O   . HOH D 3 .  ? 8.04915   10.89919  3.98603   1.000 16.83462 ?  124 HOH B O   1 
HETATM 1110 O O   . HOH D 3 .  ? -6.27100  -12.26859 -8.38283  1.000 17.21038 ?  125 HOH B O   1 
HETATM 1111 O O   . HOH D 3 .  ? 13.60718  -6.51876  7.55183   1.000 20.65332 ?  126 HOH B O   1 
HETATM 1112 O O   . HOH D 3 .  ? -1.85279  -4.11066  -11.82851 1.000 14.47902 ?  127 HOH B O   1 
HETATM 1113 O O   . HOH D 3 .  ? -2.09124  14.28757  -0.30979  1.000 11.39096 ?  128 HOH B O   1 
HETATM 1114 O O   . HOH D 3 .  ? 5.08547   -3.12746  -13.77107 1.000 8.34377  ?  129 HOH B O   1 
HETATM 1115 O O   . HOH D 3 .  ? -15.71190 -1.16931  -7.56530  1.000 16.15689 ?  130 HOH B O   1 
HETATM 1116 O O   . HOH D 3 .  ? -7.69134  2.79214   -14.18728 1.000 9.73919  ?  131 HOH B O   1 
HETATM 1117 O O   . HOH D 3 .  ? -12.63255 -4.62257  7.83577   1.000 17.41827 ?  132 HOH B O   1 
HETATM 1118 O O   . HOH D 3 .  ? -13.71559 6.59430   2.18122   1.000 7.36156  ?  133 HOH B O   1 
HETATM 1119 O O   . HOH D 3 .  ? -12.21399 7.31611   4.37172   1.000 7.56501  ?  134 HOH B O   1 
HETATM 1120 O O   . HOH D 3 .  ? -3.84929  -12.07537 -9.58846  1.000 16.93055 ?  135 HOH B O   1 
HETATM 1121 O O   . HOH D 3 .  ? 8.10555   -17.03034 -2.45313  1.000 21.91922 ?  136 HOH B O   1 
HETATM 1122 O O   . HOH D 3 .  ? -6.81366  -15.05963 -1.79447  1.000 11.04094 ?  137 HOH B O   1 
HETATM 1123 O O   . HOH D 3 .  ? -10.34528 -11.60448 7.61080   1.000 9.21980  ?  138 HOH B O   1 
HETATM 1124 O O   . HOH D 3 .  ? 12.69663  -1.77755  9.25725   1.000 11.55033 ?  139 HOH B O   1 
HETATM 1125 O O   . HOH D 3 .  ? -11.11493 3.17351   -12.61195 1.000 11.56504 ?  140 HOH B O   1 
HETATM 1126 O O   . HOH D 3 .  ? -5.73955  2.71823   -3.12091  1.000 5.78934  ?  141 HOH B O   1 
HETATM 1127 O O   . HOH D 3 .  ? -4.09929  -12.79615 3.68950   1.000 6.49275  ?  142 HOH B O   1 
HETATM 1128 O O   . HOH D 3 .  ? 15.54322  -11.24832 -4.09151  1.000 8.57441  ?  143 HOH B O   1 
HETATM 1129 O O   . HOH D 3 .  ? 1.63992   -5.06797  -13.73109 1.000 16.39712 ?  144 HOH B O   1 
HETATM 1130 O O   . HOH D 3 .  ? 10.46610  -8.07002  7.73100   1.000 11.66652 ?  145 HOH B O   1 
HETATM 1131 O O   . HOH D 3 .  ? -13.67805 -5.81920  -4.02669  1.000 16.47614 ?  146 HOH B O   1 
HETATM 1132 O O   . HOH D 3 .  ? -14.03250 -14.68171 2.16374   1.000 13.37549 ?  147 HOH B O   1 
HETATM 1133 O O   . HOH D 3 .  ? -15.73885 2.24645   -6.67201  1.000 11.45342 ?  148 HOH B O   1 
HETATM 1134 O O   . HOH D 3 .  ? 16.04815  1.07517   4.01622   1.000 19.01924 ?  149 HOH B O   1 
HETATM 1135 O O   . HOH D 3 .  ? 12.26751  -6.90770  1.24034   1.000 12.55129 ?  150 HOH B O   1 
HETATM 1136 O O   . HOH D 3 .  ? -9.60030  -14.80151 2.87105   1.000 10.43186 ?  151 HOH B O   1 
HETATM 1137 O O   . HOH D 3 .  ? 10.16515  -8.44841  3.68215   1.000 11.34071 ?  152 HOH B O   1 
HETATM 1138 O O   . HOH D 3 .  ? 4.97765   -11.27470 -7.80757  1.000 5.64546  ?  153 HOH B O   1 
HETATM 1139 O O   . HOH D 3 .  ? 12.46523  -5.06658  -0.69062  1.000 8.01544  ?  154 HOH B O   1 
HETATM 1140 O O   . HOH D 3 .  ? 13.72435  -0.32703  -5.98109  1.000 18.81387 ?  155 HOH B O   1 
HETATM 1141 O O   . HOH D 3 .  ? 8.64519   6.58294   -10.24347 1.000 16.02593 ?  156 HOH B O   1 
HETATM 1142 O O   . HOH D 3 .  ? 13.64410  -11.58674 -0.40736  1.000 15.97425 ?  157 HOH B O   1 
HETATM 1143 O O   . HOH D 3 .  ? -0.87638  -14.24479 -4.09966  1.000 10.19906 ?  158 HOH B O   1 
HETATM 1144 O O   . HOH D 3 .  ? 13.42655  -0.97322  -1.94782  1.000 11.76594 ?  159 HOH B O   1 
HETATM 1145 O O   . HOH D 3 .  ? -10.09870 1.47690   6.13907   1.000 9.39907  ?  160 HOH B O   1 
HETATM 1146 O O   . HOH D 3 .  ? -13.98158 4.01773   -0.42877  1.000 9.44742  ?  161 HOH B O   1 
HETATM 1147 O O   . HOH D 3 .  ? -12.45451 1.33481   2.24397   1.000 13.76860 ?  162 HOH B O   1 
HETATM 1148 O O   . HOH D 3 .  ? 2.70088   19.68707  -3.37281  1.000 8.03426  ?  163 HOH B O   1 
HETATM 1149 O O   . HOH D 3 .  ? -13.94560 -13.81004 -2.65225  1.000 12.68602 ?  164 HOH B O   1 
HETATM 1150 O O   . HOH D 3 .  ? 15.11221  -1.95816  1.92734   1.000 12.25358 ?  165 HOH B O   1 
HETATM 1151 O O   . HOH D 3 .  ? -1.67663  -15.15393 -1.71983  1.000 12.55167 ?  166 HOH B O   1 
HETATM 1152 O O   . HOH D 3 .  ? 9.33296   -18.10916 4.18630   1.000 16.59496 ?  167 HOH B O   1 
HETATM 1153 O O   . HOH D 3 .  ? -18.03962 -11.84876 -1.76773  1.000 19.60179 ?  168 HOH B O   1 
HETATM 1154 O O   . HOH D 3 .  ? 9.45394   -9.95621  5.91031   1.000 9.25420  ?  169 HOH B O   1 
HETATM 1155 O O   . HOH D 3 .  ? 6.83416   4.57407   7.22871   1.000 10.91098 ?  170 HOH B O   1 
HETATM 1156 O O   . HOH D 3 .  ? -13.14330 -3.33457  -4.79021  1.000 10.30895 ?  171 HOH B O   1 
HETATM 1157 O O   . HOH D 3 .  ? -13.40630 -3.63299  -9.75882  1.000 12.68091 ?  172 HOH B O   1 
HETATM 1158 O O   . HOH D 3 .  ? -8.58064  -3.76420  -13.06521 1.000 11.26549 ?  173 HOH B O   1 
HETATM 1159 O O   . HOH D 3 .  ? -11.29137 -8.98862  -7.78604  1.000 18.97275 ?  174 HOH B O   1 
HETATM 1160 O O   . HOH D 3 .  ? -10.20887 -6.34245  -9.50358  1.000 17.90226 ?  175 HOH B O   1 
HETATM 1161 O O   . HOH D 3 .  ? -16.27156 -14.50760 3.76823   1.000 18.55081 ?  176 HOH B O   1 
HETATM 1162 O O   . HOH D 3 .  ? 4.95822   -10.15843 13.74125  1.000 12.95813 ?  177 HOH B O   1 
HETATM 1163 O O   . HOH D 3 .  ? 7.31893   16.41882  -5.13041  1.000 15.73418 ?  178 HOH B O   1 
HETATM 1164 O O   . HOH D 3 .  ? 1.28277   2.66830   -9.49125  1.000 9.61604  ?  179 HOH B O   1 
HETATM 1165 O O   . HOH D 3 .  ? 1.47828   4.67765   -13.52435 1.000 19.70408 ?  180 HOH B O   1 
HETATM 1166 O O   . HOH D 3 .  ? 10.68925  -14.26651 3.63253   1.000 19.23218 ?  181 HOH B O   1 
HETATM 1167 O O   . HOH D 3 .  ? -5.80450  4.91184   -14.25920 1.000 20.26766 ?  182 HOH B O   1 
HETATM 1168 O O   . HOH D 3 .  ? 18.83905  -4.94275  10.74789  1.000 15.93936 ?  183 HOH B O   1 
HETATM 1169 O O   . HOH D 3 .  ? 11.38665  5.62459   0.54477   1.000 19.38278 ?  184 HOH B O   1 
HETATM 1170 O O   . HOH D 3 .  ? 6.59226   -18.52608 10.79041  1.000 18.72019 ?  185 HOH B O   1 
HETATM 1171 O O   . HOH D 3 .  ? 9.34997   6.76322   4.02415   1.000 17.73128 ?  186 HOH B O   1 
HETATM 1172 O O   . HOH D 3 .  ? 0.17091   12.65918  3.15387   1.000 16.36068 ?  187 HOH B O   1 
HETATM 1173 O O   . HOH D 3 .  ? 5.72730   -15.13397 -9.11761  1.000 16.16063 ?  188 HOH B O   1 
HETATM 1174 O O   . HOH D 3 .  ? -14.74291 -1.37103  2.36803   1.000 15.80877 ?  189 HOH B O   1 
HETATM 1175 O O   . HOH D 3 .  ? -9.28951  4.91437   -11.57654 1.000 13.89633 ?  190 HOH B O   1 
HETATM 1176 O O   . HOH D 3 .  ? -9.24813  -15.40381 -11.48467 1.000 26.20305 ?  191 HOH B O   1 
HETATM 1177 O O   . HOH D 3 .  ? 14.34335  -3.08288  -0.49832  1.000 10.28903 ?  192 HOH B O   1 
HETATM 1178 O O   . HOH D 3 .  ? 0.26169   18.58308  -0.59984  1.000 7.63815  ?  193 HOH B O   1 
HETATM 1179 O O   . HOH D 3 .  ? 0.55961   14.36742  5.04032   1.000 20.73999 ?  194 HOH B O   1 
HETATM 1180 O O   . HOH D 3 .  ? -13.45102 3.93119   2.28713   1.000 13.16288 ?  195 HOH B O   1 
HETATM 1181 O O   . HOH D 3 .  ? 15.25647  0.64871   1.33813   1.000 18.17859 ?  196 HOH B O   1 
HETATM 1182 O O   . HOH D 3 .  ? -15.51782 -13.08361 -4.58939  1.000 19.99089 ?  197 HOH B O   1 
HETATM 1183 O O   . HOH D 3 .  ? -15.26289 -14.23887 -0.34291  1.000 17.63589 ?  198 HOH B O   1 
HETATM 1184 O O   . HOH D 3 .  ? -13.36627 3.54398   5.41423   1.000 19.85664 ?  199 HOH B O   1 
HETATM 1185 O O   . HOH D 3 .  ? -8.90259  -8.11746  -8.10340  1.000 18.73427 ?  200 HOH B O   1 
HETATM 1186 O O   . HOH D 3 .  ? 9.68089   4.86847   11.32856  1.000 16.67843 ?  201 HOH B O   1 
HETATM 1187 O O   . HOH D 3 .  ? 15.19420  -0.92063  -3.92181  1.000 19.86362 ?  202 HOH B O   1 
HETATM 1188 O O   . HOH D 3 .  ? -9.97124  8.88424   6.89523   1.000 16.32420 ?  203 HOH B O   1 
HETATM 1189 O O   . HOH D 3 .  ? 13.29490  1.43130   -0.82130  1.000 17.65429 ?  204 HOH B O   1 
HETATM 1190 O O   . HOH D 3 .  ? 2.56528   -15.38853 -6.65922  1.000 12.50509 ?  205 HOH B O   1 
HETATM 1191 O O   . HOH D 3 .  ? 7.58000   -20.31207 4.58199   1.000 18.95312 ?  206 HOH B O   1 
HETATM 1192 O O   . HOH D 3 .  ? -8.51707  -19.37441 -1.69433  1.000 17.23503 ?  207 HOH B O   1 
HETATM 1193 O O   . HOH D 3 .  ? 3.25203   -1.59639  -20.17342 1.000 18.80818 ?  208 HOH B O   1 
HETATM 1194 O O   . HOH D 3 .  ? -13.54583 6.05064   6.29834   1.000 12.37657 ?  209 HOH B O   1 
HETATM 1195 O O   . HOH D 3 .  ? -0.83215  -16.67444 -5.33201  1.000 15.79597 ?  210 HOH B O   1 
HETATM 1196 O O   . HOH D 3 .  ? 9.71442   9.47258   -10.48391 1.000 27.21561 ?  211 HOH B O   1 
HETATM 1197 O O   . HOH D 3 .  ? -13.34227 -16.22820 -4.08350  1.000 20.98438 ?  212 HOH B O   1 
HETATM 1198 O O   . HOH D 3 .  ? 8.54092   -19.23546 8.18043   1.000 22.07270 ?  213 HOH B O   1 
HETATM 1199 O O   . HOH D 3 .  ? 4.03195   16.81363  4.58362   1.000 18.82520 ?  214 HOH B O   1 
# 
